data_8SOB
#
_entry.id   8SOB
#
_cell.length_a   1.00
_cell.length_b   1.00
_cell.length_c   1.00
_cell.angle_alpha   90.00
_cell.angle_beta   90.00
_cell.angle_gamma   90.00
#
_symmetry.space_group_name_H-M   'P 1'
#
loop_
_entity.id
_entity.type
_entity.pdbx_description
1 polymer 'phosphatidylinositol-4,5-bisphosphate 3-kinase'
2 polymer 'Phosphoinositide 3-kinase regulatory subunit 5'
3 non-polymer "ADENOSINE-5'-DIPHOSPHATE"
#
loop_
_entity_poly.entity_id
_entity_poly.type
_entity_poly.pdbx_seq_one_letter_code
_entity_poly.pdbx_strand_id
1 'polypeptide(L)'
;MHHHHHHELENYEQPVVLREDNRRRRRRMKPRSTAASLSSMELIPIEFVLPTSQRNTKTPETALLHVAGHGNVEQMKAQV
WLRALETSVSADFYHRLGPDHFLLLYQKKGQWYEIYDKYQVVQTLDCLRYWKVLHRSPGQIHVVQRHAPSEETLAFQRQL
NALIGYDVTDVSNVHDDELEFTRRRLVTPRMAEVAGRDPKLYAMHPWVTSKPLPEYLLKKITNNCVFIVIHRSTTSQTIK
VSADDTPGTILQSFFTKMAKKKSLMDIPESQNERDFVLRVCGRDEYLVGETPIKNFQWVRQCLKNGEEIHLVLDTPPDPA
LDEVRKEEWPLVDDCTGVTGYHEQLTIHGKDHESVFTVSLWDCDRKFRVKIRGIDIPVLPRTADLTVFVEANIQYGQQVL
CQRRTSPKPFTEEVLWNVWLEFSIKIKDLPKGALLNLQIYCGKAPALSGKTSAEMPSPESKGKAQLLYYVNLLLIDHRFL
LRHGEYVLHMWQLSGKGEDQGSFNADKLTSATNPDKENSMSISILLDNYCHPIALPKHRPTPDPEGDRVRAEMPNQLRKQ
LEAIIATDPLNPLTAEDKELLWHFRYESLKDPKAYPKLFSSVKWGQQEIVAKTYQLLAKREVWDQSALDVGLTMQLLDCN
FSDENVRAIAVQKLESLEDDDVLHYLLQLVQAVKFEPYHDSALARFLLKRGLRNKRIGHFLFWFLRSEIAQSRHYQQRFA
VILEAYLRGCGTAMLHDFTQQVQVIDMLQKVTIDIKSLSAEKYDVSSQVISQLKQKLENLQNLNLPQSFRVPYDPGLKAG
ALVIEKCKVMASKKKPLWLEFKCADPTALSNETIGIIFKHGDDLRQDMLILQILRIMESIWETESLDLCLLPYGCISTGD
KIGMIEIVKDATTIAKIQQSTVGNTGAFKDEVLSHWLKEKCPIEEKFQAAVERFVYSCAGYCVATFVLGIGDRHNDNIMI
SETGNLFHIDFGHILGNYKSFLGINKERVPFVLTPDFLFVMGTSGKKTSLHFQKFQDVCVKAYLALRHHTNLLIILFSMM
LMTGMPQLTSKEDIEYIRDALTVGKSEEDAKKYFLDQIEVCRDKGWTVQFNWFLHLVLGIKQGEKHSA
;
A
2 'polypeptide(L)'
;MQPGATTCTEDRIQHALERCLHGLSLSRRSTSWSAGLCLNCWSLQELVSRDPGHFLILLEQILQKTREVQEKGTYDLLAP
LALLFYSTVLCTPHFPPDSDLLLKAARTYHRFLTWPVPYCSICQELLTFIDAELKAPGISYQRLVRAEQGLSTRSHRSST
VTVLLLNPVEVQAEFLDVADKLSTPGPSPHSAYITLLLHAFQATFGAHCDLSGLHRRLQSKTLAELEAIFTETAEAQELA
SGIGDAAEARQWLRTKLQAVGEKAGFPGVLDTAKPGKLRTIPIPVARCYTYSWNQDSFDILQEILLKEQELLQPEILDDE
EDEDEEDEEEDLDADGHCAERDSVLSTGSAASHASTLSLASSQASGPTLSRQLLTSFVSGLSDGVDSGYMEDIEESAYER
PRRPGGHERRGHRRPGQKFNRIYKLFKSTSQMVLRRDSRSLEGSPDSGPPLRRAGSLCSPLDSPTLPPSRAQRSRSLPQP
KLSPQLPGWLLAPASRHQRRRPFLSGDEDPKASTLRVVVFGSDRISGKVARAYSNLRRLENNRPLLTRFFKLQFFYVPVK
RSRGTGTPTSPAPRSQTPPLPTDAPRHPGPAELGAAPWEESTNDISHYLGMLDPWYERNVLGLMHLPPEVLCQSLKAEPR
PLEGSPAQLPILADMLLYYCRFAARPVLLQVYQTELTFITGEKTTEIFIHSLELGHSAATRAIKASGPGSKRLGIDGDRE
AVPLTLQIIYSKGAISGRSRWSNMEKLCTSVNLSKACRQQEELDSSTEALTLNLTEVVKRQTPKSKKGFNQISTSQIKVD
KVQIIGSNSCPFAVCLDQDERKILQSVIRCEVSPCYKPEKSSLCPPPQRPSYPPAPATPDLCSLLCLPIMTFSGALPGGG
GSDYKDDDDK
;
B
#
loop_
_chem_comp.id
_chem_comp.type
_chem_comp.name
_chem_comp.formula
ADP non-polymer ADENOSINE-5'-DIPHOSPHATE 'C10 H15 N5 O10 P2'
#
# COMPACT_ATOMS: atom_id res chain seq x y z
N LEU A 43 5.94 25.61 -24.17
CA LEU A 43 4.78 25.37 -23.33
C LEU A 43 3.60 24.86 -24.16
N ILE A 44 2.47 24.66 -23.51
CA ILE A 44 1.32 24.00 -24.11
C ILE A 44 0.13 24.97 -24.09
N PRO A 45 -0.21 25.58 -25.23
CA PRO A 45 -1.38 26.46 -25.29
C PRO A 45 -2.67 25.66 -25.14
N ILE A 46 -3.42 25.95 -24.08
CA ILE A 46 -4.66 25.23 -23.77
C ILE A 46 -5.72 26.25 -23.39
N GLU A 47 -6.95 25.99 -23.83
CA GLU A 47 -8.09 26.86 -23.56
C GLU A 47 -9.05 26.18 -22.59
N PHE A 48 -9.47 26.91 -21.57
CA PHE A 48 -10.33 26.38 -20.52
C PHE A 48 -11.66 27.10 -20.55
N VAL A 49 -12.73 26.36 -20.89
CA VAL A 49 -14.07 26.93 -20.80
C VAL A 49 -14.31 27.37 -19.37
N LEU A 50 -15.30 28.24 -19.19
CA LEU A 50 -15.54 28.80 -17.89
C LEU A 50 -17.03 28.81 -17.59
N PRO A 51 -17.43 28.44 -16.36
CA PRO A 51 -18.85 28.45 -16.01
C PRO A 51 -19.55 29.74 -16.41
N THR A 52 -19.08 30.86 -15.89
CA THR A 52 -19.76 32.12 -16.10
C THR A 52 -19.90 32.41 -17.59
N SER A 53 -21.06 32.93 -17.97
CA SER A 53 -21.33 33.22 -19.36
C SER A 53 -21.07 34.70 -19.67
N LYS A 58 -22.26 36.94 -21.73
CA LYS A 58 -23.53 36.26 -21.97
C LYS A 58 -23.31 34.86 -22.54
N THR A 59 -22.04 34.45 -22.62
CA THR A 59 -21.69 33.14 -23.15
C THR A 59 -20.54 32.58 -22.32
N PRO A 60 -20.47 31.27 -22.12
CA PRO A 60 -19.40 30.71 -21.29
C PRO A 60 -18.05 31.24 -21.73
N GLU A 61 -17.27 31.69 -20.75
CA GLU A 61 -16.01 32.34 -21.07
C GLU A 61 -14.90 31.32 -21.27
N THR A 62 -13.83 31.77 -21.93
CA THR A 62 -12.70 30.92 -22.29
C THR A 62 -11.40 31.62 -21.94
N ALA A 63 -10.36 30.82 -21.67
CA ALA A 63 -9.06 31.38 -21.32
C ALA A 63 -7.98 30.47 -21.91
N LEU A 64 -7.24 30.99 -22.89
CA LEU A 64 -6.13 30.27 -23.47
C LEU A 64 -4.92 30.36 -22.53
N LEU A 65 -4.30 29.21 -22.27
CA LEU A 65 -3.17 29.18 -21.35
C LEU A 65 -2.05 28.31 -21.89
N HIS A 66 -0.83 28.68 -21.54
CA HIS A 66 0.37 27.93 -21.84
C HIS A 66 0.86 27.27 -20.56
N VAL A 67 1.14 25.98 -20.61
CA VAL A 67 1.50 25.22 -19.42
C VAL A 67 2.85 24.57 -19.64
N ALA A 68 3.55 24.31 -18.53
CA ALA A 68 4.82 23.63 -18.59
C ALA A 68 4.67 22.28 -19.27
N GLY A 69 5.55 21.98 -20.21
CA GLY A 69 5.45 20.73 -20.94
C GLY A 69 5.46 19.53 -20.02
N HIS A 70 6.30 19.56 -18.99
CA HIS A 70 6.33 18.53 -17.96
C HIS A 70 5.65 18.97 -16.68
N GLY A 71 4.88 20.06 -16.73
CA GLY A 71 4.13 20.47 -15.55
C GLY A 71 3.12 19.42 -15.14
N ASN A 72 2.79 19.41 -13.85
CA ASN A 72 1.79 18.49 -13.34
C ASN A 72 0.42 19.14 -13.37
N VAL A 73 -0.58 18.41 -12.89
CA VAL A 73 -1.94 18.91 -12.88
C VAL A 73 -2.10 20.01 -11.84
N GLU A 74 -1.42 19.88 -10.69
CA GLU A 74 -1.57 20.88 -9.64
C GLU A 74 -1.08 22.25 -10.10
N GLN A 75 0.07 22.30 -10.75
CA GLN A 75 0.58 23.57 -11.25
C GLN A 75 -0.37 24.16 -12.26
N MET A 76 -0.92 23.33 -13.15
CA MET A 76 -1.86 23.81 -14.14
C MET A 76 -3.11 24.36 -13.48
N LYS A 77 -3.59 23.70 -12.44
CA LYS A 77 -4.76 24.20 -11.72
C LYS A 77 -4.46 25.55 -11.10
N ALA A 78 -3.29 25.70 -10.52
CA ALA A 78 -2.91 27.00 -9.95
C ALA A 78 -2.88 28.07 -11.03
N GLN A 79 -2.28 27.75 -12.17
CA GLN A 79 -2.21 28.71 -13.27
C GLN A 79 -3.60 29.09 -13.75
N VAL A 80 -4.48 28.10 -13.89
CA VAL A 80 -5.82 28.38 -14.38
C VAL A 80 -6.55 29.28 -13.42
N TRP A 81 -6.46 28.99 -12.13
CA TRP A 81 -7.15 29.82 -11.15
C TRP A 81 -6.59 31.23 -11.16
N LEU A 82 -5.27 31.37 -11.22
CA LEU A 82 -4.66 32.69 -11.22
C LEU A 82 -5.08 33.50 -12.44
N ARG A 83 -5.06 32.88 -13.62
CA ARG A 83 -5.50 33.60 -14.82
C ARG A 83 -6.96 33.97 -14.74
N ALA A 84 -7.80 33.06 -14.25
CA ALA A 84 -9.22 33.34 -14.18
C ALA A 84 -9.49 34.51 -13.24
N LEU A 85 -8.75 34.59 -12.13
CA LEU A 85 -8.97 35.67 -11.18
C LEU A 85 -8.85 37.02 -11.86
N GLU A 86 -8.05 37.09 -12.92
CA GLU A 86 -7.84 38.33 -13.67
C GLU A 86 -8.81 38.46 -14.83
N THR A 87 -8.94 37.41 -15.63
CA THR A 87 -9.75 37.45 -16.83
C THR A 87 -11.25 37.43 -16.54
N SER A 88 -11.65 36.92 -15.38
CA SER A 88 -13.06 36.69 -15.12
C SER A 88 -13.87 37.98 -15.28
N VAL A 89 -15.01 37.87 -15.97
CA VAL A 89 -15.97 38.96 -15.99
C VAL A 89 -16.50 39.21 -14.59
N SER A 90 -16.86 38.14 -13.88
CA SER A 90 -17.26 38.20 -12.47
C SER A 90 -16.20 37.45 -11.67
N ALA A 91 -15.11 38.17 -11.36
CA ALA A 91 -14.01 37.55 -10.63
C ALA A 91 -14.41 37.16 -9.21
N ASP A 92 -15.40 37.86 -8.65
CA ASP A 92 -15.82 37.55 -7.29
C ASP A 92 -16.32 36.12 -7.20
N PHE A 93 -17.02 35.66 -8.22
CA PHE A 93 -17.51 34.28 -8.23
C PHE A 93 -16.39 33.30 -8.00
N TYR A 94 -15.26 33.49 -8.68
CA TYR A 94 -14.12 32.60 -8.53
C TYR A 94 -13.28 32.93 -7.31
N HIS A 95 -13.46 34.11 -6.74
CA HIS A 95 -12.78 34.44 -5.48
C HIS A 95 -13.46 33.75 -4.31
N ARG A 96 -14.79 33.65 -4.36
CA ARG A 96 -15.53 33.02 -3.26
C ARG A 96 -15.10 31.58 -3.08
N LEU A 97 -14.95 30.84 -4.17
CA LEU A 97 -14.61 29.44 -4.14
C LEU A 97 -13.12 29.25 -4.42
N GLY A 98 -12.60 28.11 -3.98
CA GLY A 98 -11.26 27.71 -4.31
C GLY A 98 -11.27 26.90 -5.59
N PRO A 99 -10.08 26.64 -6.14
CA PRO A 99 -10.02 25.82 -7.35
C PRO A 99 -10.60 24.43 -7.15
N ASP A 100 -10.46 23.87 -5.94
CA ASP A 100 -10.93 22.51 -5.70
C ASP A 100 -12.43 22.37 -5.86
N HIS A 101 -13.18 23.47 -5.83
CA HIS A 101 -14.62 23.40 -6.00
C HIS A 101 -15.02 23.16 -7.44
N PHE A 102 -14.07 22.87 -8.32
CA PHE A 102 -14.38 22.61 -9.71
C PHE A 102 -13.60 21.40 -10.19
N LEU A 103 -14.17 20.75 -11.19
CA LEU A 103 -13.59 19.58 -11.83
C LEU A 103 -13.41 19.88 -13.31
N LEU A 104 -12.45 19.21 -13.90
CA LEU A 104 -12.05 19.43 -15.28
C LEU A 104 -12.60 18.27 -16.11
N LEU A 105 -13.63 18.54 -16.89
CA LEU A 105 -14.22 17.53 -17.75
C LEU A 105 -13.89 17.88 -19.19
N TYR A 106 -13.39 16.90 -19.93
CA TYR A 106 -13.15 17.11 -21.35
C TYR A 106 -13.71 15.93 -22.12
N GLN A 107 -14.27 16.21 -23.28
CA GLN A 107 -14.95 15.21 -24.06
C GLN A 107 -13.98 14.47 -24.97
N LYS A 108 -14.17 13.17 -25.09
CA LYS A 108 -13.38 12.32 -25.99
C LYS A 108 -14.39 11.52 -26.80
N LYS A 109 -14.66 11.98 -28.01
CA LYS A 109 -15.63 11.37 -28.92
C LYS A 109 -17.06 11.54 -28.41
N GLY A 110 -17.26 12.20 -27.27
CA GLY A 110 -18.59 12.42 -26.75
C GLY A 110 -18.71 12.03 -25.29
N GLN A 111 -17.66 11.45 -24.73
CA GLN A 111 -17.69 10.89 -23.39
C GLN A 111 -16.80 11.74 -22.49
N TRP A 112 -17.39 12.28 -21.44
CA TRP A 112 -16.63 13.15 -20.55
C TRP A 112 -15.63 12.34 -19.74
N TYR A 113 -14.40 12.79 -19.72
CA TYR A 113 -13.38 12.23 -18.86
C TYR A 113 -12.93 13.32 -17.91
N GLU A 114 -12.58 12.93 -16.69
CA GLU A 114 -12.14 13.86 -15.68
C GLU A 114 -10.66 13.67 -15.41
N ILE A 115 -9.95 14.78 -15.27
CA ILE A 115 -8.53 14.76 -15.01
C ILE A 115 -8.33 14.54 -13.52
N TYR A 116 -8.28 13.27 -13.10
CA TYR A 116 -8.34 12.98 -11.69
C TYR A 116 -7.02 13.26 -11.00
N ASP A 117 -5.97 12.54 -11.37
CA ASP A 117 -4.72 12.54 -10.61
C ASP A 117 -4.04 13.90 -10.65
N LYS A 118 -4.05 14.60 -9.50
CA LYS A 118 -3.51 15.96 -9.43
C LYS A 118 -1.99 15.99 -9.43
N TYR A 119 -1.31 14.86 -9.23
CA TYR A 119 0.14 14.82 -9.23
C TYR A 119 0.71 14.19 -10.49
N GLN A 120 -0.14 13.69 -11.38
CA GLN A 120 0.34 13.16 -12.65
C GLN A 120 0.86 14.30 -13.51
N VAL A 121 1.81 13.99 -14.38
CA VAL A 121 2.41 15.01 -15.22
C VAL A 121 1.52 15.26 -16.43
N VAL A 122 1.45 16.52 -16.85
CA VAL A 122 0.58 16.90 -17.95
C VAL A 122 0.89 16.08 -19.19
N GLN A 123 2.14 15.68 -19.37
CA GLN A 123 2.54 15.00 -20.60
C GLN A 123 1.79 13.68 -20.80
N THR A 124 1.65 12.89 -19.73
CA THR A 124 1.07 11.55 -19.90
C THR A 124 -0.42 11.57 -20.24
N LEU A 125 -1.07 12.71 -20.14
CA LEU A 125 -2.51 12.76 -20.42
C LEU A 125 -2.78 12.30 -21.85
N ASP A 126 -3.80 11.46 -21.99
CA ASP A 126 -4.20 10.99 -23.30
C ASP A 126 -4.97 12.05 -24.10
N CYS A 127 -5.46 13.10 -23.43
CA CYS A 127 -6.17 14.15 -24.15
C CYS A 127 -5.28 14.82 -25.17
N LEU A 128 -4.03 15.10 -24.78
CA LEU A 128 -3.11 15.75 -25.70
C LEU A 128 -2.85 14.88 -26.91
N ARG A 129 -2.62 13.60 -26.66
CA ARG A 129 -2.35 12.67 -27.75
C ARG A 129 -3.55 12.56 -28.67
N TYR A 130 -4.74 12.43 -28.10
CA TYR A 130 -5.93 12.29 -28.91
C TYR A 130 -6.18 13.54 -29.74
N TRP A 131 -5.96 14.72 -29.15
CA TRP A 131 -6.12 15.96 -29.90
C TRP A 131 -5.12 16.02 -31.05
N LYS A 132 -3.87 15.65 -30.79
CA LYS A 132 -2.89 15.65 -31.87
C LYS A 132 -3.35 14.74 -32.99
N VAL A 133 -3.89 13.58 -32.64
CA VAL A 133 -4.46 12.71 -33.67
C VAL A 133 -5.60 13.43 -34.38
N LEU A 134 -6.37 14.22 -33.65
CA LEU A 134 -7.50 14.93 -34.20
C LEU A 134 -7.14 16.33 -34.69
N HIS A 135 -5.92 16.80 -34.44
CA HIS A 135 -5.50 18.12 -34.88
C HIS A 135 -6.44 19.18 -34.34
N ARG A 136 -6.70 19.10 -33.05
CA ARG A 136 -7.50 20.08 -32.32
C ARG A 136 -6.59 20.84 -31.37
N SER A 137 -6.64 22.16 -31.45
CA SER A 137 -5.77 22.97 -30.61
C SER A 137 -6.14 24.45 -30.74
N PRO A 138 -5.91 25.25 -29.70
CA PRO A 138 -5.37 24.90 -28.38
C PRO A 138 -6.39 24.12 -27.57
N GLY A 139 -5.95 23.49 -26.49
CA GLY A 139 -6.79 22.58 -25.73
C GLY A 139 -8.10 23.14 -25.24
N GLN A 140 -9.09 22.27 -25.06
CA GLN A 140 -10.42 22.65 -24.59
C GLN A 140 -10.78 21.75 -23.42
N ILE A 141 -10.94 22.37 -22.25
CA ILE A 141 -11.18 21.66 -21.00
C ILE A 141 -12.28 22.35 -20.23
N HIS A 142 -13.47 21.79 -20.24
CA HIS A 142 -14.59 22.42 -19.57
C HIS A 142 -14.39 22.34 -18.06
N VAL A 143 -14.81 23.38 -17.37
CA VAL A 143 -14.69 23.46 -15.92
C VAL A 143 -16.10 23.48 -15.34
N VAL A 144 -16.37 22.56 -14.43
CA VAL A 144 -17.70 22.46 -13.84
C VAL A 144 -17.56 22.43 -12.33
N GLN A 145 -18.33 23.27 -11.66
CA GLN A 145 -18.30 23.29 -10.21
C GLN A 145 -18.78 21.95 -9.66
N ARG A 146 -18.25 21.58 -8.50
CA ARG A 146 -18.72 20.37 -7.84
C ARG A 146 -20.22 20.44 -7.62
N HIS A 147 -20.81 19.28 -7.35
CA HIS A 147 -22.23 19.20 -7.03
C HIS A 147 -22.44 18.13 -5.98
N ALA A 148 -23.28 18.45 -5.00
CA ALA A 148 -23.58 17.48 -3.97
C ALA A 148 -24.37 16.31 -4.55
N PRO A 149 -24.10 15.08 -4.11
CA PRO A 149 -24.84 13.95 -4.66
C PRO A 149 -26.34 14.09 -4.39
N SER A 150 -27.13 13.64 -5.36
CA SER A 150 -28.57 13.69 -5.19
C SER A 150 -29.00 12.77 -4.05
N GLU A 151 -30.07 13.18 -3.38
CA GLU A 151 -30.62 12.32 -2.33
C GLU A 151 -30.89 10.93 -2.86
N GLU A 152 -31.33 10.82 -4.12
CA GLU A 152 -31.53 9.51 -4.72
C GLU A 152 -30.24 8.73 -4.75
N THR A 153 -29.14 9.41 -5.10
CA THR A 153 -27.84 8.75 -5.10
C THR A 153 -27.47 8.28 -3.72
N LEU A 154 -27.73 9.10 -2.70
CA LEU A 154 -27.40 8.71 -1.34
C LEU A 154 -28.22 7.49 -0.91
N ALA A 155 -29.50 7.48 -1.26
CA ALA A 155 -30.33 6.32 -0.92
C ALA A 155 -29.81 5.06 -1.59
N PHE A 156 -29.46 5.16 -2.87
CA PHE A 156 -28.93 3.99 -3.56
C PHE A 156 -27.63 3.54 -2.93
N GLN A 157 -26.78 4.48 -2.55
CA GLN A 157 -25.51 4.13 -1.93
C GLN A 157 -25.73 3.42 -0.61
N ARG A 158 -26.68 3.90 0.19
CA ARG A 158 -26.97 3.21 1.44
C ARG A 158 -27.53 1.83 1.18
N GLN A 159 -28.34 1.69 0.13
CA GLN A 159 -28.86 0.37 -0.22
C GLN A 159 -27.72 -0.60 -0.54
N LEU A 160 -26.76 -0.16 -1.35
CA LEU A 160 -25.63 -1.00 -1.68
C LEU A 160 -24.82 -1.33 -0.44
N ASN A 161 -24.64 -0.35 0.44
CA ASN A 161 -23.91 -0.62 1.68
C ASN A 161 -24.60 -1.69 2.49
N ALA A 162 -25.92 -1.60 2.60
CA ALA A 162 -26.65 -2.61 3.34
C ALA A 162 -26.45 -3.98 2.72
N LEU A 163 -26.53 -4.08 1.39
CA LEU A 163 -26.33 -5.38 0.76
C LEU A 163 -24.94 -5.92 1.04
N ILE A 164 -23.93 -5.07 0.95
CA ILE A 164 -22.56 -5.54 1.15
C ILE A 164 -22.31 -5.96 2.58
N GLY A 165 -23.03 -5.38 3.52
CA GLY A 165 -22.78 -5.68 4.91
C GLY A 165 -21.61 -4.94 5.52
N TYR A 166 -21.08 -3.94 4.84
CA TYR A 166 -20.00 -3.12 5.38
C TYR A 166 -19.82 -1.87 4.55
N ASP A 167 -19.84 -0.71 5.19
CA ASP A 167 -19.74 0.54 4.47
C ASP A 167 -18.48 0.58 3.61
N VAL A 168 -18.62 1.06 2.38
CA VAL A 168 -17.50 1.16 1.45
C VAL A 168 -16.99 2.59 1.42
N THR A 169 -17.88 3.54 1.63
CA THR A 169 -17.52 4.96 1.55
C THR A 169 -16.68 5.42 2.72
N ASP A 170 -16.49 4.59 3.74
CA ASP A 170 -15.63 4.98 4.85
C ASP A 170 -14.20 5.19 4.38
N VAL A 171 -13.53 6.15 5.00
CA VAL A 171 -12.13 6.46 4.70
C VAL A 171 -11.34 6.48 6.00
N SER A 172 -11.78 5.69 6.97
CA SER A 172 -11.22 5.78 8.33
C SER A 172 -9.91 5.03 8.45
N ASN A 173 -9.94 3.72 8.24
CA ASN A 173 -8.76 2.88 8.45
C ASN A 173 -7.93 2.80 7.18
N VAL A 174 -7.41 3.96 6.76
CA VAL A 174 -6.62 4.09 5.55
C VAL A 174 -5.67 5.25 5.71
N HIS A 175 -4.48 5.12 5.13
CA HIS A 175 -3.51 6.20 5.06
C HIS A 175 -2.99 6.33 3.63
N ASP A 176 -3.92 6.38 2.69
CA ASP A 176 -3.61 6.43 1.26
C ASP A 176 -4.89 6.80 0.53
N ASP A 177 -4.87 6.66 -0.79
CA ASP A 177 -6.04 6.89 -1.62
C ASP A 177 -6.35 5.69 -2.52
N GLU A 178 -5.69 4.56 -2.30
CA GLU A 178 -5.72 3.49 -3.29
C GLU A 178 -7.14 3.01 -3.53
N LEU A 179 -7.95 2.89 -2.47
CA LEU A 179 -9.27 2.32 -2.62
C LEU A 179 -10.18 3.19 -3.46
N GLU A 180 -10.28 4.49 -3.15
CA GLU A 180 -11.13 5.36 -3.94
C GLU A 180 -10.65 5.41 -5.39
N PHE A 181 -9.34 5.46 -5.57
CA PHE A 181 -8.79 5.48 -6.90
C PHE A 181 -9.21 4.24 -7.67
N THR A 182 -9.11 3.07 -7.04
CA THR A 182 -9.51 1.84 -7.70
C THR A 182 -11.00 1.85 -8.02
N ARG A 183 -11.80 2.37 -7.10
CA ARG A 183 -13.23 2.44 -7.35
C ARG A 183 -13.52 3.25 -8.61
N ARG A 184 -12.87 4.39 -8.75
CA ARG A 184 -13.09 5.18 -9.96
C ARG A 184 -12.54 4.47 -11.18
N ARG A 185 -11.42 3.76 -11.03
CA ARG A 185 -10.82 3.09 -12.18
C ARG A 185 -11.75 2.03 -12.75
N LEU A 186 -12.35 1.22 -11.88
CA LEU A 186 -13.12 0.08 -12.37
C LEU A 186 -14.36 0.46 -13.15
N VAL A 187 -14.67 1.74 -13.31
CA VAL A 187 -15.90 2.11 -13.99
C VAL A 187 -15.89 1.62 -15.43
N THR A 188 -14.80 1.86 -16.14
CA THR A 188 -14.82 1.61 -17.58
C THR A 188 -15.10 0.16 -17.92
N PRO A 189 -14.45 -0.82 -17.31
CA PRO A 189 -14.78 -2.22 -17.65
C PRO A 189 -16.25 -2.54 -17.47
N ARG A 190 -16.88 -2.02 -16.43
CA ARG A 190 -18.30 -2.31 -16.24
C ARG A 190 -19.11 -1.87 -17.44
N MET A 191 -18.95 -0.61 -17.86
CA MET A 191 -19.72 -0.13 -19.00
C MET A 191 -19.38 -0.89 -20.26
N ALA A 192 -18.10 -1.15 -20.49
CA ALA A 192 -17.72 -1.85 -21.71
C ALA A 192 -18.39 -3.21 -21.78
N GLU A 193 -18.32 -3.98 -20.68
CA GLU A 193 -18.94 -5.29 -20.68
C GLU A 193 -20.44 -5.20 -20.82
N VAL A 194 -21.06 -4.24 -20.13
CA VAL A 194 -22.52 -4.11 -20.20
C VAL A 194 -22.96 -3.82 -21.63
N ALA A 195 -22.19 -2.99 -22.34
CA ALA A 195 -22.57 -2.69 -23.71
C ALA A 195 -22.67 -3.97 -24.53
N GLY A 196 -21.71 -4.86 -24.38
CA GLY A 196 -21.71 -6.10 -25.12
C GLY A 196 -22.33 -7.27 -24.38
N ARG A 197 -23.63 -7.19 -24.09
CA ARG A 197 -24.34 -8.32 -23.51
C ARG A 197 -25.74 -8.38 -24.12
N ASP A 198 -26.14 -9.58 -24.53
CA ASP A 198 -27.47 -9.74 -25.11
C ASP A 198 -28.50 -9.81 -23.99
N PRO A 199 -29.43 -8.87 -23.90
CA PRO A 199 -30.42 -8.94 -22.81
C PRO A 199 -31.21 -10.24 -22.80
N LYS A 200 -31.55 -10.78 -23.96
CA LYS A 200 -32.39 -11.98 -24.00
C LYS A 200 -31.70 -13.14 -23.30
N LEU A 201 -30.57 -13.58 -23.85
CA LEU A 201 -29.85 -14.71 -23.25
C LEU A 201 -29.40 -14.36 -21.85
N TYR A 202 -29.01 -13.11 -21.62
CA TYR A 202 -28.58 -12.73 -20.28
C TYR A 202 -29.69 -12.98 -19.28
N ALA A 203 -30.93 -12.63 -19.65
CA ALA A 203 -32.05 -12.87 -18.76
C ALA A 203 -32.35 -14.37 -18.64
N MET A 204 -32.42 -15.07 -19.76
CA MET A 204 -32.73 -16.48 -19.71
C MET A 204 -31.58 -17.28 -19.12
N HIS A 205 -30.35 -16.83 -19.32
CA HIS A 205 -29.15 -17.42 -18.74
C HIS A 205 -29.17 -18.95 -18.88
N PRO A 206 -29.34 -19.47 -20.09
CA PRO A 206 -29.34 -20.92 -20.27
C PRO A 206 -28.01 -21.51 -19.83
N TRP A 207 -28.06 -22.74 -19.34
CA TRP A 207 -26.87 -23.46 -18.90
C TRP A 207 -26.52 -24.51 -19.94
N VAL A 208 -25.26 -24.54 -20.36
CA VAL A 208 -24.80 -25.46 -21.38
C VAL A 208 -23.37 -25.89 -21.05
N THR A 209 -22.83 -26.73 -21.92
CA THR A 209 -21.42 -27.11 -21.90
C THR A 209 -21.09 -27.68 -23.26
N SER A 210 -19.83 -28.10 -23.43
CA SER A 210 -19.40 -28.55 -24.75
C SER A 210 -18.49 -29.78 -24.69
N LYS A 211 -18.42 -30.45 -23.57
CA LYS A 211 -17.58 -31.62 -23.53
C LYS A 211 -18.31 -32.83 -24.13
N PRO A 212 -17.57 -33.82 -24.62
CA PRO A 212 -18.22 -35.01 -25.16
C PRO A 212 -19.00 -35.76 -24.09
N LEU A 213 -20.05 -36.45 -24.52
CA LEU A 213 -20.82 -37.23 -23.58
C LEU A 213 -19.97 -38.33 -22.96
N PRO A 214 -20.00 -38.53 -21.66
CA PRO A 214 -19.33 -39.69 -21.08
C PRO A 214 -19.90 -40.97 -21.65
N GLU A 215 -19.01 -41.95 -21.80
CA GLU A 215 -19.37 -43.17 -22.52
C GLU A 215 -20.55 -43.88 -21.86
N TYR A 216 -20.48 -44.04 -20.55
CA TYR A 216 -21.55 -44.74 -19.85
C TYR A 216 -22.90 -44.09 -20.10
N LEU A 217 -22.93 -42.77 -20.31
CA LEU A 217 -24.19 -42.11 -20.57
C LEU A 217 -24.67 -42.34 -22.00
N LEU A 218 -23.76 -42.54 -22.94
CA LEU A 218 -24.20 -42.85 -24.29
C LEU A 218 -25.02 -44.13 -24.32
N LYS A 219 -24.91 -44.96 -23.28
CA LYS A 219 -25.77 -46.12 -23.17
C LYS A 219 -27.24 -45.70 -23.06
N LYS A 220 -27.52 -44.68 -22.25
CA LYS A 220 -28.89 -44.25 -22.05
C LYS A 220 -29.52 -43.80 -23.35
N ILE A 221 -28.81 -42.97 -24.11
CA ILE A 221 -29.29 -42.56 -25.42
C ILE A 221 -29.09 -43.70 -26.40
N THR A 222 -30.14 -44.04 -27.12
CA THR A 222 -30.09 -45.06 -28.16
C THR A 222 -30.78 -44.53 -29.39
N ASN A 223 -30.21 -44.84 -30.56
CA ASN A 223 -30.74 -44.38 -31.84
C ASN A 223 -30.70 -42.86 -31.95
N ASN A 224 -29.87 -42.21 -31.15
CA ASN A 224 -29.72 -40.75 -31.21
C ASN A 224 -31.07 -40.07 -31.04
N CYS A 225 -31.87 -40.55 -30.09
CA CYS A 225 -33.17 -39.96 -29.82
C CYS A 225 -33.56 -40.23 -28.38
N VAL A 226 -34.38 -39.34 -27.84
CA VAL A 226 -34.90 -39.45 -26.48
C VAL A 226 -36.25 -38.77 -26.43
N PHE A 227 -37.08 -39.16 -25.47
CA PHE A 227 -38.43 -38.63 -25.32
C PHE A 227 -38.44 -37.44 -24.37
N ILE A 228 -39.19 -36.40 -24.76
CA ILE A 228 -39.38 -35.20 -23.96
C ILE A 228 -40.86 -35.04 -23.67
N VAL A 229 -41.19 -34.82 -22.42
CA VAL A 229 -42.55 -34.59 -22.00
C VAL A 229 -42.78 -33.09 -21.97
N ILE A 230 -43.90 -32.66 -22.54
CA ILE A 230 -44.31 -31.27 -22.54
C ILE A 230 -45.59 -31.19 -21.73
N HIS A 231 -45.54 -30.42 -20.66
CA HIS A 231 -46.70 -30.09 -19.85
C HIS A 231 -47.14 -28.70 -20.26
N ARG A 232 -48.39 -28.57 -20.68
CA ARG A 232 -48.92 -27.28 -21.10
C ARG A 232 -50.35 -27.15 -20.61
N SER A 233 -50.58 -26.15 -19.76
CA SER A 233 -51.90 -25.95 -19.17
C SER A 233 -52.32 -27.18 -18.40
N THR A 234 -53.02 -28.10 -19.08
CA THR A 234 -53.50 -29.31 -18.42
C THR A 234 -53.28 -30.54 -19.29
N THR A 235 -52.22 -30.52 -20.10
CA THR A 235 -51.96 -31.60 -21.03
C THR A 235 -50.51 -32.02 -20.92
N SER A 236 -50.26 -33.31 -21.13
CA SER A 236 -48.92 -33.87 -21.13
C SER A 236 -48.73 -34.66 -22.41
N GLN A 237 -47.90 -34.16 -23.31
CA GLN A 237 -47.66 -34.79 -24.60
C GLN A 237 -46.19 -35.15 -24.71
N THR A 238 -45.91 -36.37 -25.13
CA THR A 238 -44.53 -36.84 -25.25
C THR A 238 -44.10 -36.83 -26.71
N ILE A 239 -42.92 -36.29 -26.98
CA ILE A 239 -42.40 -36.24 -28.34
C ILE A 239 -40.99 -36.80 -28.34
N LYS A 240 -40.70 -37.65 -29.32
CA LYS A 240 -39.37 -38.20 -29.51
C LYS A 240 -38.54 -37.25 -30.37
N VAL A 241 -37.37 -36.88 -29.87
CA VAL A 241 -36.50 -35.92 -30.55
C VAL A 241 -35.07 -36.43 -30.50
N SER A 242 -34.34 -36.20 -31.58
CA SER A 242 -32.95 -36.62 -31.61
C SER A 242 -32.11 -35.78 -30.67
N ALA A 243 -30.97 -36.34 -30.26
CA ALA A 243 -30.08 -35.65 -29.35
C ALA A 243 -29.51 -34.37 -29.96
N ASP A 244 -29.60 -34.21 -31.27
CA ASP A 244 -29.03 -33.08 -31.96
C ASP A 244 -30.10 -32.20 -32.59
N ASP A 245 -31.16 -31.94 -31.85
CA ASP A 245 -32.21 -31.01 -32.26
C ASP A 245 -32.23 -29.85 -31.27
N THR A 246 -32.00 -28.65 -31.77
CA THR A 246 -31.98 -27.49 -30.89
C THR A 246 -33.39 -27.19 -30.39
N PRO A 247 -33.50 -26.43 -29.30
CA PRO A 247 -34.84 -26.09 -28.82
C PRO A 247 -35.72 -25.44 -29.87
N GLY A 248 -35.14 -24.58 -30.72
CA GLY A 248 -35.94 -23.94 -31.75
C GLY A 248 -36.50 -24.95 -32.74
N THR A 249 -35.65 -25.87 -33.20
CA THR A 249 -36.11 -26.88 -34.15
C THR A 249 -37.18 -27.75 -33.53
N ILE A 250 -36.99 -28.15 -32.28
CA ILE A 250 -37.96 -29.01 -31.61
C ILE A 250 -39.28 -28.29 -31.46
N LEU A 251 -39.23 -27.02 -31.06
CA LEU A 251 -40.45 -26.25 -30.90
C LEU A 251 -41.18 -26.10 -32.23
N GLN A 252 -40.45 -25.82 -33.30
CA GLN A 252 -41.08 -25.67 -34.60
C GLN A 252 -41.72 -26.97 -35.06
N SER A 253 -41.01 -28.08 -34.86
CA SER A 253 -41.57 -29.37 -35.23
C SER A 253 -42.83 -29.66 -34.43
N PHE A 254 -42.80 -29.36 -33.14
CA PHE A 254 -43.98 -29.58 -32.31
C PHE A 254 -45.15 -28.71 -32.77
N PHE A 255 -44.87 -27.45 -33.09
CA PHE A 255 -45.93 -26.57 -33.57
C PHE A 255 -46.54 -27.11 -34.85
N THR A 256 -45.69 -27.57 -35.78
CA THR A 256 -46.20 -28.14 -37.01
C THR A 256 -47.06 -29.37 -36.74
N LYS A 257 -46.60 -30.23 -35.83
CA LYS A 257 -47.37 -31.44 -35.52
C LYS A 257 -48.74 -31.06 -34.95
N MET A 258 -48.74 -30.15 -33.98
CA MET A 258 -49.96 -29.78 -33.28
C MET A 258 -50.59 -28.52 -33.85
N ALA A 259 -50.15 -28.07 -35.02
CA ALA A 259 -50.71 -26.87 -35.62
C ALA A 259 -52.23 -26.99 -35.77
N LYS A 260 -52.73 -28.20 -35.98
CA LYS A 260 -54.16 -28.41 -36.12
C LYS A 260 -54.88 -28.47 -34.78
N LYS A 261 -54.15 -28.64 -33.68
CA LYS A 261 -54.73 -28.91 -32.37
C LYS A 261 -54.30 -27.87 -31.34
N LYS A 262 -54.06 -26.63 -31.78
CA LYS A 262 -53.66 -25.58 -30.86
C LYS A 262 -54.70 -25.35 -29.77
N SER A 263 -55.98 -25.62 -30.08
CA SER A 263 -57.04 -25.31 -29.12
C SER A 263 -56.79 -26.01 -27.80
N LEU A 264 -56.70 -27.35 -27.84
CA LEU A 264 -56.46 -28.10 -26.60
C LEU A 264 -55.16 -27.65 -25.96
N MET A 265 -54.12 -27.48 -26.76
CA MET A 265 -52.83 -27.04 -26.23
C MET A 265 -52.97 -25.71 -25.48
N ASP A 266 -54.02 -24.94 -25.78
CA ASP A 266 -54.25 -23.67 -25.11
C ASP A 266 -53.13 -22.68 -25.43
N ILE A 267 -52.95 -22.44 -26.72
CA ILE A 267 -51.98 -21.47 -27.21
C ILE A 267 -52.73 -20.50 -28.12
N PRO A 268 -52.84 -19.22 -27.78
CA PRO A 268 -53.63 -18.31 -28.62
C PRO A 268 -53.14 -18.29 -30.06
N GLU A 269 -54.09 -18.24 -30.99
CA GLU A 269 -53.74 -18.27 -32.40
C GLU A 269 -52.87 -17.09 -32.79
N SER A 270 -53.16 -15.91 -32.22
CA SER A 270 -52.33 -14.75 -32.49
C SER A 270 -50.88 -15.01 -32.08
N GLN A 271 -50.64 -15.24 -30.79
CA GLN A 271 -49.31 -15.59 -30.32
C GLN A 271 -48.81 -16.83 -31.02
N ASN A 272 -47.78 -16.68 -31.84
CA ASN A 272 -47.20 -17.79 -32.58
C ASN A 272 -46.08 -18.40 -31.74
N GLU A 273 -45.35 -19.34 -32.34
CA GLU A 273 -44.28 -20.04 -31.63
C GLU A 273 -43.24 -19.08 -31.09
N ARG A 274 -43.00 -17.96 -31.78
CA ARG A 274 -41.99 -17.01 -31.32
C ARG A 274 -42.13 -16.67 -29.85
N ASP A 275 -43.34 -16.74 -29.32
CA ASP A 275 -43.63 -16.24 -27.99
C ASP A 275 -43.54 -17.30 -26.91
N PHE A 276 -43.10 -18.51 -27.25
CA PHE A 276 -43.03 -19.59 -26.29
C PHE A 276 -41.68 -20.28 -26.38
N VAL A 277 -41.06 -20.50 -25.23
CA VAL A 277 -39.80 -21.21 -25.13
C VAL A 277 -39.90 -22.20 -23.98
N LEU A 278 -39.10 -23.23 -24.05
CA LEU A 278 -39.14 -24.26 -23.03
C LEU A 278 -38.58 -23.72 -21.73
N ARG A 279 -39.09 -24.26 -20.63
CA ARG A 279 -38.55 -23.99 -19.32
C ARG A 279 -38.69 -25.26 -18.50
N VAL A 280 -37.68 -25.57 -17.70
CA VAL A 280 -37.73 -26.76 -16.89
C VAL A 280 -38.82 -26.61 -15.84
N CYS A 281 -39.73 -27.57 -15.79
CA CYS A 281 -40.84 -27.49 -14.85
C CYS A 281 -40.31 -27.54 -13.43
N GLY A 282 -40.83 -26.67 -12.58
CA GLY A 282 -40.46 -26.65 -11.18
C GLY A 282 -39.20 -25.90 -10.84
N ARG A 283 -38.50 -25.35 -11.83
CA ARG A 283 -37.29 -24.61 -11.57
C ARG A 283 -37.19 -23.48 -12.57
N ASP A 284 -36.38 -22.49 -12.23
CA ASP A 284 -36.17 -21.33 -13.08
C ASP A 284 -34.96 -21.48 -13.98
N GLU A 285 -34.87 -22.58 -14.73
CA GLU A 285 -33.77 -22.80 -15.65
C GLU A 285 -34.32 -23.09 -17.03
N TYR A 286 -33.80 -22.39 -18.03
CA TYR A 286 -34.35 -22.43 -19.38
C TYR A 286 -33.53 -23.32 -20.29
N LEU A 287 -34.10 -23.59 -21.47
CA LEU A 287 -33.44 -24.36 -22.53
C LEU A 287 -33.61 -23.57 -23.81
N VAL A 288 -32.69 -22.65 -24.07
CA VAL A 288 -32.74 -21.77 -25.22
C VAL A 288 -31.36 -21.71 -25.84
N GLY A 289 -31.24 -20.92 -26.89
CA GLY A 289 -29.98 -20.79 -27.60
C GLY A 289 -29.93 -21.75 -28.78
N GLU A 290 -28.70 -22.01 -29.22
CA GLU A 290 -28.42 -22.90 -30.34
C GLU A 290 -27.35 -23.90 -29.90
N THR A 291 -27.80 -25.02 -29.32
CA THR A 291 -26.87 -26.03 -28.85
C THR A 291 -27.57 -27.37 -28.89
N PRO A 292 -26.87 -28.45 -29.23
CA PRO A 292 -27.51 -29.76 -29.24
C PRO A 292 -28.11 -30.08 -27.87
N ILE A 293 -29.28 -30.70 -27.90
CA ILE A 293 -30.06 -30.88 -26.69
C ILE A 293 -29.27 -31.62 -25.62
N LYS A 294 -28.26 -32.36 -26.00
CA LYS A 294 -27.44 -33.08 -25.05
C LYS A 294 -26.37 -32.21 -24.39
N ASN A 295 -26.24 -30.95 -24.83
CA ASN A 295 -25.22 -30.06 -24.31
C ASN A 295 -25.70 -29.20 -23.16
N PHE A 296 -26.92 -29.39 -22.68
CA PHE A 296 -27.43 -28.63 -21.55
C PHE A 296 -27.23 -29.44 -20.29
N GLN A 297 -26.60 -28.84 -19.29
CA GLN A 297 -26.24 -29.61 -18.10
C GLN A 297 -27.45 -30.27 -17.48
N TRP A 298 -28.60 -29.60 -17.52
CA TRP A 298 -29.81 -30.15 -16.91
C TRP A 298 -30.23 -31.46 -17.56
N VAL A 299 -30.18 -31.53 -18.89
CA VAL A 299 -30.58 -32.76 -19.56
C VAL A 299 -29.66 -33.91 -19.17
N ARG A 300 -28.36 -33.65 -19.14
CA ARG A 300 -27.43 -34.69 -18.74
C ARG A 300 -27.70 -35.14 -17.32
N GLN A 301 -28.02 -34.19 -16.45
CA GLN A 301 -28.35 -34.56 -15.07
C GLN A 301 -29.56 -35.49 -15.05
N CYS A 302 -30.61 -35.12 -15.78
CA CYS A 302 -31.82 -35.94 -15.79
C CYS A 302 -31.50 -37.34 -16.31
N LEU A 303 -30.73 -37.44 -17.38
CA LEU A 303 -30.38 -38.76 -17.89
C LEU A 303 -29.61 -39.55 -16.86
N LYS A 304 -28.69 -38.91 -16.15
CA LYS A 304 -27.92 -39.62 -15.14
C LYS A 304 -28.84 -40.13 -14.05
N ASN A 305 -29.88 -39.37 -13.73
CA ASN A 305 -30.84 -39.76 -12.72
C ASN A 305 -31.87 -40.76 -13.23
N GLY A 306 -31.90 -41.03 -14.54
CA GLY A 306 -32.91 -41.91 -15.09
C GLY A 306 -34.31 -41.39 -14.87
N GLU A 307 -34.53 -40.12 -15.14
CA GLU A 307 -35.81 -39.46 -14.89
C GLU A 307 -36.31 -38.82 -16.16
N GLU A 308 -37.57 -39.06 -16.50
CA GLU A 308 -38.12 -38.53 -17.74
C GLU A 308 -38.05 -37.02 -17.75
N ILE A 309 -37.57 -36.47 -18.86
CA ILE A 309 -37.41 -35.03 -18.97
C ILE A 309 -38.77 -34.39 -19.12
N HIS A 310 -39.04 -33.38 -18.30
CA HIS A 310 -40.30 -32.65 -18.32
C HIS A 310 -40.02 -31.18 -18.57
N LEU A 311 -40.79 -30.57 -19.46
CA LEU A 311 -40.60 -29.18 -19.79
C LEU A 311 -41.97 -28.54 -20.01
N VAL A 312 -42.02 -27.23 -19.86
CA VAL A 312 -43.26 -26.49 -20.03
C VAL A 312 -42.99 -25.24 -20.84
N LEU A 313 -43.92 -24.92 -21.73
CA LEU A 313 -43.81 -23.71 -22.51
C LEU A 313 -44.04 -22.48 -21.65
N ASP A 314 -43.37 -21.38 -22.00
CA ASP A 314 -43.56 -20.14 -21.28
C ASP A 314 -43.02 -19.00 -22.10
N THR A 315 -43.60 -17.81 -21.89
CA THR A 315 -43.13 -16.64 -22.58
C THR A 315 -41.76 -16.21 -22.07
N PRO A 316 -40.97 -15.53 -22.89
CA PRO A 316 -39.63 -15.12 -22.46
C PRO A 316 -39.70 -14.17 -21.27
N PRO A 317 -38.76 -14.27 -20.34
CA PRO A 317 -38.65 -13.24 -19.30
C PRO A 317 -38.37 -11.88 -19.92
N ASP A 318 -38.90 -10.85 -19.26
CA ASP A 318 -38.78 -9.50 -19.80
C ASP A 318 -37.36 -8.98 -19.66
N PRO A 319 -36.69 -8.59 -20.75
CA PRO A 319 -35.38 -7.96 -20.61
C PRO A 319 -35.40 -6.64 -19.89
N ALA A 320 -36.54 -5.92 -19.90
CA ALA A 320 -36.57 -4.60 -19.30
C ALA A 320 -36.22 -4.64 -17.81
N LEU A 321 -36.43 -5.78 -17.16
CA LEU A 321 -36.11 -5.89 -15.74
C LEU A 321 -34.61 -5.81 -15.46
N ASP A 322 -33.77 -5.92 -16.48
CA ASP A 322 -32.32 -5.94 -16.32
C ASP A 322 -31.66 -4.60 -16.58
N GLU A 323 -32.43 -3.50 -16.50
CA GLU A 323 -31.82 -2.20 -16.68
C GLU A 323 -30.78 -1.94 -15.60
N VAL A 324 -29.84 -1.07 -15.91
CA VAL A 324 -28.82 -0.63 -14.98
C VAL A 324 -28.93 0.88 -14.83
N ARG A 325 -28.86 1.37 -13.61
CA ARG A 325 -28.93 2.81 -13.38
C ARG A 325 -27.85 3.51 -14.16
N LYS A 326 -28.23 4.57 -14.87
CA LYS A 326 -27.26 5.35 -15.64
C LYS A 326 -26.12 5.78 -14.74
N GLU A 327 -24.90 5.60 -15.23
CA GLU A 327 -23.74 5.85 -14.39
C GLU A 327 -23.69 7.30 -13.92
N GLU A 328 -23.30 7.48 -12.67
CA GLU A 328 -23.33 8.76 -11.99
C GLU A 328 -21.97 9.46 -11.98
N TRP A 329 -21.00 8.95 -12.72
CA TRP A 329 -19.66 9.46 -12.67
C TRP A 329 -19.10 9.68 -14.07
N PRO A 330 -18.15 10.58 -14.22
CA PRO A 330 -17.38 10.63 -15.46
C PRO A 330 -16.25 9.63 -15.43
N LEU A 331 -15.98 9.06 -16.60
CA LEU A 331 -14.90 8.08 -16.71
C LEU A 331 -13.58 8.72 -16.32
N VAL A 332 -12.79 8.00 -15.54
CA VAL A 332 -11.46 8.47 -15.19
C VAL A 332 -10.54 8.29 -16.39
N ASP A 333 -9.57 9.17 -16.52
CA ASP A 333 -8.73 9.21 -17.71
C ASP A 333 -8.10 7.86 -17.97
N ASP A 334 -7.63 7.66 -19.20
CA ASP A 334 -7.11 6.36 -19.61
C ASP A 334 -5.88 5.97 -18.79
N CYS A 335 -4.79 6.72 -18.97
CA CYS A 335 -3.49 6.34 -18.41
C CYS A 335 -3.26 7.06 -17.09
N THR A 336 -3.09 6.29 -16.02
CA THR A 336 -2.76 6.86 -14.72
C THR A 336 -1.60 6.11 -14.08
N GLY A 337 -1.45 4.83 -14.44
CA GLY A 337 -0.42 4.00 -13.86
C GLY A 337 0.80 3.86 -14.74
N VAL A 338 0.97 4.76 -15.70
CA VAL A 338 2.14 4.77 -16.57
C VAL A 338 2.89 6.07 -16.32
N THR A 339 4.16 5.96 -15.95
CA THR A 339 4.98 7.11 -15.58
C THR A 339 5.89 7.59 -16.68
N GLY A 340 6.36 6.70 -17.55
CA GLY A 340 7.23 7.06 -18.64
C GLY A 340 8.42 6.14 -18.72
N TYR A 341 9.27 6.41 -19.70
CA TYR A 341 10.44 5.59 -19.93
C TYR A 341 11.66 6.23 -19.29
N HIS A 342 12.62 5.38 -18.92
CA HIS A 342 13.73 5.84 -18.12
C HIS A 342 14.48 6.97 -18.79
N GLU A 343 14.43 7.07 -20.11
CA GLU A 343 15.13 8.14 -20.80
C GLU A 343 14.63 9.49 -20.31
N GLN A 344 13.32 9.66 -20.22
CA GLN A 344 12.77 10.94 -19.83
C GLN A 344 12.84 11.18 -18.34
N LEU A 345 12.67 10.15 -17.51
CA LEU A 345 12.59 10.34 -16.08
C LEU A 345 13.94 10.50 -15.41
N THR A 346 15.04 10.32 -16.14
CA THR A 346 16.35 10.51 -15.53
C THR A 346 16.74 11.98 -15.54
N ILE A 347 17.81 12.28 -14.81
CA ILE A 347 18.29 13.64 -14.69
C ILE A 347 19.54 13.90 -15.51
N HIS A 348 20.42 12.91 -15.66
CA HIS A 348 21.66 13.12 -16.39
C HIS A 348 21.36 13.70 -17.76
N GLY A 349 22.12 14.72 -18.14
CA GLY A 349 21.83 15.44 -19.36
C GLY A 349 20.78 16.51 -19.23
N LYS A 350 20.34 16.81 -18.00
CA LYS A 350 19.33 17.82 -17.78
C LYS A 350 19.80 18.79 -16.70
N ASP A 351 19.42 20.05 -16.87
CA ASP A 351 19.76 21.07 -15.89
C ASP A 351 18.81 21.00 -14.71
N HIS A 352 19.36 21.20 -13.51
CA HIS A 352 18.57 21.00 -12.29
C HIS A 352 17.33 21.87 -12.27
N GLU A 353 17.41 23.07 -12.85
CA GLU A 353 16.22 23.92 -12.92
C GLU A 353 15.16 23.31 -13.81
N SER A 354 15.52 22.37 -14.67
CA SER A 354 14.59 21.72 -15.59
C SER A 354 14.34 20.27 -15.18
N VAL A 355 14.46 19.98 -13.90
CA VAL A 355 14.24 18.65 -13.37
C VAL A 355 12.88 18.62 -12.69
N PHE A 356 11.97 17.81 -13.22
CA PHE A 356 10.66 17.62 -12.64
C PHE A 356 10.55 16.37 -11.78
N THR A 357 11.30 15.33 -12.12
CA THR A 357 11.22 14.08 -11.38
C THR A 357 12.55 13.35 -11.53
N VAL A 358 12.82 12.46 -10.60
CA VAL A 358 14.06 11.71 -10.55
C VAL A 358 13.74 10.25 -10.78
N SER A 359 14.27 9.68 -11.84
CA SER A 359 14.08 8.26 -12.06
C SER A 359 14.70 7.45 -10.93
N LEU A 360 13.95 6.46 -10.46
CA LEU A 360 14.40 5.69 -9.30
C LEU A 360 15.71 4.99 -9.58
N TRP A 361 15.87 4.45 -10.79
CA TRP A 361 17.08 3.70 -11.10
C TRP A 361 18.33 4.57 -10.96
N ASP A 362 18.20 5.88 -11.14
CA ASP A 362 19.37 6.74 -11.00
C ASP A 362 19.94 6.69 -9.58
N CYS A 363 19.07 6.66 -8.58
CA CYS A 363 19.54 6.58 -7.20
C CYS A 363 20.27 5.27 -6.97
N ASP A 364 21.33 5.31 -6.15
CA ASP A 364 22.13 4.11 -5.93
C ASP A 364 22.61 3.96 -4.49
N ARG A 365 21.96 4.58 -3.53
CA ARG A 365 22.43 4.49 -2.15
C ARG A 365 21.94 3.18 -1.54
N LYS A 366 22.03 3.07 -0.21
CA LYS A 366 21.44 1.96 0.53
C LYS A 366 20.11 2.40 1.11
N PHE A 367 19.09 1.56 0.99
CA PHE A 367 17.81 1.90 1.54
C PHE A 367 17.91 2.02 3.05
N ARG A 368 17.30 3.06 3.60
CA ARG A 368 17.46 3.38 5.01
C ARG A 368 16.14 3.84 5.60
N VAL A 369 15.85 3.40 6.82
CA VAL A 369 14.61 3.72 7.50
C VAL A 369 14.93 4.10 8.94
N LYS A 370 14.02 4.84 9.57
CA LYS A 370 14.18 5.21 10.97
C LYS A 370 13.00 4.70 11.77
N ILE A 371 13.29 3.96 12.84
CA ILE A 371 12.25 3.42 13.72
C ILE A 371 12.23 4.26 14.99
N ARG A 372 11.05 4.81 15.33
CA ARG A 372 11.00 5.68 16.50
C ARG A 372 10.68 4.91 17.76
N GLY A 373 9.52 4.28 17.81
CA GLY A 373 9.14 3.60 19.02
C GLY A 373 7.87 2.81 18.83
N ILE A 374 7.50 2.11 19.90
CA ILE A 374 6.30 1.28 19.92
C ILE A 374 5.55 1.60 21.21
N ASP A 375 4.24 1.79 21.09
CA ASP A 375 3.39 2.13 22.22
C ASP A 375 2.15 1.25 22.23
N ILE A 376 1.80 0.73 23.41
CA ILE A 376 0.59 -0.06 23.59
C ILE A 376 -0.14 0.43 24.83
N PRO A 377 -1.47 0.41 24.87
CA PRO A 377 -2.15 0.88 26.07
C PRO A 377 -1.85 0.09 27.33
N VAL A 378 -2.05 -1.23 27.30
CA VAL A 378 -1.82 -2.06 28.47
C VAL A 378 -0.98 -3.27 28.06
N LEU A 379 -0.27 -3.82 29.04
CA LEU A 379 0.66 -4.89 28.74
C LEU A 379 -0.09 -6.11 28.23
N PRO A 380 0.59 -6.97 27.48
CA PRO A 380 -0.04 -8.23 27.04
C PRO A 380 0.08 -9.31 28.10
N ARG A 381 1.11 -9.21 28.93
CA ARG A 381 1.34 -10.17 30.00
C ARG A 381 2.14 -9.47 31.09
N THR A 382 2.37 -10.20 32.18
CA THR A 382 3.17 -9.74 33.29
C THR A 382 4.41 -10.63 33.39
N ALA A 383 5.46 -10.26 32.65
CA ALA A 383 6.71 -11.01 32.69
C ALA A 383 7.84 -10.21 32.06
N ASP A 384 8.97 -10.11 32.75
CA ASP A 384 10.11 -9.34 32.26
C ASP A 384 10.68 -10.03 31.02
N LEU A 385 10.42 -9.44 29.85
CA LEU A 385 10.88 -10.01 28.60
C LEU A 385 11.49 -8.91 27.74
N THR A 386 12.68 -9.18 27.23
CA THR A 386 13.29 -8.27 26.27
C THR A 386 12.51 -8.31 24.98
N VAL A 387 12.32 -7.14 24.38
CA VAL A 387 11.57 -7.02 23.14
C VAL A 387 12.41 -6.21 22.15
N PHE A 388 12.54 -6.72 20.93
CA PHE A 388 13.26 -6.02 19.88
C PHE A 388 12.45 -6.09 18.60
N VAL A 389 12.51 -5.03 17.83
CA VAL A 389 11.83 -4.96 16.55
C VAL A 389 12.75 -5.52 15.48
N GLU A 390 12.17 -6.24 14.53
CA GLU A 390 12.93 -6.81 13.42
C GLU A 390 12.25 -6.43 12.12
N ALA A 391 13.02 -5.88 11.20
CA ALA A 391 12.51 -5.40 9.93
C ALA A 391 13.07 -6.26 8.80
N ASN A 392 12.26 -6.46 7.77
CA ASN A 392 12.69 -7.25 6.63
C ASN A 392 12.12 -6.67 5.36
N ILE A 393 12.86 -6.86 4.27
CA ILE A 393 12.39 -6.53 2.94
C ILE A 393 12.13 -7.86 2.27
N GLN A 394 10.91 -8.04 1.78
CA GLN A 394 10.46 -9.31 1.21
C GLN A 394 9.78 -9.08 -0.12
N TYR A 395 10.15 -9.87 -1.12
CA TYR A 395 9.47 -9.89 -2.39
C TYR A 395 8.82 -11.25 -2.55
N GLY A 396 7.53 -11.26 -2.82
CA GLY A 396 6.81 -12.52 -2.75
C GLY A 396 7.00 -13.12 -1.37
N GLN A 397 7.40 -14.38 -1.34
CA GLN A 397 7.71 -15.05 -0.09
C GLN A 397 9.21 -15.12 0.17
N GLN A 398 10.00 -14.41 -0.61
CA GLN A 398 11.45 -14.51 -0.55
C GLN A 398 11.99 -13.31 0.22
N VAL A 399 12.67 -13.58 1.33
CA VAL A 399 13.15 -12.52 2.21
C VAL A 399 14.41 -11.94 1.60
N LEU A 400 14.29 -10.79 0.93
CA LEU A 400 15.48 -10.21 0.31
C LEU A 400 16.49 -9.79 1.36
N CYS A 401 16.04 -9.17 2.45
CA CYS A 401 17.01 -8.76 3.45
C CYS A 401 16.35 -8.61 4.81
N GLN A 402 17.18 -8.60 5.84
CA GLN A 402 16.72 -8.54 7.22
C GLN A 402 17.63 -7.66 8.04
N ARG A 403 17.06 -7.03 9.07
CA ARG A 403 17.80 -6.26 10.05
C ARG A 403 17.07 -6.36 11.37
N ARG A 404 17.81 -6.18 12.46
CA ARG A 404 17.22 -6.28 13.79
C ARG A 404 17.78 -5.18 14.68
N THR A 405 16.98 -4.77 15.65
CA THR A 405 17.28 -3.68 16.55
C THR A 405 17.75 -4.23 17.90
N SER A 406 17.86 -3.35 18.88
CA SER A 406 18.37 -3.71 20.19
C SER A 406 17.23 -4.12 21.11
N PRO A 407 17.24 -5.32 21.69
CA PRO A 407 16.24 -5.65 22.70
C PRO A 407 16.35 -4.75 23.91
N LYS A 408 15.23 -4.48 24.54
CA LYS A 408 15.15 -3.58 25.68
C LYS A 408 14.09 -4.08 26.64
N PRO A 409 14.15 -3.67 27.91
CA PRO A 409 13.13 -4.10 28.87
C PRO A 409 11.75 -3.66 28.43
N PHE A 410 10.90 -4.64 28.14
CA PHE A 410 9.60 -4.34 27.54
C PHE A 410 8.75 -3.52 28.49
N THR A 411 8.01 -2.57 27.91
CA THR A 411 7.06 -1.76 28.66
C THR A 411 5.93 -1.39 27.71
N GLU A 412 4.97 -0.64 28.24
CA GLU A 412 3.91 -0.12 27.38
C GLU A 412 4.47 0.81 26.32
N GLU A 413 5.58 1.48 26.61
CA GLU A 413 6.19 2.43 25.70
C GLU A 413 7.68 2.15 25.63
N VAL A 414 8.20 2.05 24.41
CA VAL A 414 9.62 1.82 24.19
C VAL A 414 10.02 2.62 22.97
N LEU A 415 10.86 3.63 23.15
CA LEU A 415 11.24 4.53 22.06
C LEU A 415 12.70 4.32 21.69
N TRP A 416 12.95 4.04 20.41
CA TRP A 416 14.29 3.73 19.93
C TRP A 416 14.92 4.90 19.17
N ASN A 417 14.26 5.39 18.13
CA ASN A 417 14.83 6.40 17.26
C ASN A 417 16.18 5.96 16.73
N VAL A 418 16.15 4.88 15.94
CA VAL A 418 17.36 4.28 15.42
C VAL A 418 17.23 4.11 13.91
N TRP A 419 18.37 4.19 13.23
CA TRP A 419 18.43 4.04 11.78
C TRP A 419 18.82 2.62 11.42
N LEU A 420 18.14 2.09 10.40
CA LEU A 420 18.46 0.78 9.85
C LEU A 420 18.76 0.94 8.37
N GLU A 421 19.87 0.34 7.95
CA GLU A 421 20.31 0.39 6.56
C GLU A 421 20.43 -1.04 6.06
N PHE A 422 19.73 -1.34 4.97
CA PHE A 422 19.83 -2.64 4.36
C PHE A 422 20.95 -2.64 3.34
N SER A 423 21.56 -3.80 3.15
CA SER A 423 22.59 -3.91 2.13
C SER A 423 22.04 -3.58 0.76
N ILE A 424 20.76 -3.82 0.53
CA ILE A 424 20.19 -3.64 -0.79
C ILE A 424 20.13 -2.16 -1.12
N LYS A 425 20.54 -1.83 -2.34
CA LYS A 425 20.50 -0.44 -2.78
C LYS A 425 19.09 -0.06 -3.20
N ILE A 426 18.89 1.24 -3.39
CA ILE A 426 17.56 1.74 -3.73
C ILE A 426 17.17 1.33 -5.13
N LYS A 427 18.11 1.30 -6.07
CA LYS A 427 17.73 1.04 -7.45
C LYS A 427 17.19 -0.37 -7.65
N ASP A 428 17.50 -1.30 -6.75
CA ASP A 428 17.07 -2.69 -6.90
C ASP A 428 15.85 -3.00 -6.06
N LEU A 429 14.90 -2.09 -5.96
CA LEU A 429 13.65 -2.40 -5.27
C LEU A 429 12.61 -2.79 -6.30
N PRO A 430 12.18 -4.04 -6.35
CA PRO A 430 11.15 -4.43 -7.31
C PRO A 430 9.80 -3.88 -6.89
N LYS A 431 8.93 -3.70 -7.88
CA LYS A 431 7.58 -3.26 -7.58
C LYS A 431 6.86 -4.31 -6.76
N GLY A 432 6.11 -3.86 -5.76
CA GLY A 432 5.35 -4.76 -4.91
C GLY A 432 6.11 -5.30 -3.73
N ALA A 433 7.32 -4.83 -3.47
CA ALA A 433 8.07 -5.28 -2.31
C ALA A 433 7.34 -4.89 -1.03
N LEU A 434 7.47 -5.74 -0.02
CA LEU A 434 6.82 -5.57 1.27
C LEU A 434 7.85 -5.31 2.34
N LEU A 435 7.65 -4.25 3.11
CA LEU A 435 8.53 -3.91 4.22
C LEU A 435 7.92 -4.46 5.50
N ASN A 436 8.18 -5.74 5.72
CA ASN A 436 7.61 -6.42 6.89
C ASN A 436 8.27 -5.91 8.15
N LEU A 437 7.47 -5.73 9.19
CA LEU A 437 7.94 -5.34 10.51
C LEU A 437 7.36 -6.28 11.54
N GLN A 438 8.18 -6.67 12.51
CA GLN A 438 7.75 -7.61 13.53
C GLN A 438 8.28 -7.15 14.87
N ILE A 439 7.57 -7.50 15.94
CA ILE A 439 7.96 -7.15 17.30
C ILE A 439 8.24 -8.46 18.03
N TYR A 440 9.50 -8.89 18.01
CA TYR A 440 9.84 -10.13 18.65
C TYR A 440 10.08 -9.89 20.13
N CYS A 441 9.26 -10.50 20.97
CA CYS A 441 9.45 -10.46 22.40
C CYS A 441 10.32 -11.63 22.80
N GLY A 442 11.58 -11.35 23.12
CA GLY A 442 12.51 -12.39 23.48
C GLY A 442 12.26 -12.91 24.88
N LYS A 443 13.11 -13.84 25.29
CA LYS A 443 13.03 -14.42 26.62
C LYS A 443 13.73 -13.51 27.62
N LYS A 463 14.69 -18.43 21.76
CA LYS A 463 13.93 -17.77 20.70
C LYS A 463 13.05 -16.66 21.27
N ALA A 464 12.50 -15.84 20.38
CA ALA A 464 11.64 -14.74 20.76
C ALA A 464 10.27 -14.94 20.15
N GLN A 465 9.23 -14.85 20.97
CA GLN A 465 7.88 -14.98 20.47
C GLN A 465 7.59 -13.87 19.49
N LEU A 466 6.79 -14.18 18.47
CA LEU A 466 6.27 -13.17 17.56
C LEU A 466 4.94 -12.68 18.11
N LEU A 467 4.83 -11.38 18.33
CA LEU A 467 3.63 -10.81 18.91
C LEU A 467 2.74 -10.14 17.88
N TYR A 468 3.29 -9.22 17.10
CA TYR A 468 2.51 -8.49 16.14
C TYR A 468 3.29 -8.45 14.84
N TYR A 469 2.83 -7.65 13.90
CA TYR A 469 3.55 -7.41 12.66
C TYR A 469 2.70 -6.45 11.84
N VAL A 470 3.26 -6.02 10.72
CA VAL A 470 2.50 -5.21 9.79
C VAL A 470 3.27 -5.11 8.49
N ASN A 471 2.57 -5.07 7.37
CA ASN A 471 3.22 -4.93 6.08
C ASN A 471 3.19 -3.48 5.63
N LEU A 472 3.87 -3.22 4.53
CA LEU A 472 3.93 -1.88 3.98
C LEU A 472 4.51 -1.91 2.58
N LEU A 473 3.85 -1.28 1.62
CA LEU A 473 4.35 -1.25 0.25
C LEU A 473 5.40 -0.17 0.11
N LEU A 474 6.62 -0.57 -0.21
CA LEU A 474 7.67 0.40 -0.45
C LEU A 474 7.32 1.32 -1.60
N ILE A 475 6.75 0.76 -2.66
CA ILE A 475 6.27 1.53 -3.79
C ILE A 475 4.76 1.48 -3.77
N ASP A 476 4.13 2.65 -3.83
CA ASP A 476 2.68 2.71 -3.83
C ASP A 476 2.17 2.39 -5.22
N HIS A 477 0.86 2.50 -5.41
CA HIS A 477 0.23 2.05 -6.65
C HIS A 477 0.73 2.83 -7.85
N ARG A 478 0.81 4.15 -7.73
CA ARG A 478 1.13 5.00 -8.87
C ARG A 478 2.63 5.18 -9.07
N PHE A 479 3.44 4.25 -8.60
CA PHE A 479 4.88 4.28 -8.83
C PHE A 479 5.52 5.54 -8.25
N LEU A 480 5.44 5.66 -6.93
CA LEU A 480 6.10 6.77 -6.25
C LEU A 480 6.59 6.27 -4.91
N LEU A 481 7.90 6.26 -4.72
CA LEU A 481 8.45 5.72 -3.50
C LEU A 481 7.80 6.41 -2.31
N ARG A 482 7.42 5.62 -1.31
CA ARG A 482 6.81 6.19 -0.11
C ARG A 482 7.83 7.04 0.65
N HIS A 483 7.38 8.21 1.12
CA HIS A 483 8.26 9.12 1.80
C HIS A 483 7.50 9.88 2.85
N GLY A 484 8.16 10.12 3.99
CA GLY A 484 7.55 10.87 5.07
C GLY A 484 7.41 10.08 6.36
N GLU A 485 6.54 10.55 7.24
CA GLU A 485 6.29 9.88 8.50
C GLU A 485 5.16 8.88 8.36
N TYR A 486 5.15 7.89 9.25
CA TYR A 486 4.09 6.90 9.22
C TYR A 486 3.83 6.37 10.61
N VAL A 487 2.55 6.18 10.92
CA VAL A 487 2.10 5.55 12.14
C VAL A 487 1.21 4.39 11.76
N LEU A 488 1.64 3.18 12.09
CA LEU A 488 0.92 1.97 11.71
C LEU A 488 0.27 1.33 12.94
N HIS A 489 -0.81 0.61 12.70
CA HIS A 489 -1.43 -0.23 13.70
C HIS A 489 -1.15 -1.68 13.33
N MET A 490 -0.68 -2.45 14.30
CA MET A 490 -0.16 -3.78 14.05
C MET A 490 -1.18 -4.84 14.41
N TRP A 491 -1.24 -5.89 13.59
CA TRP A 491 -2.11 -7.01 13.89
C TRP A 491 -1.52 -7.84 15.00
N GLN A 492 -2.31 -8.78 15.51
CA GLN A 492 -1.86 -9.71 16.52
C GLN A 492 -1.94 -11.13 15.97
N LEU A 493 -1.01 -11.96 16.40
CA LEU A 493 -1.02 -13.36 15.97
C LEU A 493 -2.25 -14.08 16.50
N SER A 494 -2.66 -15.10 15.77
CA SER A 494 -3.77 -15.94 16.19
C SER A 494 -3.44 -16.61 17.53
N GLY A 501 3.42 -22.74 12.99
CA GLY A 501 3.71 -23.17 11.63
C GLY A 501 4.83 -22.38 11.00
N SER A 502 4.74 -22.17 9.70
CA SER A 502 5.76 -21.44 8.95
C SER A 502 5.21 -20.21 8.25
N PHE A 503 4.09 -20.34 7.54
CA PHE A 503 3.59 -19.26 6.70
C PHE A 503 2.08 -19.33 6.63
N ASN A 504 1.48 -18.21 6.25
CA ASN A 504 0.04 -18.17 6.01
C ASN A 504 -0.26 -16.98 5.12
N ALA A 505 -1.48 -16.98 4.56
CA ALA A 505 -1.92 -15.90 3.69
C ALA A 505 -2.23 -14.62 4.44
N ASP A 506 -2.20 -14.65 5.76
CA ASP A 506 -2.49 -13.45 6.53
C ASP A 506 -1.33 -12.46 6.50
N LYS A 507 -0.09 -12.96 6.48
CA LYS A 507 1.04 -12.06 6.62
C LYS A 507 1.16 -11.07 5.46
N LEU A 508 0.52 -11.34 4.34
CA LEU A 508 0.63 -10.46 3.18
C LEU A 508 -0.42 -9.36 3.15
N THR A 509 -1.26 -9.27 4.16
CA THR A 509 -2.25 -8.21 4.18
C THR A 509 -1.57 -6.86 4.19
N SER A 510 -2.03 -5.95 3.37
CA SER A 510 -1.45 -4.63 3.27
C SER A 510 -2.17 -3.60 4.13
N ALA A 511 -3.20 -4.00 4.86
CA ALA A 511 -4.05 -3.08 5.60
C ALA A 511 -3.61 -2.98 7.06
N THR A 512 -4.11 -1.94 7.71
CA THR A 512 -3.81 -1.70 9.11
C THR A 512 -4.97 -2.17 9.98
N ASN A 513 -4.72 -2.26 11.27
CA ASN A 513 -5.73 -2.74 12.19
C ASN A 513 -6.81 -1.70 12.39
N PRO A 514 -8.09 -2.02 12.14
CA PRO A 514 -9.14 -1.03 12.38
C PRO A 514 -9.22 -0.56 13.82
N ASP A 515 -8.95 -1.43 14.79
CA ASP A 515 -9.04 -1.01 16.18
C ASP A 515 -7.89 -0.10 16.54
N LYS A 516 -7.90 1.10 16.03
CA LYS A 516 -6.84 2.06 16.30
C LYS A 516 -6.88 2.58 17.70
N GLU A 517 -7.76 2.05 18.54
CA GLU A 517 -7.87 2.47 19.93
C GLU A 517 -6.93 1.69 20.83
N ASN A 518 -6.98 0.36 20.75
CA ASN A 518 -6.28 -0.51 21.69
C ASN A 518 -5.35 -1.48 20.96
N SER A 519 -4.90 -1.11 19.78
CA SER A 519 -4.04 -1.94 18.96
C SER A 519 -2.63 -1.40 18.98
N MET A 520 -1.66 -2.27 19.21
CA MET A 520 -0.27 -1.81 19.31
C MET A 520 0.12 -1.09 18.04
N SER A 521 0.70 0.10 18.20
CA SER A 521 0.99 0.98 17.08
C SER A 521 2.47 1.34 17.09
N ILE A 522 3.02 1.53 15.90
CA ILE A 522 4.43 1.79 15.71
C ILE A 522 4.58 3.02 14.84
N SER A 523 5.75 3.65 14.93
CA SER A 523 6.03 4.88 14.21
C SER A 523 7.37 4.78 13.50
N ILE A 524 7.38 5.12 12.21
CA ILE A 524 8.58 5.06 11.40
C ILE A 524 8.70 6.31 10.55
N LEU A 525 9.90 6.52 10.03
CA LEU A 525 10.19 7.67 9.19
C LEU A 525 11.04 7.25 8.00
N LEU A 526 10.62 7.71 6.82
CA LEU A 526 11.36 7.52 5.59
C LEU A 526 11.73 8.89 5.03
N ASP A 527 12.99 9.04 4.62
CA ASP A 527 13.49 10.35 4.23
C ASP A 527 12.83 10.83 2.94
N ASN A 528 12.38 12.08 2.96
CA ASN A 528 11.69 12.67 1.83
C ASN A 528 12.71 13.08 0.77
N TYR A 529 12.25 13.73 -0.28
CA TYR A 529 13.14 14.23 -1.32
C TYR A 529 12.51 15.45 -1.95
N CYS A 530 13.35 16.32 -2.50
CA CYS A 530 12.86 17.55 -3.11
C CYS A 530 11.95 17.27 -4.29
N HIS A 531 11.96 16.05 -4.82
CA HIS A 531 11.07 15.67 -5.89
C HIS A 531 10.58 14.26 -5.64
N PRO A 532 9.45 13.88 -6.20
CA PRO A 532 9.05 12.48 -6.16
C PRO A 532 10.09 11.62 -6.88
N ILE A 533 10.36 10.45 -6.33
CA ILE A 533 11.27 9.50 -6.95
C ILE A 533 10.38 8.46 -7.64
N ALA A 534 10.03 8.73 -8.89
CA ALA A 534 9.16 7.83 -9.63
C ALA A 534 9.92 6.59 -10.07
N LEU A 535 9.22 5.72 -10.79
CA LEU A 535 9.78 4.51 -11.34
C LEU A 535 9.60 4.49 -12.85
N PRO A 536 10.55 3.99 -13.61
CA PRO A 536 10.36 3.91 -15.06
C PRO A 536 9.40 2.80 -15.41
N LYS A 537 9.06 2.78 -16.70
CA LYS A 537 8.39 1.64 -17.31
C LYS A 537 9.29 1.14 -18.43
N HIS A 538 9.48 -0.17 -18.49
CA HIS A 538 10.48 -0.73 -19.38
C HIS A 538 10.18 -0.41 -20.84
N ARG A 539 11.25 -0.22 -21.60
CA ARG A 539 11.18 -0.01 -23.03
C ARG A 539 11.61 -1.30 -23.71
N PRO A 540 10.70 -2.23 -23.92
CA PRO A 540 11.12 -3.56 -24.40
C PRO A 540 11.68 -3.51 -25.80
N THR A 541 12.87 -2.98 -25.94
CA THR A 541 13.54 -2.99 -27.23
C THR A 541 14.00 -4.41 -27.53
N PRO A 542 13.72 -4.94 -28.72
CA PRO A 542 14.08 -6.34 -29.01
C PRO A 542 15.48 -6.71 -28.54
N ASP A 543 15.63 -7.92 -28.04
CA ASP A 543 16.91 -8.41 -27.60
C ASP A 543 17.55 -9.25 -28.69
N PRO A 544 18.78 -8.95 -29.13
CA PRO A 544 19.38 -9.72 -30.23
C PRO A 544 19.89 -11.08 -29.79
N GLU A 545 20.34 -11.16 -28.54
CA GLU A 545 20.81 -12.40 -27.94
C GLU A 545 20.06 -13.63 -28.45
N ALA A 551 24.44 -21.32 -28.59
CA ALA A 551 23.64 -21.97 -29.62
C ALA A 551 23.06 -23.28 -29.07
N GLU A 552 23.25 -24.38 -29.79
CA GLU A 552 22.76 -25.67 -29.32
C GLU A 552 23.47 -26.07 -28.04
N MET A 553 22.75 -26.75 -27.16
CA MET A 553 23.33 -27.13 -25.88
C MET A 553 23.89 -28.55 -25.93
N PRO A 554 24.84 -28.87 -25.05
CA PRO A 554 25.28 -30.26 -24.94
C PRO A 554 24.12 -31.15 -24.55
N ASN A 555 24.05 -32.31 -25.20
CA ASN A 555 22.90 -33.19 -24.99
C ASN A 555 22.82 -33.66 -23.56
N GLN A 556 23.97 -33.91 -22.92
CA GLN A 556 23.91 -34.30 -21.51
C GLN A 556 23.28 -33.22 -20.66
N LEU A 557 23.66 -31.96 -20.90
CA LEU A 557 23.04 -30.88 -20.17
C LEU A 557 21.56 -30.79 -20.49
N ARG A 558 21.19 -31.04 -21.74
CA ARG A 558 19.76 -31.02 -22.07
C ARG A 558 19.01 -32.08 -21.28
N LYS A 559 19.57 -33.28 -21.18
CA LYS A 559 18.92 -34.33 -20.41
C LYS A 559 18.80 -33.94 -18.94
N GLN A 560 19.88 -33.41 -18.37
CA GLN A 560 19.84 -33.01 -16.97
C GLN A 560 18.79 -31.93 -16.74
N LEU A 561 18.78 -30.93 -17.61
CA LEU A 561 17.83 -29.84 -17.49
C LEU A 561 16.41 -30.33 -17.60
N GLU A 562 16.14 -31.20 -18.57
CA GLU A 562 14.79 -31.72 -18.74
C GLU A 562 14.35 -32.51 -17.53
N ALA A 563 15.25 -33.33 -16.99
CA ALA A 563 14.90 -34.05 -15.78
C ALA A 563 14.54 -33.06 -14.68
N ILE A 564 15.29 -31.98 -14.55
CA ILE A 564 14.95 -30.97 -13.56
C ILE A 564 13.56 -30.41 -13.83
N ILE A 565 13.27 -30.12 -15.10
CA ILE A 565 11.96 -29.59 -15.46
C ILE A 565 10.86 -30.59 -15.17
N ALA A 566 11.19 -31.88 -15.14
CA ALA A 566 10.18 -32.92 -14.95
C ALA A 566 9.83 -33.15 -13.48
N THR A 567 10.52 -32.49 -12.55
CA THR A 567 10.27 -32.71 -11.14
C THR A 567 8.89 -32.20 -10.75
N ASP A 568 8.44 -32.60 -9.57
CA ASP A 568 7.13 -32.22 -9.08
C ASP A 568 7.09 -30.72 -8.82
N PRO A 569 5.89 -30.12 -8.78
CA PRO A 569 5.81 -28.67 -8.60
C PRO A 569 6.51 -28.20 -7.34
N LEU A 570 6.45 -28.97 -6.27
CA LEU A 570 7.00 -28.54 -4.99
C LEU A 570 8.48 -28.81 -4.85
N ASN A 571 9.06 -29.61 -5.72
CA ASN A 571 10.45 -29.98 -5.54
C ASN A 571 11.30 -28.72 -5.52
N PRO A 572 12.10 -28.49 -4.48
CA PRO A 572 12.90 -27.27 -4.42
C PRO A 572 13.96 -27.24 -5.52
N LEU A 573 14.31 -26.03 -5.94
CA LEU A 573 15.29 -25.82 -7.00
C LEU A 573 16.57 -25.27 -6.38
N THR A 574 17.68 -25.95 -6.62
CA THR A 574 18.95 -25.50 -6.09
C THR A 574 19.48 -24.31 -6.86
N ALA A 575 20.50 -23.66 -6.31
CA ALA A 575 21.09 -22.52 -6.98
C ALA A 575 21.65 -22.91 -8.34
N GLU A 576 22.28 -24.08 -8.42
CA GLU A 576 22.88 -24.49 -9.67
C GLU A 576 21.83 -24.63 -10.75
N ASP A 577 20.70 -25.26 -10.42
CA ASP A 577 19.63 -25.44 -11.38
C ASP A 577 19.07 -24.10 -11.82
N LYS A 578 18.90 -23.18 -10.87
CA LYS A 578 18.39 -21.85 -11.20
C LYS A 578 19.31 -21.14 -12.16
N GLU A 579 20.61 -21.19 -11.87
CA GLU A 579 21.59 -20.55 -12.74
C GLU A 579 21.56 -21.17 -14.11
N LEU A 580 21.47 -22.50 -14.18
CA LEU A 580 21.40 -23.16 -15.47
C LEU A 580 20.19 -22.70 -16.26
N LEU A 581 19.02 -22.74 -15.64
CA LEU A 581 17.80 -22.37 -16.32
C LEU A 581 17.88 -20.94 -16.83
N TRP A 582 18.27 -20.03 -15.95
CA TRP A 582 18.37 -18.64 -16.38
C TRP A 582 19.38 -18.51 -17.50
N HIS A 583 20.49 -19.23 -17.40
CA HIS A 583 21.49 -19.22 -18.43
C HIS A 583 20.95 -19.81 -19.72
N PHE A 584 20.34 -20.99 -19.63
CA PHE A 584 19.67 -21.61 -20.77
C PHE A 584 18.18 -21.31 -20.75
N ARG A 585 17.84 -20.04 -20.62
CA ARG A 585 16.43 -19.67 -20.50
C ARG A 585 15.76 -19.59 -21.85
N TYR A 586 16.50 -19.31 -22.91
CA TYR A 586 15.89 -19.37 -24.23
C TYR A 586 15.55 -20.80 -24.61
N GLU A 587 16.25 -21.77 -24.03
CA GLU A 587 15.86 -23.16 -24.22
C GLU A 587 14.50 -23.43 -23.58
N SER A 588 14.32 -23.03 -22.32
CA SER A 588 13.07 -23.29 -21.64
C SER A 588 11.91 -22.58 -22.30
N LEU A 589 12.12 -21.33 -22.72
CA LEU A 589 11.02 -20.57 -23.30
C LEU A 589 10.35 -21.33 -24.42
N LYS A 590 11.04 -22.31 -25.01
CA LYS A 590 10.46 -23.14 -26.04
C LYS A 590 9.64 -24.29 -25.46
N ASP A 591 9.23 -24.18 -24.20
CA ASP A 591 8.42 -25.23 -23.58
C ASP A 591 7.49 -24.63 -22.54
N PRO A 592 6.17 -24.71 -22.74
CA PRO A 592 5.26 -24.09 -21.76
C PRO A 592 5.43 -24.61 -20.35
N LYS A 593 5.56 -25.93 -20.16
CA LYS A 593 5.56 -26.46 -18.81
C LYS A 593 6.69 -25.92 -17.97
N ALA A 594 7.75 -25.41 -18.59
CA ALA A 594 8.88 -24.92 -17.83
C ALA A 594 8.63 -23.56 -17.21
N TYR A 595 7.57 -22.87 -17.59
CA TYR A 595 7.42 -21.47 -17.17
C TYR A 595 7.42 -21.31 -15.66
N PRO A 596 6.61 -22.02 -14.88
CA PRO A 596 6.60 -21.78 -13.44
C PRO A 596 7.96 -22.00 -12.79
N LYS A 597 8.72 -22.98 -13.25
CA LYS A 597 10.03 -23.20 -12.64
C LYS A 597 11.02 -22.13 -13.07
N LEU A 598 10.84 -21.58 -14.27
CA LEU A 598 11.84 -20.66 -14.79
C LEU A 598 11.84 -19.33 -14.05
N PHE A 599 10.69 -18.87 -13.59
CA PHE A 599 10.63 -17.59 -12.92
C PHE A 599 11.05 -17.65 -11.46
N SER A 600 10.98 -18.81 -10.81
CA SER A 600 11.52 -18.93 -9.48
C SER A 600 13.03 -18.70 -9.48
N SER A 601 13.71 -19.25 -10.47
CA SER A 601 15.16 -19.10 -10.56
C SER A 601 15.58 -17.66 -10.79
N VAL A 602 14.74 -16.86 -11.45
CA VAL A 602 15.08 -15.47 -11.67
C VAL A 602 15.45 -14.84 -10.34
N LYS A 603 16.53 -14.06 -10.34
CA LYS A 603 16.90 -13.29 -9.18
C LYS A 603 16.19 -11.94 -9.24
N TRP A 604 15.39 -11.65 -8.23
CA TRP A 604 14.60 -10.43 -8.20
C TRP A 604 15.37 -9.23 -7.67
N GLY A 605 16.58 -9.42 -7.20
CA GLY A 605 17.28 -8.36 -6.50
C GLY A 605 18.16 -7.49 -7.36
N GLN A 606 17.92 -7.47 -8.66
CA GLN A 606 18.75 -6.66 -9.56
C GLN A 606 17.89 -6.08 -10.66
N GLN A 607 18.12 -4.81 -10.97
CA GLN A 607 17.38 -4.17 -12.04
C GLN A 607 17.69 -4.80 -13.38
N GLU A 608 18.95 -5.15 -13.61
CA GLU A 608 19.36 -5.69 -14.90
C GLU A 608 18.63 -6.99 -15.22
N ILE A 609 18.53 -7.88 -14.23
CA ILE A 609 17.85 -9.14 -14.44
C ILE A 609 16.38 -8.92 -14.75
N VAL A 610 15.77 -7.94 -14.10
CA VAL A 610 14.38 -7.63 -14.38
C VAL A 610 14.23 -7.17 -15.82
N ALA A 611 15.13 -6.31 -16.28
CA ALA A 611 15.04 -5.85 -17.66
C ALA A 611 15.17 -7.01 -18.63
N LYS A 612 16.13 -7.89 -18.37
CA LYS A 612 16.29 -9.05 -19.26
C LYS A 612 15.04 -9.91 -19.25
N THR A 613 14.44 -10.10 -18.09
CA THR A 613 13.26 -10.94 -17.99
C THR A 613 12.09 -10.35 -18.75
N TYR A 614 11.90 -9.04 -18.64
CA TYR A 614 10.83 -8.42 -19.41
C TYR A 614 11.08 -8.58 -20.90
N GLN A 615 12.33 -8.42 -21.33
CA GLN A 615 12.64 -8.67 -22.73
C GLN A 615 12.30 -10.10 -23.13
N LEU A 616 12.62 -11.05 -22.26
CA LEU A 616 12.31 -12.45 -22.52
C LEU A 616 10.82 -12.64 -22.69
N LEU A 617 10.03 -12.05 -21.81
CA LEU A 617 8.59 -12.21 -21.87
C LEU A 617 7.96 -11.48 -23.04
N ALA A 618 8.62 -10.46 -23.59
CA ALA A 618 8.05 -9.75 -24.73
C ALA A 618 7.70 -10.72 -25.86
N LYS A 619 8.64 -11.58 -26.22
CA LYS A 619 8.41 -12.62 -27.20
C LYS A 619 7.63 -13.73 -26.53
N ARG A 620 6.32 -13.79 -26.77
CA ARG A 620 5.46 -14.72 -26.08
C ARG A 620 4.59 -15.49 -27.06
N GLU A 621 5.20 -15.93 -28.16
CA GLU A 621 4.48 -16.74 -29.13
C GLU A 621 4.29 -18.17 -28.63
N VAL A 622 5.33 -18.74 -28.01
CA VAL A 622 5.26 -20.12 -27.56
C VAL A 622 4.16 -20.28 -26.52
N TRP A 623 4.12 -19.37 -25.54
CA TRP A 623 3.09 -19.46 -24.52
C TRP A 623 1.71 -19.30 -25.14
N ASP A 624 1.57 -18.34 -26.05
CA ASP A 624 0.26 -18.10 -26.66
C ASP A 624 -0.23 -19.33 -27.39
N GLN A 625 0.62 -19.91 -28.24
CA GLN A 625 0.24 -21.09 -28.98
C GLN A 625 0.02 -22.28 -28.06
N SER A 626 0.50 -22.20 -26.82
CA SER A 626 0.34 -23.30 -25.88
C SER A 626 -1.13 -23.55 -25.61
N ALA A 627 -1.54 -24.82 -25.69
CA ALA A 627 -2.91 -25.18 -25.40
C ALA A 627 -3.22 -24.87 -23.94
N LEU A 628 -4.45 -24.42 -23.69
CA LEU A 628 -4.83 -24.04 -22.33
C LEU A 628 -4.67 -25.22 -21.39
N ASP A 629 -4.02 -24.99 -20.26
CA ASP A 629 -3.84 -26.01 -19.23
C ASP A 629 -4.11 -25.34 -17.89
N VAL A 630 -5.34 -25.51 -17.38
CA VAL A 630 -5.73 -24.80 -16.18
C VAL A 630 -4.78 -25.12 -15.04
N GLY A 631 -4.38 -26.38 -14.90
CA GLY A 631 -3.51 -26.75 -13.81
C GLY A 631 -2.23 -25.95 -13.81
N LEU A 632 -1.63 -25.76 -14.99
CA LEU A 632 -0.42 -24.97 -15.06
C LEU A 632 -0.69 -23.51 -14.73
N THR A 633 -1.71 -22.93 -15.35
CA THR A 633 -2.00 -21.53 -15.13
C THR A 633 -2.19 -21.23 -13.67
N MET A 634 -2.73 -22.18 -12.90
CA MET A 634 -2.91 -21.93 -11.49
C MET A 634 -1.56 -21.71 -10.81
N GLN A 635 -0.55 -22.48 -11.21
CA GLN A 635 0.74 -22.34 -10.56
C GLN A 635 1.25 -20.91 -10.63
N LEU A 636 1.01 -20.24 -11.76
CA LEU A 636 1.49 -18.88 -11.91
C LEU A 636 0.90 -17.95 -10.87
N LEU A 637 -0.40 -18.08 -10.60
CA LEU A 637 -1.08 -17.15 -9.71
C LEU A 637 -0.73 -17.34 -8.25
N ASP A 638 -0.05 -18.43 -7.89
CA ASP A 638 0.38 -18.60 -6.51
C ASP A 638 1.15 -17.38 -6.03
N CYS A 639 1.33 -17.24 -4.72
CA CYS A 639 2.05 -16.10 -4.17
C CYS A 639 3.47 -16.02 -4.65
N ASN A 640 4.04 -17.12 -5.15
CA ASN A 640 5.44 -17.10 -5.55
C ASN A 640 5.74 -15.92 -6.46
N PHE A 641 4.83 -15.61 -7.37
CA PHE A 641 5.09 -14.66 -8.43
C PHE A 641 4.31 -13.38 -8.18
N SER A 642 5.05 -12.29 -7.95
CA SER A 642 4.47 -10.97 -7.76
C SER A 642 4.77 -10.03 -8.92
N ASP A 643 5.24 -10.55 -10.05
CA ASP A 643 5.46 -9.71 -11.21
C ASP A 643 4.15 -9.20 -11.77
N GLU A 644 4.21 -8.04 -12.41
CA GLU A 644 3.05 -7.52 -13.10
C GLU A 644 2.73 -8.36 -14.34
N ASN A 645 3.73 -8.68 -15.14
CA ASN A 645 3.50 -9.35 -16.40
C ASN A 645 3.21 -10.85 -16.23
N VAL A 646 3.77 -11.48 -15.21
CA VAL A 646 3.52 -12.91 -15.02
C VAL A 646 2.03 -13.15 -14.82
N ARG A 647 1.44 -12.41 -13.90
CA ARG A 647 0.03 -12.58 -13.63
C ARG A 647 -0.81 -12.04 -14.75
N ALA A 648 -0.26 -11.14 -15.56
CA ALA A 648 -0.97 -10.67 -16.74
C ALA A 648 -1.12 -11.78 -17.76
N ILE A 649 -0.04 -12.51 -18.04
CA ILE A 649 -0.13 -13.60 -19.00
C ILE A 649 -0.99 -14.73 -18.45
N ALA A 650 -0.91 -14.97 -17.14
CA ALA A 650 -1.79 -15.97 -16.55
C ALA A 650 -3.26 -15.61 -16.78
N VAL A 651 -3.63 -14.37 -16.51
CA VAL A 651 -5.02 -13.98 -16.73
C VAL A 651 -5.35 -14.09 -18.21
N GLN A 652 -4.41 -13.73 -19.07
CA GLN A 652 -4.63 -13.87 -20.49
C GLN A 652 -5.04 -15.30 -20.83
N LYS A 653 -4.29 -16.27 -20.29
CA LYS A 653 -4.63 -17.66 -20.57
C LYS A 653 -6.02 -17.99 -20.03
N LEU A 654 -6.34 -17.52 -18.82
CA LEU A 654 -7.66 -17.79 -18.29
C LEU A 654 -8.77 -17.19 -19.14
N GLU A 655 -8.47 -16.15 -19.92
CA GLU A 655 -9.54 -15.49 -20.65
C GLU A 655 -10.29 -16.43 -21.57
N SER A 656 -9.69 -17.55 -21.94
CA SER A 656 -10.31 -18.44 -22.91
C SER A 656 -11.25 -19.47 -22.28
N LEU A 657 -11.27 -19.61 -20.95
CA LEU A 657 -12.09 -20.64 -20.34
C LEU A 657 -13.56 -20.37 -20.59
N GLU A 658 -14.31 -21.45 -20.82
CA GLU A 658 -15.76 -21.35 -20.93
C GLU A 658 -16.36 -21.12 -19.56
N ASP A 659 -17.68 -21.10 -19.50
CA ASP A 659 -18.34 -20.76 -18.25
C ASP A 659 -18.30 -21.89 -17.23
N ASP A 660 -18.51 -23.13 -17.65
CA ASP A 660 -18.64 -24.20 -16.68
C ASP A 660 -17.33 -24.41 -15.91
N ASP A 661 -16.21 -24.36 -16.60
CA ASP A 661 -14.94 -24.51 -15.89
C ASP A 661 -14.76 -23.37 -14.90
N VAL A 662 -15.21 -22.17 -15.27
CA VAL A 662 -15.16 -21.07 -14.32
C VAL A 662 -16.00 -21.39 -13.10
N LEU A 663 -17.19 -21.96 -13.31
CA LEU A 663 -17.98 -22.37 -12.16
C LEU A 663 -17.20 -23.34 -11.29
N HIS A 664 -16.42 -24.20 -11.91
CA HIS A 664 -15.64 -25.15 -11.14
C HIS A 664 -14.59 -24.46 -10.28
N TYR A 665 -13.84 -23.54 -10.87
CA TYR A 665 -12.66 -22.97 -10.22
C TYR A 665 -12.91 -21.62 -9.58
N LEU A 666 -14.16 -21.20 -9.49
CA LEU A 666 -14.45 -19.85 -9.03
C LEU A 666 -13.93 -19.62 -7.62
N LEU A 667 -14.17 -20.57 -6.72
CA LEU A 667 -13.75 -20.35 -5.34
C LEU A 667 -12.25 -20.22 -5.24
N GLN A 668 -11.52 -21.05 -5.97
CA GLN A 668 -10.07 -20.98 -5.89
C GLN A 668 -9.54 -19.68 -6.49
N LEU A 669 -10.17 -19.19 -7.56
CA LEU A 669 -9.71 -17.92 -8.10
C LEU A 669 -9.99 -16.78 -7.13
N VAL A 670 -11.16 -16.80 -6.49
CA VAL A 670 -11.47 -15.75 -5.53
C VAL A 670 -10.48 -15.79 -4.39
N GLN A 671 -10.12 -16.99 -3.93
CA GLN A 671 -9.07 -17.07 -2.93
C GLN A 671 -7.79 -16.45 -3.45
N ALA A 672 -7.40 -16.81 -4.66
CA ALA A 672 -6.14 -16.31 -5.19
C ALA A 672 -6.13 -14.79 -5.27
N VAL A 673 -7.29 -14.18 -5.37
CA VAL A 673 -7.32 -12.71 -5.39
C VAL A 673 -6.60 -12.14 -4.19
N LYS A 674 -6.53 -12.89 -3.08
CA LYS A 674 -5.87 -12.35 -1.90
C LYS A 674 -4.41 -12.05 -2.14
N PHE A 675 -3.71 -12.93 -2.86
CA PHE A 675 -2.27 -12.77 -3.00
C PHE A 675 -1.87 -11.57 -3.83
N GLU A 676 -2.78 -10.95 -4.57
CA GLU A 676 -2.38 -9.85 -5.43
C GLU A 676 -1.87 -8.69 -4.58
N PRO A 677 -0.65 -8.22 -4.81
CA PRO A 677 -0.10 -7.18 -3.94
C PRO A 677 -0.93 -5.91 -3.95
N TYR A 678 -1.50 -5.54 -5.08
CA TYR A 678 -2.21 -4.28 -5.22
C TYR A 678 -3.71 -4.52 -5.34
N HIS A 679 -4.47 -3.48 -5.05
CA HIS A 679 -5.92 -3.60 -5.04
C HIS A 679 -6.46 -3.93 -6.42
N ASP A 680 -5.96 -3.28 -7.45
CA ASP A 680 -6.39 -3.54 -8.81
C ASP A 680 -5.37 -4.44 -9.49
N SER A 681 -5.85 -5.50 -10.12
CA SER A 681 -5.00 -6.39 -10.88
C SER A 681 -5.66 -6.74 -12.20
N ALA A 682 -5.08 -7.69 -12.92
CA ALA A 682 -5.82 -8.29 -14.03
C ALA A 682 -6.86 -9.26 -13.54
N LEU A 683 -6.57 -9.97 -12.45
CA LEU A 683 -7.50 -10.97 -11.96
C LEU A 683 -8.84 -10.37 -11.56
N ALA A 684 -8.81 -9.24 -10.86
CA ALA A 684 -10.05 -8.63 -10.41
C ALA A 684 -10.91 -8.24 -11.60
N ARG A 685 -10.31 -7.62 -12.61
CA ARG A 685 -11.09 -7.22 -13.77
C ARG A 685 -11.62 -8.43 -14.52
N PHE A 686 -10.83 -9.50 -14.61
CA PHE A 686 -11.34 -10.68 -15.28
C PHE A 686 -12.57 -11.21 -14.56
N LEU A 687 -12.50 -11.29 -13.23
CA LEU A 687 -13.66 -11.77 -12.49
C LEU A 687 -14.86 -10.86 -12.69
N LEU A 688 -14.64 -9.55 -12.66
CA LEU A 688 -15.75 -8.64 -12.87
C LEU A 688 -16.40 -8.89 -14.22
N LYS A 689 -15.60 -9.07 -15.26
CA LYS A 689 -16.17 -9.26 -16.60
C LYS A 689 -16.96 -10.56 -16.66
N ARG A 690 -16.39 -11.65 -16.15
CA ARG A 690 -17.13 -12.90 -16.21
C ARG A 690 -18.41 -12.83 -15.42
N GLY A 691 -18.40 -12.18 -14.26
CA GLY A 691 -19.62 -12.05 -13.49
C GLY A 691 -20.68 -11.25 -14.21
N LEU A 692 -20.30 -10.10 -14.76
CA LEU A 692 -21.30 -9.28 -15.44
C LEU A 692 -21.82 -9.94 -16.71
N ARG A 693 -21.03 -10.80 -17.33
CA ARG A 693 -21.44 -11.40 -18.59
C ARG A 693 -22.47 -12.49 -18.41
N ASN A 694 -22.73 -12.94 -17.19
CA ASN A 694 -23.60 -14.07 -16.93
C ASN A 694 -24.29 -13.85 -15.60
N LYS A 695 -25.37 -14.60 -15.36
CA LYS A 695 -26.04 -14.52 -14.07
C LYS A 695 -25.47 -15.51 -13.06
N ARG A 696 -25.57 -16.80 -13.38
CA ARG A 696 -25.26 -17.82 -12.38
C ARG A 696 -23.91 -17.55 -11.74
N ILE A 697 -22.90 -17.34 -12.58
CA ILE A 697 -21.58 -17.02 -12.07
C ILE A 697 -21.66 -15.79 -11.18
N GLY A 698 -22.45 -14.81 -11.60
CA GLY A 698 -22.61 -13.63 -10.77
C GLY A 698 -23.17 -13.97 -9.40
N HIS A 699 -24.15 -14.85 -9.35
CA HIS A 699 -24.74 -15.21 -8.07
C HIS A 699 -23.71 -15.84 -7.14
N PHE A 700 -23.02 -16.87 -7.63
CA PHE A 700 -22.05 -17.53 -6.75
C PHE A 700 -20.95 -16.57 -6.36
N LEU A 701 -20.52 -15.72 -7.30
CA LEU A 701 -19.49 -14.75 -6.97
C LEU A 701 -19.96 -13.84 -5.85
N PHE A 702 -21.20 -13.37 -5.94
CA PHE A 702 -21.71 -12.50 -4.92
C PHE A 702 -21.64 -13.16 -3.56
N TRP A 703 -22.12 -14.39 -3.46
CA TRP A 703 -22.15 -15.01 -2.15
C TRP A 703 -20.75 -15.27 -1.60
N PHE A 704 -19.82 -15.70 -2.46
CA PHE A 704 -18.47 -15.94 -1.97
C PHE A 704 -17.84 -14.67 -1.44
N LEU A 705 -17.92 -13.59 -2.20
CA LEU A 705 -17.32 -12.36 -1.74
C LEU A 705 -17.99 -11.87 -0.46
N ARG A 706 -19.31 -11.99 -0.39
CA ARG A 706 -19.99 -11.52 0.81
C ARG A 706 -19.54 -12.31 2.02
N SER A 707 -19.31 -13.61 1.86
CA SER A 707 -18.75 -14.37 2.96
C SER A 707 -17.36 -13.87 3.33
N GLU A 708 -16.56 -13.49 2.33
CA GLU A 708 -15.21 -13.02 2.62
C GLU A 708 -15.22 -11.71 3.40
N ILE A 709 -16.12 -10.79 3.05
CA ILE A 709 -16.13 -9.49 3.71
C ILE A 709 -16.41 -9.64 5.18
N ALA A 710 -17.41 -10.45 5.52
CA ALA A 710 -17.86 -10.54 6.90
C ALA A 710 -16.75 -11.05 7.81
N GLN A 711 -15.99 -12.03 7.34
CA GLN A 711 -15.05 -12.74 8.19
C GLN A 711 -13.69 -12.06 8.22
N SER A 712 -13.03 -12.01 7.07
CA SER A 712 -11.61 -11.70 7.00
C SER A 712 -11.41 -10.20 7.13
N ARG A 713 -11.16 -9.74 8.36
CA ARG A 713 -10.85 -8.34 8.54
C ARG A 713 -9.60 -7.92 7.77
N HIS A 714 -8.72 -8.86 7.44
CA HIS A 714 -7.50 -8.48 6.74
C HIS A 714 -7.83 -7.85 5.39
N TYR A 715 -8.76 -8.44 4.64
CA TYR A 715 -8.98 -8.04 3.26
C TYR A 715 -10.37 -7.47 3.01
N GLN A 716 -11.11 -7.13 4.04
CA GLN A 716 -12.51 -6.77 3.80
C GLN A 716 -12.60 -5.57 2.86
N GLN A 717 -11.67 -4.64 2.94
CA GLN A 717 -11.77 -3.45 2.10
C GLN A 717 -11.66 -3.81 0.62
N ARG A 718 -10.70 -4.66 0.26
CA ARG A 718 -10.50 -4.98 -1.14
C ARG A 718 -11.72 -5.66 -1.74
N PHE A 719 -12.22 -6.71 -1.08
CA PHE A 719 -13.40 -7.39 -1.57
C PHE A 719 -14.59 -6.47 -1.58
N ALA A 720 -14.69 -5.59 -0.59
CA ALA A 720 -15.78 -4.62 -0.59
C ALA A 720 -15.73 -3.77 -1.84
N VAL A 721 -14.55 -3.29 -2.20
CA VAL A 721 -14.43 -2.46 -3.38
C VAL A 721 -14.86 -3.24 -4.61
N ILE A 722 -14.37 -4.47 -4.75
CA ILE A 722 -14.70 -5.25 -5.94
C ILE A 722 -16.20 -5.48 -6.01
N LEU A 723 -16.78 -5.88 -4.89
CA LEU A 723 -18.19 -6.21 -4.88
C LEU A 723 -19.04 -4.98 -5.20
N GLU A 724 -18.67 -3.83 -4.65
CA GLU A 724 -19.37 -2.60 -5.01
C GLU A 724 -19.26 -2.36 -6.50
N ALA A 725 -18.04 -2.41 -7.04
CA ALA A 725 -17.85 -2.21 -8.46
C ALA A 725 -18.71 -3.18 -9.25
N TYR A 726 -19.07 -4.30 -8.66
CA TYR A 726 -19.93 -5.25 -9.36
C TYR A 726 -21.38 -4.82 -9.27
N LEU A 727 -21.92 -4.74 -8.06
CA LEU A 727 -23.34 -4.58 -7.86
C LEU A 727 -23.95 -3.39 -8.57
N ARG A 728 -23.12 -2.51 -9.12
CA ARG A 728 -23.64 -1.34 -9.83
C ARG A 728 -23.95 -1.64 -11.29
N GLY A 729 -23.83 -2.89 -11.72
CA GLY A 729 -24.07 -3.21 -13.11
C GLY A 729 -24.93 -4.43 -13.31
N CYS A 730 -25.25 -5.13 -12.23
CA CYS A 730 -25.97 -6.38 -12.37
C CYS A 730 -27.35 -6.17 -13.00
N GLY A 731 -28.04 -5.11 -12.61
CA GLY A 731 -29.37 -4.83 -13.09
C GLY A 731 -30.30 -4.50 -11.94
N THR A 732 -31.61 -4.55 -12.22
CA THR A 732 -32.60 -4.33 -11.15
C THR A 732 -33.03 -5.63 -10.51
N ALA A 733 -33.64 -6.52 -11.29
CA ALA A 733 -34.20 -7.74 -10.72
C ALA A 733 -33.18 -8.46 -9.87
N MET A 734 -31.93 -8.50 -10.34
CA MET A 734 -30.91 -9.15 -9.54
C MET A 734 -30.74 -8.46 -8.20
N LEU A 735 -30.75 -7.12 -8.19
CA LEU A 735 -30.64 -6.43 -6.92
C LEU A 735 -31.82 -6.75 -6.01
N HIS A 736 -33.02 -6.79 -6.55
CA HIS A 736 -34.15 -7.12 -5.70
C HIS A 736 -34.01 -8.50 -5.11
N ASP A 737 -33.57 -9.46 -5.91
CA ASP A 737 -33.39 -10.82 -5.42
C ASP A 737 -32.35 -10.88 -4.32
N PHE A 738 -31.24 -10.19 -4.50
CA PHE A 738 -30.26 -10.14 -3.43
C PHE A 738 -30.87 -9.56 -2.18
N THR A 739 -31.69 -8.51 -2.34
CA THR A 739 -32.31 -7.90 -1.16
C THR A 739 -33.11 -8.93 -0.39
N GLN A 740 -33.99 -9.66 -1.09
CA GLN A 740 -34.85 -10.61 -0.40
C GLN A 740 -34.05 -11.72 0.27
N GLN A 741 -33.07 -12.28 -0.45
CA GLN A 741 -32.31 -13.37 0.14
C GLN A 741 -31.55 -12.91 1.37
N VAL A 742 -30.92 -11.74 1.31
CA VAL A 742 -30.18 -11.25 2.46
C VAL A 742 -31.11 -11.02 3.63
N GLN A 743 -32.27 -10.44 3.39
CA GLN A 743 -33.20 -10.20 4.49
C GLN A 743 -33.59 -11.51 5.16
N VAL A 744 -33.93 -12.51 4.36
CA VAL A 744 -34.38 -13.78 4.95
C VAL A 744 -33.25 -14.38 5.77
N ILE A 745 -32.05 -14.39 5.23
CA ILE A 745 -30.94 -14.98 5.97
C ILE A 745 -30.71 -14.24 7.27
N ASP A 746 -30.77 -12.91 7.24
CA ASP A 746 -30.53 -12.15 8.45
C ASP A 746 -31.57 -12.47 9.52
N MET A 747 -32.85 -12.51 9.13
CA MET A 747 -33.88 -12.81 10.11
C MET A 747 -33.68 -14.17 10.73
N LEU A 748 -33.44 -15.17 9.89
CA LEU A 748 -33.27 -16.51 10.41
C LEU A 748 -32.05 -16.59 11.31
N GLN A 749 -30.96 -15.94 10.93
CA GLN A 749 -29.77 -15.94 11.76
C GLN A 749 -30.04 -15.31 13.10
N LYS A 750 -30.77 -14.20 13.12
CA LYS A 750 -31.09 -13.54 14.37
C LYS A 750 -31.89 -14.46 15.27
N VAL A 751 -32.89 -15.13 14.71
CA VAL A 751 -33.68 -16.04 15.50
C VAL A 751 -32.81 -17.17 16.02
N THR A 752 -31.90 -17.67 15.19
CA THR A 752 -31.03 -18.77 15.60
C THR A 752 -30.16 -18.34 16.76
N ILE A 753 -29.57 -17.16 16.66
CA ILE A 753 -28.72 -16.68 17.74
C ILE A 753 -29.53 -16.54 19.01
N ASP A 754 -30.74 -16.01 18.90
CA ASP A 754 -31.58 -15.84 20.08
C ASP A 754 -31.91 -17.19 20.71
N ILE A 755 -32.25 -18.18 19.89
CA ILE A 755 -32.66 -19.49 20.42
C ILE A 755 -31.49 -20.22 21.05
N LYS A 756 -30.39 -20.35 20.31
CA LYS A 756 -29.26 -21.12 20.80
C LYS A 756 -28.73 -20.57 22.10
N SER A 757 -28.99 -19.30 22.40
CA SER A 757 -28.48 -18.68 23.61
C SER A 757 -28.85 -19.49 24.84
N LEU A 758 -30.00 -20.17 24.81
CA LEU A 758 -30.44 -20.97 25.94
C LEU A 758 -30.18 -22.45 25.70
N SER A 766 -35.36 -27.89 25.79
CA SER A 766 -36.45 -28.85 25.90
C SER A 766 -37.60 -28.44 25.00
N SER A 767 -38.77 -29.06 25.24
CA SER A 767 -39.95 -28.73 24.47
C SER A 767 -40.18 -27.23 24.45
N GLN A 768 -39.81 -26.55 25.53
CA GLN A 768 -39.92 -25.10 25.56
C GLN A 768 -39.16 -24.49 24.39
N VAL A 769 -37.97 -25.04 24.09
CA VAL A 769 -37.16 -24.49 23.02
C VAL A 769 -37.89 -24.63 21.68
N ILE A 770 -38.45 -25.81 21.43
CA ILE A 770 -39.14 -26.03 20.17
C ILE A 770 -40.36 -25.13 20.07
N SER A 771 -41.11 -25.00 21.17
CA SER A 771 -42.27 -24.14 21.15
C SER A 771 -41.89 -22.70 20.88
N GLN A 772 -40.81 -22.23 21.52
CA GLN A 772 -40.36 -20.87 21.30
C GLN A 772 -39.93 -20.68 19.84
N LEU A 773 -39.23 -21.65 19.29
CA LEU A 773 -38.80 -21.53 17.90
C LEU A 773 -40.00 -21.45 16.97
N LYS A 774 -41.00 -22.30 17.19
CA LYS A 774 -42.17 -22.29 16.34
C LYS A 774 -42.93 -20.98 16.49
N GLN A 775 -43.04 -20.49 17.73
CA GLN A 775 -43.67 -19.20 17.94
C GLN A 775 -42.93 -18.11 17.20
N LYS A 776 -41.60 -18.12 17.25
CA LYS A 776 -40.81 -17.10 16.59
C LYS A 776 -40.97 -17.16 15.09
N LEU A 777 -41.03 -18.37 14.54
CA LEU A 777 -41.27 -18.49 13.11
C LEU A 777 -42.64 -17.94 12.75
N GLU A 778 -43.64 -18.22 13.59
CA GLU A 778 -44.95 -17.67 13.35
C GLU A 778 -44.89 -16.16 13.33
N ASN A 779 -44.17 -15.58 14.29
CA ASN A 779 -44.01 -14.14 14.35
C ASN A 779 -43.31 -13.62 13.11
N LEU A 780 -42.28 -14.33 12.64
CA LEU A 780 -41.58 -13.90 11.43
C LEU A 780 -42.54 -13.85 10.25
N GLN A 781 -43.38 -14.87 10.10
CA GLN A 781 -44.45 -14.77 9.13
C GLN A 781 -45.25 -13.50 9.39
N ASN A 782 -45.58 -13.25 10.65
CA ASN A 782 -46.28 -12.02 10.99
C ASN A 782 -45.42 -10.81 10.64
N LEU A 783 -44.11 -10.97 10.70
CA LEU A 783 -43.19 -9.95 10.23
C LEU A 783 -43.07 -10.05 8.71
N ASN A 784 -42.17 -9.25 8.14
CA ASN A 784 -41.97 -9.21 6.70
C ASN A 784 -40.85 -10.17 6.31
N LEU A 785 -41.13 -11.45 6.49
CA LEU A 785 -40.24 -12.49 6.00
C LEU A 785 -40.67 -12.85 4.58
N PRO A 786 -39.99 -12.33 3.54
CA PRO A 786 -40.52 -12.43 2.18
C PRO A 786 -40.99 -13.83 1.83
N GLN A 787 -41.90 -13.92 0.88
CA GLN A 787 -42.52 -15.17 0.51
C GLN A 787 -41.77 -15.93 -0.57
N SER A 788 -40.81 -15.29 -1.23
CA SER A 788 -40.14 -15.90 -2.36
C SER A 788 -38.70 -15.44 -2.40
N PHE A 789 -37.80 -16.37 -2.71
CA PHE A 789 -36.40 -16.01 -2.84
C PHE A 789 -35.64 -17.20 -3.39
N ARG A 790 -34.69 -16.94 -4.27
CA ARG A 790 -33.90 -18.02 -4.83
C ARG A 790 -32.97 -18.57 -3.76
N VAL A 791 -32.95 -19.89 -3.63
CA VAL A 791 -32.08 -20.49 -2.62
C VAL A 791 -30.65 -20.11 -2.94
N PRO A 792 -29.79 -19.87 -1.95
CA PRO A 792 -28.43 -19.42 -2.25
C PRO A 792 -27.70 -20.35 -3.21
N TYR A 793 -27.54 -21.60 -2.82
CA TYR A 793 -26.70 -22.55 -3.54
C TYR A 793 -27.40 -23.19 -4.73
N ASP A 794 -28.50 -22.63 -5.21
CA ASP A 794 -29.20 -23.23 -6.33
C ASP A 794 -30.15 -22.21 -6.95
N PRO A 795 -29.64 -21.21 -7.67
CA PRO A 795 -30.49 -20.11 -8.10
C PRO A 795 -31.76 -20.51 -8.82
N GLY A 796 -31.77 -21.65 -9.46
CA GLY A 796 -32.98 -22.00 -10.17
C GLY A 796 -34.15 -22.38 -9.31
N LEU A 797 -33.96 -22.46 -7.99
CA LEU A 797 -34.96 -23.00 -7.08
C LEU A 797 -35.55 -21.87 -6.24
N LYS A 798 -36.84 -21.63 -6.42
CA LYS A 798 -37.53 -20.52 -5.75
C LYS A 798 -38.22 -21.04 -4.49
N ALA A 799 -37.69 -20.68 -3.34
CA ALA A 799 -38.33 -21.07 -2.10
C ALA A 799 -39.63 -20.30 -1.92
N GLY A 800 -40.62 -20.95 -1.31
CA GLY A 800 -41.90 -20.31 -1.08
C GLY A 800 -42.15 -19.94 0.36
N ALA A 801 -43.21 -20.48 0.95
CA ALA A 801 -43.62 -20.17 2.30
C ALA A 801 -43.26 -21.32 3.23
N LEU A 802 -42.76 -20.99 4.40
CA LEU A 802 -42.30 -22.00 5.34
C LEU A 802 -43.45 -22.89 5.78
N VAL A 803 -43.13 -24.14 6.07
CA VAL A 803 -44.07 -25.09 6.66
C VAL A 803 -43.74 -25.12 8.15
N ILE A 804 -44.47 -24.32 8.93
CA ILE A 804 -44.13 -24.08 10.32
C ILE A 804 -44.03 -25.38 11.09
N GLU A 805 -44.89 -26.35 10.77
CA GLU A 805 -44.97 -27.55 11.57
C GLU A 805 -43.80 -28.49 11.29
N LYS A 806 -43.38 -28.57 10.03
CA LYS A 806 -42.32 -29.50 9.67
C LYS A 806 -40.96 -29.10 10.23
N CYS A 807 -40.81 -27.88 10.74
CA CYS A 807 -39.53 -27.47 11.26
C CYS A 807 -39.26 -28.14 12.60
N LYS A 808 -38.00 -28.05 13.03
CA LYS A 808 -37.64 -28.53 14.36
C LYS A 808 -36.19 -28.23 14.65
N VAL A 809 -35.76 -28.53 15.87
CA VAL A 809 -34.39 -28.29 16.31
C VAL A 809 -33.70 -29.64 16.44
N MET A 810 -32.53 -29.76 15.85
CA MET A 810 -31.77 -30.99 15.98
C MET A 810 -31.09 -31.05 17.34
N ALA A 811 -30.65 -32.24 17.71
CA ALA A 811 -29.95 -32.47 18.95
C ALA A 811 -28.46 -32.53 18.63
N SER A 812 -27.76 -31.43 18.92
CA SER A 812 -26.32 -31.35 18.67
C SER A 812 -25.70 -30.41 19.67
N LYS A 813 -24.39 -30.58 19.84
CA LYS A 813 -23.66 -29.68 20.72
C LYS A 813 -23.84 -28.22 20.31
N LYS A 814 -24.08 -27.98 19.01
CA LYS A 814 -24.36 -26.65 18.53
C LYS A 814 -25.81 -26.47 18.11
N LYS A 815 -26.60 -27.53 18.09
CA LYS A 815 -28.02 -27.41 17.87
C LYS A 815 -28.33 -26.61 16.61
N PRO A 816 -28.15 -27.19 15.43
CA PRO A 816 -28.61 -26.54 14.21
C PRO A 816 -30.12 -26.40 14.19
N LEU A 817 -30.61 -25.56 13.29
CA LEU A 817 -32.03 -25.48 13.00
C LEU A 817 -32.34 -26.34 11.78
N TRP A 818 -33.56 -26.85 11.73
CA TRP A 818 -34.04 -27.67 10.63
C TRP A 818 -35.24 -26.99 9.98
N LEU A 819 -35.03 -26.26 8.89
CA LEU A 819 -36.13 -25.65 8.19
C LEU A 819 -36.54 -26.46 6.98
N GLU A 820 -37.82 -26.37 6.61
CA GLU A 820 -38.35 -27.11 5.47
C GLU A 820 -39.34 -26.20 4.74
N PHE A 821 -38.85 -25.50 3.73
CA PHE A 821 -39.70 -24.65 2.92
C PHE A 821 -40.46 -25.48 1.89
N LYS A 822 -41.26 -24.80 1.09
CA LYS A 822 -41.97 -25.42 -0.02
C LYS A 822 -41.90 -24.50 -1.22
N CYS A 823 -41.68 -25.08 -2.39
CA CYS A 823 -41.45 -24.29 -3.59
C CYS A 823 -42.62 -23.38 -3.89
N ALA A 824 -42.32 -22.22 -4.47
CA ALA A 824 -43.32 -21.25 -4.86
C ALA A 824 -43.74 -21.40 -6.32
N ASP A 825 -43.25 -22.42 -7.02
CA ASP A 825 -43.66 -22.64 -8.40
C ASP A 825 -44.95 -23.44 -8.42
N PRO A 826 -46.05 -22.91 -8.95
CA PRO A 826 -47.29 -23.71 -9.02
C PRO A 826 -47.18 -24.93 -9.91
N THR A 827 -46.20 -24.97 -10.81
CA THR A 827 -46.08 -26.04 -11.78
C THR A 827 -45.13 -27.15 -11.34
N ALA A 828 -44.65 -27.11 -10.10
CA ALA A 828 -43.79 -28.17 -9.61
C ALA A 828 -44.50 -29.51 -9.73
N LEU A 829 -43.80 -30.50 -10.30
CA LEU A 829 -44.41 -31.81 -10.50
C LEU A 829 -44.77 -32.45 -9.17
N SER A 830 -43.85 -32.41 -8.21
CA SER A 830 -44.00 -33.11 -6.94
C SER A 830 -44.15 -32.10 -5.81
N ASN A 831 -44.57 -32.62 -4.65
CA ASN A 831 -44.80 -31.83 -3.46
C ASN A 831 -43.65 -31.92 -2.47
N GLU A 832 -42.53 -32.51 -2.86
CA GLU A 832 -41.40 -32.63 -1.96
C GLU A 832 -41.00 -31.26 -1.43
N THR A 833 -40.66 -31.21 -0.15
CA THR A 833 -40.26 -29.95 0.45
C THR A 833 -38.82 -29.62 0.09
N ILE A 834 -38.44 -28.39 0.40
CA ILE A 834 -37.10 -27.89 0.19
C ILE A 834 -36.44 -27.85 1.56
N GLY A 835 -35.52 -28.75 1.80
CA GLY A 835 -34.90 -28.85 3.11
C GLY A 835 -33.73 -27.91 3.26
N ILE A 836 -33.51 -27.46 4.50
CA ILE A 836 -32.36 -26.63 4.83
C ILE A 836 -31.98 -26.89 6.27
N ILE A 837 -30.69 -26.88 6.52
CA ILE A 837 -30.16 -26.92 7.88
C ILE A 837 -29.41 -25.63 8.09
N PHE A 838 -29.70 -24.95 9.18
CA PHE A 838 -29.15 -23.64 9.47
C PHE A 838 -28.25 -23.77 10.68
N LYS A 839 -26.95 -23.77 10.45
CA LYS A 839 -26.01 -23.98 11.54
C LYS A 839 -25.35 -22.67 11.94
N HIS A 840 -25.02 -22.60 13.22
CA HIS A 840 -24.40 -21.42 13.80
C HIS A 840 -23.25 -21.86 14.68
N GLY A 841 -22.32 -20.95 14.91
CA GLY A 841 -21.22 -21.23 15.81
C GLY A 841 -20.16 -22.10 15.21
N ASP A 842 -19.94 -22.02 13.91
CA ASP A 842 -18.87 -22.78 13.27
C ASP A 842 -18.62 -22.30 11.86
N ASP A 843 -17.35 -22.07 11.51
CA ASP A 843 -17.00 -21.71 10.15
C ASP A 843 -17.12 -22.91 9.24
N LEU A 844 -17.61 -22.67 8.04
CA LEU A 844 -17.76 -23.71 7.04
C LEU A 844 -16.78 -23.59 5.90
N ARG A 845 -16.04 -22.48 5.80
CA ARG A 845 -15.20 -22.27 4.63
C ARG A 845 -14.34 -23.49 4.37
N GLN A 846 -13.87 -24.16 5.42
CA GLN A 846 -13.13 -25.39 5.19
C GLN A 846 -14.01 -26.39 4.44
N ASP A 847 -15.25 -26.55 4.91
CA ASP A 847 -16.17 -27.46 4.24
C ASP A 847 -16.46 -27.00 2.81
N MET A 848 -16.63 -25.70 2.61
CA MET A 848 -16.92 -25.22 1.27
C MET A 848 -15.77 -25.54 0.33
N LEU A 849 -14.54 -25.30 0.77
CA LEU A 849 -13.39 -25.60 -0.06
C LEU A 849 -13.28 -27.09 -0.35
N ILE A 850 -13.49 -27.92 0.66
CA ILE A 850 -13.36 -29.36 0.43
C ILE A 850 -14.42 -29.82 -0.56
N LEU A 851 -15.62 -29.26 -0.47
CA LEU A 851 -16.64 -29.65 -1.44
C LEU A 851 -16.26 -29.21 -2.84
N GLN A 852 -15.65 -28.03 -2.98
CA GLN A 852 -15.17 -27.65 -4.30
C GLN A 852 -14.15 -28.65 -4.80
N ILE A 853 -13.25 -29.09 -3.93
CA ILE A 853 -12.26 -30.07 -4.35
C ILE A 853 -12.93 -31.34 -4.82
N LEU A 854 -13.94 -31.80 -4.10
CA LEU A 854 -14.61 -33.02 -4.50
C LEU A 854 -15.30 -32.85 -5.84
N ARG A 855 -15.89 -31.69 -6.09
CA ARG A 855 -16.50 -31.46 -7.39
C ARG A 855 -15.47 -31.48 -8.50
N ILE A 856 -14.30 -30.89 -8.26
CA ILE A 856 -13.25 -30.92 -9.27
C ILE A 856 -12.87 -32.36 -9.57
N MET A 857 -12.68 -33.15 -8.51
CA MET A 857 -12.33 -34.55 -8.70
C MET A 857 -13.41 -35.28 -9.49
N GLU A 858 -14.67 -35.01 -9.18
CA GLU A 858 -15.75 -35.65 -9.90
C GLU A 858 -15.68 -35.31 -11.37
N SER A 859 -15.38 -34.06 -11.68
CA SER A 859 -15.24 -33.66 -13.07
C SER A 859 -14.12 -34.43 -13.74
N ILE A 860 -13.00 -34.60 -13.03
CA ILE A 860 -11.89 -35.36 -13.61
C ILE A 860 -12.33 -36.77 -13.96
N TRP A 861 -12.96 -37.44 -13.00
CA TRP A 861 -13.36 -38.82 -13.25
C TRP A 861 -14.36 -38.91 -14.38
N GLU A 862 -15.32 -37.98 -14.44
CA GLU A 862 -16.25 -37.97 -15.56
C GLU A 862 -15.48 -37.87 -16.87
N THR A 863 -14.51 -36.96 -16.94
CA THR A 863 -13.66 -36.90 -18.11
C THR A 863 -13.00 -38.24 -18.38
N GLU A 864 -12.77 -39.02 -17.31
CA GLU A 864 -12.21 -40.36 -17.45
C GLU A 864 -13.26 -41.40 -17.79
N SER A 865 -14.52 -41.00 -17.98
CA SER A 865 -15.57 -41.90 -18.44
C SER A 865 -15.79 -43.03 -17.43
N LEU A 866 -16.16 -42.63 -16.22
CA LEU A 866 -16.52 -43.57 -15.17
C LEU A 866 -17.72 -42.99 -14.44
N ASP A 867 -18.04 -43.58 -13.29
CA ASP A 867 -19.10 -43.05 -12.45
C ASP A 867 -18.87 -43.56 -11.02
N LEU A 868 -18.28 -42.70 -10.18
CA LEU A 868 -18.13 -43.04 -8.78
C LEU A 868 -19.35 -42.69 -7.94
N CYS A 869 -20.34 -42.03 -8.52
CA CYS A 869 -21.57 -41.72 -7.80
C CYS A 869 -21.28 -41.00 -6.49
N LEU A 870 -20.35 -40.05 -6.56
CA LEU A 870 -20.13 -39.19 -5.41
C LEU A 870 -21.36 -38.32 -5.18
N LEU A 871 -21.47 -37.78 -3.96
CA LEU A 871 -22.62 -36.97 -3.57
C LEU A 871 -22.15 -35.63 -3.02
N PRO A 872 -21.91 -34.65 -3.89
CA PRO A 872 -21.75 -33.28 -3.42
C PRO A 872 -23.09 -32.63 -3.15
N TYR A 873 -23.18 -31.91 -2.05
CA TYR A 873 -24.35 -31.12 -1.70
C TYR A 873 -23.95 -29.68 -1.44
N GLY A 874 -24.85 -28.76 -1.77
CA GLY A 874 -24.48 -27.36 -1.71
C GLY A 874 -24.45 -26.79 -0.32
N CYS A 875 -23.24 -26.61 0.21
CA CYS A 875 -23.02 -25.90 1.46
C CYS A 875 -22.57 -24.48 1.14
N ILE A 876 -22.69 -23.61 2.13
CA ILE A 876 -22.27 -22.23 1.92
C ILE A 876 -22.23 -21.50 3.25
N SER A 877 -21.35 -20.51 3.38
CA SER A 877 -21.33 -19.63 4.53
C SER A 877 -21.76 -18.24 4.11
N THR A 878 -22.50 -17.56 4.99
CA THR A 878 -23.02 -16.24 4.70
C THR A 878 -22.80 -15.27 5.85
N GLY A 879 -21.81 -15.54 6.70
CA GLY A 879 -21.46 -14.62 7.75
C GLY A 879 -20.47 -15.26 8.69
N ASP A 880 -20.33 -14.62 9.85
CA ASP A 880 -19.46 -15.15 10.88
C ASP A 880 -20.15 -16.32 11.58
N LYS A 881 -19.65 -17.53 11.35
CA LYS A 881 -20.13 -18.71 12.06
C LYS A 881 -21.61 -18.96 11.81
N ILE A 882 -22.09 -18.68 10.60
CA ILE A 882 -23.44 -19.01 10.21
C ILE A 882 -23.40 -19.61 8.82
N GLY A 883 -24.12 -20.70 8.63
CA GLY A 883 -24.07 -21.41 7.37
C GLY A 883 -25.41 -22.04 7.05
N MET A 884 -25.65 -22.19 5.76
CA MET A 884 -26.84 -22.85 5.24
C MET A 884 -26.41 -24.10 4.52
N ILE A 885 -27.09 -25.21 4.77
CA ILE A 885 -26.68 -26.49 4.22
C ILE A 885 -27.88 -27.16 3.58
N GLU A 886 -27.70 -27.68 2.36
CA GLU A 886 -28.74 -28.46 1.73
C GLU A 886 -29.04 -29.69 2.56
N ILE A 887 -30.27 -30.16 2.48
CA ILE A 887 -30.70 -31.34 3.22
C ILE A 887 -30.78 -32.50 2.25
N VAL A 888 -30.00 -33.55 2.51
CA VAL A 888 -30.07 -34.77 1.72
C VAL A 888 -31.29 -35.55 2.19
N LYS A 889 -32.30 -35.64 1.34
CA LYS A 889 -33.54 -36.28 1.74
C LYS A 889 -33.30 -37.76 2.00
N ASP A 890 -34.00 -38.30 3.00
CA ASP A 890 -33.99 -39.73 3.27
C ASP A 890 -32.57 -40.21 3.57
N ALA A 891 -32.01 -39.66 4.64
CA ALA A 891 -30.59 -39.82 4.93
C ALA A 891 -30.41 -39.99 6.42
N THR A 892 -29.74 -41.06 6.83
CA THR A 892 -29.53 -41.33 8.24
C THR A 892 -28.06 -41.62 8.52
N THR A 893 -27.56 -41.06 9.61
CA THR A 893 -26.19 -41.25 10.00
C THR A 893 -25.94 -42.70 10.38
N ILE A 894 -24.67 -43.11 10.28
CA ILE A 894 -24.35 -44.49 10.59
C ILE A 894 -24.41 -44.71 12.09
N ALA A 895 -24.08 -43.68 12.86
CA ALA A 895 -24.12 -43.82 14.31
C ALA A 895 -25.54 -44.16 14.77
N LYS A 896 -26.53 -43.45 14.23
CA LYS A 896 -27.92 -43.76 14.58
C LYS A 896 -28.25 -45.22 14.27
N ILE A 897 -27.94 -45.67 13.06
CA ILE A 897 -28.20 -47.07 12.72
C ILE A 897 -27.58 -47.97 13.78
N GLN A 898 -26.34 -47.67 14.19
CA GLN A 898 -25.70 -48.49 15.21
C GLN A 898 -26.47 -48.46 16.52
N GLN A 899 -26.91 -47.28 16.94
CA GLN A 899 -27.68 -47.15 18.17
C GLN A 899 -29.01 -47.87 18.09
N SER A 900 -29.53 -48.06 16.88
CA SER A 900 -30.84 -48.69 16.73
C SER A 900 -30.85 -50.08 17.34
N THR A 901 -29.81 -50.88 17.09
CA THR A 901 -29.72 -52.23 17.61
C THR A 901 -28.83 -52.29 18.84
N VAL A 902 -27.57 -51.90 18.69
CA VAL A 902 -26.63 -51.98 19.82
C VAL A 902 -27.05 -51.02 20.92
N GLY A 903 -27.33 -49.78 20.57
CA GLY A 903 -27.69 -48.78 21.55
C GLY A 903 -26.53 -47.87 21.90
N ASN A 904 -26.06 -47.94 23.15
CA ASN A 904 -25.04 -47.05 23.67
C ASN A 904 -23.98 -47.84 24.42
N THR A 905 -23.48 -48.92 23.80
CA THR A 905 -22.45 -49.75 24.41
C THR A 905 -21.11 -49.60 23.69
N GLY A 906 -21.07 -49.84 22.38
CA GLY A 906 -19.84 -49.72 21.64
C GLY A 906 -19.67 -50.83 20.61
N ALA A 907 -20.33 -51.96 20.83
CA ALA A 907 -20.25 -53.06 19.86
C ALA A 907 -20.79 -52.60 18.51
N PHE A 908 -20.19 -53.12 17.45
CA PHE A 908 -20.53 -52.75 16.08
C PHE A 908 -20.78 -54.03 15.28
N LYS A 909 -21.99 -54.57 15.38
CA LYS A 909 -22.34 -55.72 14.57
C LYS A 909 -22.37 -55.32 13.10
N ASP A 910 -21.90 -56.22 12.25
CA ASP A 910 -21.78 -55.91 10.83
C ASP A 910 -23.08 -56.11 10.09
N GLU A 911 -23.95 -56.99 10.59
CA GLU A 911 -25.21 -57.28 9.95
C GLU A 911 -26.20 -56.12 10.03
N VAL A 912 -25.93 -55.15 10.89
CA VAL A 912 -26.92 -54.10 11.14
C VAL A 912 -27.16 -53.29 9.88
N LEU A 913 -26.09 -52.81 9.26
CA LEU A 913 -26.24 -51.95 8.09
C LEU A 913 -26.90 -52.72 6.95
N SER A 914 -26.46 -53.95 6.72
CA SER A 914 -27.07 -54.76 5.67
C SER A 914 -28.53 -55.01 5.96
N HIS A 915 -28.86 -55.31 7.22
CA HIS A 915 -30.26 -55.55 7.56
C HIS A 915 -31.10 -54.31 7.33
N TRP A 916 -30.60 -53.14 7.75
CA TRP A 916 -31.35 -51.91 7.54
C TRP A 916 -31.58 -51.65 6.06
N LEU A 917 -30.54 -51.80 5.26
CA LEU A 917 -30.66 -51.56 3.84
C LEU A 917 -31.63 -52.55 3.20
N LYS A 918 -31.53 -53.82 3.57
CA LYS A 918 -32.42 -54.82 3.00
C LYS A 918 -33.86 -54.54 3.38
N GLU A 919 -34.10 -54.14 4.63
CA GLU A 919 -35.46 -53.82 5.06
C GLU A 919 -35.99 -52.65 4.24
N LYS A 920 -35.16 -51.63 4.04
CA LYS A 920 -35.59 -50.46 3.28
C LYS A 920 -35.75 -50.74 1.80
N CYS A 921 -35.33 -51.91 1.33
CA CYS A 921 -35.35 -52.25 -0.09
C CYS A 921 -36.06 -53.60 -0.26
N PRO A 922 -37.38 -53.63 -0.13
CA PRO A 922 -38.08 -54.92 -0.26
C PRO A 922 -37.83 -55.63 -1.57
N ILE A 923 -37.73 -54.89 -2.68
CA ILE A 923 -37.52 -55.51 -3.98
C ILE A 923 -36.03 -55.86 -4.12
N GLU A 924 -35.77 -57.10 -4.52
CA GLU A 924 -34.39 -57.57 -4.61
C GLU A 924 -33.61 -56.81 -5.66
N GLU A 925 -34.24 -56.47 -6.78
CA GLU A 925 -33.54 -55.68 -7.79
C GLU A 925 -33.11 -54.34 -7.21
N LYS A 926 -34.01 -53.71 -6.45
CA LYS A 926 -33.63 -52.47 -5.78
C LYS A 926 -32.48 -52.73 -4.81
N PHE A 927 -32.51 -53.85 -4.12
CA PHE A 927 -31.42 -54.18 -3.20
C PHE A 927 -30.09 -54.28 -3.93
N GLN A 928 -30.08 -54.97 -5.07
CA GLN A 928 -28.84 -55.12 -5.81
C GLN A 928 -28.34 -53.79 -6.34
N ALA A 929 -29.24 -52.98 -6.88
CA ALA A 929 -28.84 -51.67 -7.37
C ALA A 929 -28.27 -50.83 -6.23
N ALA A 930 -28.92 -50.88 -5.07
CA ALA A 930 -28.43 -50.12 -3.92
C ALA A 930 -27.07 -50.60 -3.50
N VAL A 931 -26.84 -51.92 -3.50
CA VAL A 931 -25.52 -52.42 -3.12
C VAL A 931 -24.47 -51.92 -4.10
N GLU A 932 -24.78 -51.96 -5.39
CA GLU A 932 -23.82 -51.50 -6.38
C GLU A 932 -23.48 -50.03 -6.15
N ARG A 933 -24.50 -49.20 -5.98
CA ARG A 933 -24.25 -47.79 -5.78
C ARG A 933 -23.48 -47.57 -4.49
N PHE A 934 -23.76 -48.37 -3.47
CA PHE A 934 -23.04 -48.26 -2.21
C PHE A 934 -21.56 -48.54 -2.40
N VAL A 935 -21.25 -49.60 -3.15
CA VAL A 935 -19.84 -49.90 -3.40
C VAL A 935 -19.19 -48.73 -4.13
N TYR A 936 -19.86 -48.22 -5.17
CA TYR A 936 -19.29 -47.11 -5.92
C TYR A 936 -18.97 -45.94 -5.00
N SER A 937 -19.96 -45.50 -4.22
CA SER A 937 -19.76 -44.31 -3.40
C SER A 937 -18.69 -44.57 -2.35
N CYS A 938 -18.67 -45.77 -1.76
CA CYS A 938 -17.65 -46.05 -0.77
C CYS A 938 -16.28 -45.94 -1.40
N ALA A 939 -16.10 -46.49 -2.60
CA ALA A 939 -14.81 -46.38 -3.26
C ALA A 939 -14.44 -44.93 -3.49
N GLY A 940 -15.36 -44.15 -4.04
CA GLY A 940 -15.04 -42.77 -4.35
C GLY A 940 -14.65 -41.98 -3.12
N TYR A 941 -15.43 -42.11 -2.06
CA TYR A 941 -15.13 -41.35 -0.85
C TYR A 941 -13.84 -41.82 -0.21
N CYS A 942 -13.58 -43.13 -0.20
CA CYS A 942 -12.33 -43.60 0.36
C CYS A 942 -11.16 -42.99 -0.38
N VAL A 943 -11.21 -43.00 -1.71
CA VAL A 943 -10.11 -42.45 -2.49
C VAL A 943 -9.93 -40.98 -2.18
N ALA A 944 -11.04 -40.22 -2.17
CA ALA A 944 -10.93 -38.77 -1.98
C ALA A 944 -10.37 -38.44 -0.61
N THR A 945 -10.90 -39.06 0.43
CA THR A 945 -10.42 -38.75 1.78
C THR A 945 -8.96 -39.13 1.92
N PHE A 946 -8.57 -40.28 1.37
CA PHE A 946 -7.17 -40.66 1.44
C PHE A 946 -6.29 -39.65 0.74
N VAL A 947 -6.72 -39.20 -0.44
CA VAL A 947 -5.91 -38.23 -1.19
C VAL A 947 -5.75 -36.95 -0.38
N LEU A 948 -6.83 -36.45 0.18
CA LEU A 948 -6.75 -35.24 0.98
C LEU A 948 -6.29 -35.51 2.40
N GLY A 949 -6.06 -36.78 2.76
CA GLY A 949 -5.52 -37.09 4.07
C GLY A 949 -6.41 -36.71 5.22
N ILE A 950 -7.72 -36.90 5.08
CA ILE A 950 -8.65 -36.60 6.16
C ILE A 950 -9.57 -37.79 6.36
N GLY A 951 -9.14 -38.97 5.94
CA GLY A 951 -9.98 -40.16 6.03
C GLY A 951 -10.16 -40.69 7.43
N ASP A 952 -9.48 -40.13 8.42
CA ASP A 952 -9.62 -40.58 9.81
C ASP A 952 -10.88 -39.95 10.43
N ARG A 953 -12.00 -40.23 9.80
CA ARG A 953 -13.28 -39.66 10.22
C ARG A 953 -13.91 -40.54 11.27
N HIS A 954 -14.36 -39.93 12.35
CA HIS A 954 -15.08 -40.69 13.37
C HIS A 954 -16.27 -41.39 12.73
N ASN A 955 -16.77 -42.41 13.41
CA ASN A 955 -17.90 -43.18 12.91
C ASN A 955 -19.22 -42.48 13.15
N ASP A 956 -19.20 -41.17 13.41
CA ASP A 956 -20.41 -40.42 13.74
C ASP A 956 -20.47 -39.14 12.92
N ASN A 957 -20.03 -39.22 11.66
CA ASN A 957 -20.17 -38.09 10.75
C ASN A 957 -20.54 -38.53 9.35
N ILE A 958 -20.82 -39.81 9.13
CA ILE A 958 -21.07 -40.34 7.82
C ILE A 958 -22.56 -40.62 7.69
N MET A 959 -23.12 -40.23 6.56
CA MET A 959 -24.54 -40.43 6.30
C MET A 959 -24.69 -41.50 5.25
N ILE A 960 -25.89 -42.07 5.18
CA ILE A 960 -26.24 -43.01 4.14
C ILE A 960 -27.68 -42.77 3.73
N SER A 961 -27.92 -42.80 2.42
CA SER A 961 -29.26 -42.60 1.91
C SER A 961 -29.99 -43.93 1.80
N GLU A 962 -31.31 -43.86 1.76
CA GLU A 962 -32.11 -45.06 1.59
C GLU A 962 -31.86 -45.72 0.25
N THR A 963 -31.35 -44.97 -0.73
CA THR A 963 -31.01 -45.52 -2.03
C THR A 963 -29.72 -46.31 -2.01
N GLY A 964 -29.17 -46.58 -0.84
CA GLY A 964 -27.87 -47.21 -0.75
C GLY A 964 -26.71 -46.28 -0.94
N ASN A 965 -26.97 -45.01 -1.22
CA ASN A 965 -25.90 -44.06 -1.43
C ASN A 965 -25.32 -43.62 -0.09
N LEU A 966 -24.02 -43.35 -0.10
CA LEU A 966 -23.28 -43.03 1.11
C LEU A 966 -22.56 -41.71 0.89
N PHE A 967 -22.27 -41.00 1.97
CA PHE A 967 -21.52 -39.74 1.84
C PHE A 967 -21.13 -39.27 3.23
N HIS A 968 -20.38 -38.18 3.29
CA HIS A 968 -19.89 -37.62 4.54
C HIS A 968 -20.45 -36.21 4.73
N ILE A 969 -20.24 -35.69 5.93
CA ILE A 969 -20.64 -34.35 6.30
C ILE A 969 -19.72 -33.85 7.39
N ASP A 970 -19.84 -32.56 7.73
CA ASP A 970 -19.11 -31.97 8.85
C ASP A 970 -17.61 -31.93 8.59
N PHE A 971 -17.23 -31.36 7.44
CA PHE A 971 -15.82 -31.17 7.15
C PHE A 971 -15.29 -29.89 7.79
N GLY A 972 -15.54 -29.69 9.08
CA GLY A 972 -15.18 -28.43 9.70
C GLY A 972 -14.26 -28.57 10.88
N HIS A 973 -14.23 -29.77 11.48
CA HIS A 973 -13.31 -30.07 12.58
C HIS A 973 -12.10 -30.86 12.12
N ILE A 974 -12.14 -31.42 10.91
CA ILE A 974 -11.14 -32.39 10.49
C ILE A 974 -9.90 -31.76 9.88
N LEU A 975 -9.92 -30.47 9.58
CA LEU A 975 -8.76 -29.83 8.96
C LEU A 975 -7.50 -30.04 9.80
N LYS A 986 -1.30 -43.59 18.94
CA LYS A 986 -1.42 -42.56 17.92
C LYS A 986 -1.56 -43.18 16.54
N GLU A 987 -2.14 -44.38 16.49
CA GLU A 987 -2.37 -45.02 15.21
C GLU A 987 -3.25 -44.13 14.34
N ARG A 988 -2.90 -44.03 13.07
CA ARG A 988 -3.61 -43.20 12.10
C ARG A 988 -4.07 -44.09 10.96
N VAL A 989 -5.30 -44.60 11.06
CA VAL A 989 -5.84 -45.43 9.98
C VAL A 989 -5.99 -44.59 8.72
N PRO A 990 -5.73 -45.13 7.55
CA PRO A 990 -5.86 -44.31 6.33
C PRO A 990 -7.25 -43.73 6.16
N PHE A 991 -8.26 -44.59 6.10
CA PHE A 991 -9.62 -44.12 5.91
C PHE A 991 -10.58 -45.15 6.49
N VAL A 992 -11.83 -44.74 6.66
CA VAL A 992 -12.82 -45.57 7.35
C VAL A 992 -13.31 -46.63 6.37
N LEU A 993 -12.99 -47.88 6.66
CA LEU A 993 -13.46 -49.03 5.89
C LEU A 993 -13.92 -50.13 6.84
N THR A 994 -14.76 -49.76 7.80
CA THR A 994 -15.17 -50.63 8.89
C THR A 994 -15.61 -52.01 8.41
N PRO A 995 -15.47 -53.04 9.26
CA PRO A 995 -15.86 -54.39 8.83
C PRO A 995 -17.31 -54.49 8.42
N ASP A 996 -18.17 -53.62 8.95
CA ASP A 996 -19.57 -53.63 8.53
C ASP A 996 -19.68 -53.45 7.03
N PHE A 997 -18.83 -52.60 6.45
CA PHE A 997 -18.81 -52.47 5.01
C PHE A 997 -18.42 -53.77 4.35
N LEU A 998 -17.45 -54.49 4.93
CA LEU A 998 -17.07 -55.78 4.39
C LEU A 998 -18.26 -56.73 4.36
N PHE A 999 -19.01 -56.76 5.45
CA PHE A 999 -20.21 -57.61 5.49
C PHE A 999 -21.19 -57.18 4.42
N VAL A 1000 -21.38 -55.88 4.25
CA VAL A 1000 -22.27 -55.39 3.20
C VAL A 1000 -21.83 -55.94 1.85
N MET A 1001 -20.54 -55.83 1.55
CA MET A 1001 -20.00 -56.40 0.33
C MET A 1001 -19.91 -57.90 0.42
N GLY A 1002 -20.08 -58.48 1.60
CA GLY A 1002 -20.22 -59.90 1.77
C GLY A 1002 -18.95 -60.64 2.11
N THR A 1003 -17.79 -60.05 1.84
CA THR A 1003 -16.52 -60.74 2.03
C THR A 1003 -15.97 -60.41 3.43
N SER A 1004 -16.68 -60.92 4.42
CA SER A 1004 -16.25 -60.72 5.80
C SER A 1004 -14.92 -61.42 6.04
N GLY A 1005 -14.26 -61.04 7.13
CA GLY A 1005 -12.97 -61.62 7.45
C GLY A 1005 -11.97 -61.35 6.34
N LYS A 1006 -11.16 -62.36 6.04
CA LYS A 1006 -10.19 -62.28 4.96
C LYS A 1006 -10.65 -63.00 3.71
N LYS A 1007 -11.92 -63.42 3.66
CA LYS A 1007 -12.46 -64.07 2.49
C LYS A 1007 -12.72 -63.02 1.41
N THR A 1008 -13.11 -63.48 0.22
CA THR A 1008 -13.30 -62.59 -0.90
C THR A 1008 -14.44 -63.10 -1.76
N SER A 1009 -14.98 -62.22 -2.59
CA SER A 1009 -16.07 -62.56 -3.48
C SER A 1009 -16.04 -61.59 -4.66
N LEU A 1010 -17.06 -61.70 -5.52
CA LEU A 1010 -17.11 -60.85 -6.69
C LEU A 1010 -17.22 -59.38 -6.31
N HIS A 1011 -18.04 -59.07 -5.30
CA HIS A 1011 -18.25 -57.67 -4.94
C HIS A 1011 -16.95 -57.01 -4.50
N PHE A 1012 -16.17 -57.70 -3.67
CA PHE A 1012 -14.93 -57.12 -3.19
C PHE A 1012 -13.97 -56.83 -4.33
N GLN A 1013 -13.86 -57.77 -5.26
CA GLN A 1013 -12.97 -57.57 -6.40
C GLN A 1013 -13.46 -56.42 -7.28
N LYS A 1014 -14.76 -56.31 -7.50
CA LYS A 1014 -15.26 -55.19 -8.27
C LYS A 1014 -14.91 -53.88 -7.58
N PHE A 1015 -15.09 -53.84 -6.27
CA PHE A 1015 -14.76 -52.64 -5.51
C PHE A 1015 -13.30 -52.28 -5.71
N GLN A 1016 -12.41 -53.25 -5.56
CA GLN A 1016 -10.99 -52.98 -5.70
C GLN A 1016 -10.64 -52.53 -7.11
N ASP A 1017 -11.23 -53.17 -8.12
CA ASP A 1017 -10.93 -52.80 -9.50
C ASP A 1017 -11.32 -51.37 -9.78
N VAL A 1018 -12.53 -50.99 -9.37
CA VAL A 1018 -12.98 -49.62 -9.58
C VAL A 1018 -12.10 -48.66 -8.81
N CYS A 1019 -11.72 -49.02 -7.59
CA CYS A 1019 -10.89 -48.12 -6.81
C CYS A 1019 -9.56 -47.87 -7.50
N VAL A 1020 -8.93 -48.92 -8.02
CA VAL A 1020 -7.64 -48.75 -8.67
C VAL A 1020 -7.80 -47.95 -9.96
N LYS A 1021 -8.83 -48.25 -10.75
CA LYS A 1021 -9.04 -47.48 -11.96
C LYS A 1021 -9.17 -46.00 -11.65
N ALA A 1022 -10.01 -45.67 -10.67
CA ALA A 1022 -10.17 -44.27 -10.30
C ALA A 1022 -8.87 -43.68 -9.78
N TYR A 1023 -8.14 -44.46 -8.98
CA TYR A 1023 -6.92 -43.95 -8.37
C TYR A 1023 -5.88 -43.59 -9.42
N LEU A 1024 -5.68 -44.45 -10.40
CA LEU A 1024 -4.72 -44.13 -11.45
C LEU A 1024 -5.20 -42.98 -12.32
N ALA A 1025 -6.46 -43.03 -12.74
CA ALA A 1025 -6.99 -41.94 -13.54
C ALA A 1025 -6.77 -40.62 -12.81
N LEU A 1026 -6.91 -40.62 -11.49
CA LEU A 1026 -6.70 -39.41 -10.72
C LEU A 1026 -5.24 -39.02 -10.66
N ARG A 1027 -4.36 -39.99 -10.43
CA ARG A 1027 -2.95 -39.67 -10.36
C ARG A 1027 -2.48 -39.05 -11.65
N HIS A 1028 -3.22 -39.25 -12.74
CA HIS A 1028 -2.84 -38.58 -13.97
C HIS A 1028 -2.83 -37.05 -13.86
N HIS A 1029 -3.29 -36.46 -12.76
CA HIS A 1029 -3.35 -35.00 -12.61
C HIS A 1029 -2.72 -34.56 -11.30
N THR A 1030 -1.54 -35.11 -11.02
CA THR A 1030 -0.86 -34.82 -9.77
C THR A 1030 -0.57 -33.33 -9.63
N ASN A 1031 -0.16 -32.69 -10.71
CA ASN A 1031 0.16 -31.26 -10.64
C ASN A 1031 -1.03 -30.46 -10.16
N LEU A 1032 -2.17 -30.64 -10.81
CA LEU A 1032 -3.35 -29.87 -10.43
C LEU A 1032 -3.74 -30.16 -9.00
N LEU A 1033 -3.75 -31.42 -8.61
CA LEU A 1033 -4.15 -31.73 -7.24
C LEU A 1033 -3.22 -31.05 -6.24
N ILE A 1034 -1.91 -31.13 -6.47
CA ILE A 1034 -0.99 -30.58 -5.51
C ILE A 1034 -1.15 -29.08 -5.42
N ILE A 1035 -1.26 -28.41 -6.56
CA ILE A 1035 -1.35 -26.96 -6.50
C ILE A 1035 -2.63 -26.53 -5.78
N LEU A 1036 -3.75 -27.18 -6.08
CA LEU A 1036 -4.99 -26.79 -5.42
C LEU A 1036 -4.93 -27.07 -3.92
N PHE A 1037 -4.39 -28.21 -3.53
CA PHE A 1037 -4.30 -28.52 -2.11
C PHE A 1037 -3.42 -27.52 -1.39
N SER A 1038 -2.29 -27.15 -1.99
CA SER A 1038 -1.42 -26.17 -1.37
C SER A 1038 -2.12 -24.83 -1.24
N MET A 1039 -2.85 -24.41 -2.27
CA MET A 1039 -3.58 -23.16 -2.17
C MET A 1039 -4.59 -23.21 -1.05
N MET A 1040 -5.31 -24.32 -0.94
CA MET A 1040 -6.28 -24.46 0.13
C MET A 1040 -5.61 -24.29 1.49
N LEU A 1041 -4.51 -25.01 1.71
CA LEU A 1041 -3.85 -24.89 3.01
C LEU A 1041 -3.38 -23.47 3.26
N MET A 1042 -2.84 -22.82 2.24
CA MET A 1042 -2.32 -21.47 2.43
C MET A 1042 -3.44 -20.52 2.83
N THR A 1043 -4.55 -20.55 2.12
CA THR A 1043 -5.64 -19.61 2.34
C THR A 1043 -6.80 -20.22 3.11
N GLY A 1044 -6.63 -21.39 3.70
CA GLY A 1044 -7.71 -22.05 4.39
C GLY A 1044 -7.62 -21.87 5.89
N MET A 1045 -7.09 -22.88 6.58
CA MET A 1045 -7.02 -22.82 8.02
C MET A 1045 -6.26 -21.58 8.45
N PRO A 1046 -6.66 -20.96 9.57
CA PRO A 1046 -5.98 -19.72 9.99
C PRO A 1046 -4.60 -19.95 10.57
N GLN A 1047 -4.41 -21.02 11.33
CA GLN A 1047 -3.13 -21.24 11.98
C GLN A 1047 -2.02 -21.35 10.96
N LEU A 1048 -0.81 -21.01 11.39
CA LEU A 1048 0.34 -21.06 10.49
C LEU A 1048 0.53 -22.48 9.96
N THR A 1049 0.89 -22.59 8.69
CA THR A 1049 1.09 -23.87 8.03
C THR A 1049 2.57 -24.12 7.82
N SER A 1050 2.93 -25.41 7.76
CA SER A 1050 4.30 -25.83 7.55
C SER A 1050 4.34 -26.82 6.40
N LYS A 1051 5.53 -26.95 5.81
CA LYS A 1051 5.69 -27.82 4.64
C LYS A 1051 5.38 -29.27 4.95
N GLU A 1052 5.17 -29.64 6.22
CA GLU A 1052 4.89 -31.03 6.54
C GLU A 1052 3.62 -31.50 5.84
N ASP A 1053 2.63 -30.60 5.73
CA ASP A 1053 1.36 -31.00 5.15
C ASP A 1053 1.54 -31.29 3.68
N ILE A 1054 2.27 -30.42 2.99
CA ILE A 1054 2.43 -30.60 1.57
C ILE A 1054 3.33 -31.81 1.34
N GLU A 1055 4.24 -32.06 2.29
CA GLU A 1055 5.06 -33.26 2.23
C GLU A 1055 4.17 -34.49 2.21
N TYR A 1056 3.26 -34.58 3.18
CA TYR A 1056 2.34 -35.70 3.22
C TYR A 1056 1.60 -35.85 1.91
N ILE A 1057 0.90 -34.79 1.48
CA ILE A 1057 0.11 -34.92 0.26
C ILE A 1057 0.97 -35.52 -0.85
N ARG A 1058 2.18 -34.98 -1.04
CA ARG A 1058 3.02 -35.52 -2.09
C ARG A 1058 3.12 -37.01 -1.86
N ASP A 1059 3.78 -37.39 -0.77
CA ASP A 1059 3.96 -38.79 -0.40
C ASP A 1059 2.78 -39.64 -0.85
N ALA A 1060 1.58 -39.27 -0.41
CA ALA A 1060 0.39 -40.08 -0.62
C ALA A 1060 0.26 -40.52 -2.07
N LEU A 1061 0.10 -39.57 -2.98
CA LEU A 1061 -0.16 -39.88 -4.38
C LEU A 1061 0.87 -40.83 -4.99
N THR A 1062 2.01 -41.03 -4.33
CA THR A 1062 3.07 -41.85 -4.88
C THR A 1062 3.62 -41.22 -6.16
N VAL A 1063 4.00 -39.94 -6.06
CA VAL A 1063 4.48 -39.24 -7.22
C VAL A 1063 5.71 -39.95 -7.77
N GLY A 1064 5.87 -39.90 -9.09
CA GLY A 1064 7.06 -40.43 -9.73
C GLY A 1064 7.31 -41.89 -9.46
N LYS A 1065 6.28 -42.72 -9.58
CA LYS A 1065 6.41 -44.15 -9.38
C LYS A 1065 5.59 -44.89 -10.43
N SER A 1066 6.02 -46.13 -10.69
CA SER A 1066 5.38 -46.92 -11.73
C SER A 1066 3.93 -47.18 -11.39
N GLU A 1067 3.15 -47.53 -12.41
CA GLU A 1067 1.75 -47.84 -12.18
C GLU A 1067 1.61 -49.02 -11.24
N GLU A 1068 2.41 -50.06 -11.42
CA GLU A 1068 2.34 -51.21 -10.52
C GLU A 1068 2.72 -50.80 -9.10
N ASP A 1069 3.66 -49.87 -8.96
CA ASP A 1069 4.01 -49.41 -7.62
C ASP A 1069 2.82 -48.75 -6.95
N ALA A 1070 2.12 -47.89 -7.67
CA ALA A 1070 0.94 -47.25 -7.11
C ALA A 1070 -0.13 -48.27 -6.78
N LYS A 1071 -0.33 -49.24 -7.66
CA LYS A 1071 -1.31 -50.29 -7.40
C LYS A 1071 -0.99 -51.00 -6.11
N LYS A 1072 0.27 -51.41 -5.96
CA LYS A 1072 0.68 -52.12 -4.75
C LYS A 1072 0.50 -51.23 -3.52
N TYR A 1073 0.89 -49.97 -3.61
CA TYR A 1073 0.78 -49.07 -2.47
C TYR A 1073 -0.67 -48.90 -2.04
N PHE A 1074 -1.56 -48.70 -3.01
CA PHE A 1074 -2.96 -48.51 -2.68
C PHE A 1074 -3.56 -49.78 -2.10
N LEU A 1075 -3.22 -50.94 -2.65
CA LEU A 1075 -3.71 -52.18 -2.09
C LEU A 1075 -3.19 -52.38 -0.68
N ASP A 1076 -1.95 -51.94 -0.43
CA ASP A 1076 -1.41 -52.02 0.92
C ASP A 1076 -2.23 -51.17 1.88
N GLN A 1077 -2.60 -49.96 1.45
CA GLN A 1077 -3.45 -49.13 2.30
C GLN A 1077 -4.78 -49.81 2.56
N ILE A 1078 -5.37 -50.42 1.52
CA ILE A 1078 -6.65 -51.08 1.70
C ILE A 1078 -6.52 -52.20 2.71
N GLU A 1079 -5.47 -53.00 2.61
CA GLU A 1079 -5.30 -54.12 3.52
C GLU A 1079 -5.05 -53.63 4.94
N VAL A 1080 -4.30 -52.54 5.09
CA VAL A 1080 -4.08 -51.98 6.42
C VAL A 1080 -5.39 -51.55 7.04
N CYS A 1081 -6.24 -50.87 6.25
CA CYS A 1081 -7.55 -50.48 6.77
C CYS A 1081 -8.36 -51.72 7.15
N ARG A 1082 -8.30 -52.76 6.32
CA ARG A 1082 -9.06 -53.96 6.61
C ARG A 1082 -8.64 -54.59 7.93
N ASP A 1083 -7.32 -54.67 8.16
CA ASP A 1083 -6.80 -55.39 9.30
C ASP A 1083 -7.32 -54.81 10.62
N LYS A 1084 -7.23 -53.50 10.79
CA LYS A 1084 -7.41 -52.91 12.12
C LYS A 1084 -8.80 -53.17 12.68
N GLY A 1085 -9.85 -52.96 11.88
CA GLY A 1085 -11.19 -53.15 12.37
C GLY A 1085 -11.73 -51.96 13.14
N TRP A 1086 -12.46 -52.22 14.22
CA TRP A 1086 -13.16 -51.17 14.96
C TRP A 1086 -12.29 -50.49 16.00
N THR A 1087 -11.03 -50.87 16.12
CA THR A 1087 -10.22 -50.40 17.24
C THR A 1087 -10.13 -48.88 17.26
N VAL A 1088 -9.74 -48.28 16.14
CA VAL A 1088 -9.53 -46.84 16.12
C VAL A 1088 -10.85 -46.10 16.32
N GLN A 1089 -11.91 -46.53 15.64
CA GLN A 1089 -13.20 -45.88 15.80
C GLN A 1089 -13.73 -46.06 17.21
N PHE A 1090 -13.51 -47.23 17.80
CA PHE A 1090 -13.93 -47.44 19.18
C PHE A 1090 -13.17 -46.51 20.12
N ASN A 1091 -11.87 -46.33 19.88
CA ASN A 1091 -11.10 -45.40 20.69
C ASN A 1091 -11.61 -43.98 20.51
N TRP A 1092 -11.99 -43.63 19.28
CA TRP A 1092 -12.57 -42.31 19.04
C TRP A 1092 -13.87 -42.15 19.83
N PHE A 1093 -14.70 -43.19 19.84
CA PHE A 1093 -15.93 -43.15 20.60
C PHE A 1093 -15.65 -42.92 22.08
N LEU A 1094 -14.69 -43.66 22.63
CA LEU A 1094 -14.36 -43.49 24.03
C LEU A 1094 -13.85 -42.07 24.30
N HIS A 1095 -13.00 -41.56 23.42
CA HIS A 1095 -12.43 -40.23 23.62
C HIS A 1095 -13.52 -39.18 23.60
N LEU A 1096 -14.45 -39.27 22.65
CA LEU A 1096 -15.56 -38.31 22.59
C LEU A 1096 -16.43 -38.41 23.82
N VAL A 1097 -16.72 -39.62 24.28
CA VAL A 1097 -17.50 -39.78 25.50
C VAL A 1097 -16.76 -39.15 26.68
N LEU A 1098 -15.46 -39.38 26.77
CA LEU A 1098 -14.64 -38.78 27.81
C LEU A 1098 -14.58 -37.27 27.66
N THR B 7 52.57 17.87 -4.57
CA THR B 7 53.75 18.57 -4.08
C THR B 7 53.79 18.54 -2.56
N CYS B 8 54.97 18.84 -2.00
CA CYS B 8 55.09 18.84 -0.55
C CYS B 8 54.15 19.86 0.08
N THR B 9 54.09 21.07 -0.48
CA THR B 9 53.12 22.04 0.01
C THR B 9 51.69 21.56 -0.22
N GLU B 10 51.44 20.96 -1.38
CA GLU B 10 50.12 20.40 -1.65
C GLU B 10 49.80 19.27 -0.67
N ASP B 11 50.79 18.42 -0.39
CA ASP B 11 50.56 17.34 0.57
C ASP B 11 50.26 17.90 1.94
N ARG B 12 50.96 18.96 2.35
CA ARG B 12 50.67 19.58 3.62
C ARG B 12 49.28 20.19 3.63
N ILE B 13 48.85 20.74 2.50
CA ILE B 13 47.49 21.27 2.41
C ILE B 13 46.48 20.16 2.63
N GLN B 14 46.69 19.02 1.97
CA GLN B 14 45.80 17.88 2.15
C GLN B 14 45.80 17.42 3.59
N HIS B 15 46.98 17.35 4.20
CA HIS B 15 47.09 16.93 5.58
C HIS B 15 46.35 17.86 6.51
N ALA B 16 46.51 19.17 6.31
CA ALA B 16 45.81 20.14 7.15
C ALA B 16 44.30 20.01 6.97
N LEU B 17 43.85 19.84 5.73
CA LEU B 17 42.43 19.67 5.48
C LEU B 17 41.91 18.42 6.17
N GLU B 18 42.65 17.32 6.07
CA GLU B 18 42.23 16.08 6.72
C GLU B 18 42.13 16.27 8.22
N ARG B 19 43.14 16.92 8.81
CA ARG B 19 43.13 17.14 10.25
C ARG B 19 41.94 18.00 10.64
N CYS B 20 41.58 18.96 9.79
CA CYS B 20 40.40 19.78 10.05
C CYS B 20 39.14 18.92 10.08
N LEU B 21 38.96 18.09 9.05
CA LEU B 21 37.74 17.30 8.91
C LEU B 21 37.38 16.57 10.20
N HIS B 22 38.26 15.69 10.65
CA HIS B 22 38.11 14.93 11.90
C HIS B 22 37.16 15.58 12.90
N CYS B 38 38.46 23.09 15.23
CA CYS B 38 39.44 23.73 16.09
C CYS B 38 40.20 24.79 15.30
N LEU B 39 41.41 25.11 15.75
CA LEU B 39 42.24 26.07 15.05
C LEU B 39 42.67 25.57 13.69
N ASN B 40 42.37 24.31 13.34
CA ASN B 40 42.71 23.79 12.03
C ASN B 40 42.12 24.67 10.93
N CYS B 41 40.89 25.15 11.12
CA CYS B 41 40.26 25.97 10.09
C CYS B 41 41.05 27.25 9.86
N TRP B 42 41.36 27.97 10.94
CA TRP B 42 42.12 29.20 10.81
C TRP B 42 43.48 28.93 10.19
N SER B 43 44.16 27.88 10.67
CA SER B 43 45.48 27.56 10.14
C SER B 43 45.40 27.32 8.64
N LEU B 44 44.38 26.55 8.21
CA LEU B 44 44.24 26.26 6.79
C LEU B 44 43.99 27.55 6.02
N GLN B 45 43.15 28.43 6.57
CA GLN B 45 42.88 29.70 5.91
C GLN B 45 44.17 30.46 5.70
N GLU B 46 44.98 30.54 6.75
CA GLU B 46 46.25 31.26 6.64
C GLU B 46 47.11 30.63 5.58
N LEU B 47 47.23 29.31 5.62
CA LEU B 47 48.12 28.62 4.68
C LEU B 47 47.70 28.93 3.25
N VAL B 48 46.40 28.81 2.96
CA VAL B 48 45.96 29.04 1.59
C VAL B 48 46.18 30.50 1.22
N SER B 49 46.15 31.39 2.22
CA SER B 49 46.18 32.82 1.90
C SER B 49 47.54 33.28 1.42
N ARG B 50 48.55 32.43 1.45
CA ARG B 50 49.90 32.86 1.10
C ARG B 50 50.10 32.94 -0.41
N ASP B 51 49.51 32.02 -1.17
CA ASP B 51 49.68 31.97 -2.61
C ASP B 51 48.34 31.77 -3.28
N PRO B 52 48.01 32.53 -4.32
CA PRO B 52 46.75 32.26 -5.05
C PRO B 52 46.67 30.84 -5.58
N GLY B 53 47.77 30.29 -6.07
CA GLY B 53 47.72 28.96 -6.63
C GLY B 53 47.17 27.95 -5.65
N HIS B 54 47.59 28.03 -4.39
CA HIS B 54 47.06 27.15 -3.36
C HIS B 54 45.57 26.93 -3.53
N PHE B 55 44.83 28.03 -3.72
CA PHE B 55 43.38 27.93 -3.86
C PHE B 55 43.00 26.79 -4.81
N LEU B 56 43.41 26.90 -6.07
CA LEU B 56 43.03 25.87 -7.02
C LEU B 56 43.46 24.51 -6.50
N ILE B 57 44.72 24.40 -6.06
CA ILE B 57 45.18 23.14 -5.49
C ILE B 57 44.19 22.64 -4.47
N LEU B 58 43.88 23.47 -3.48
CA LEU B 58 42.93 23.07 -2.45
C LEU B 58 41.61 22.63 -3.07
N LEU B 59 41.07 23.46 -3.97
CA LEU B 59 39.78 23.13 -4.55
C LEU B 59 39.82 21.77 -5.22
N GLU B 60 40.96 21.38 -5.76
CA GLU B 60 41.06 20.06 -6.34
C GLU B 60 40.88 18.98 -5.28
N GLN B 61 41.64 19.05 -4.20
CA GLN B 61 41.61 18.01 -3.18
C GLN B 61 40.18 17.77 -2.69
N ILE B 62 39.47 18.85 -2.40
CA ILE B 62 38.09 18.70 -1.95
C ILE B 62 37.28 17.90 -2.97
N LEU B 63 37.32 18.33 -4.23
CA LEU B 63 36.53 17.61 -5.23
C LEU B 63 36.96 16.17 -5.33
N GLN B 64 38.19 15.85 -4.94
CA GLN B 64 38.54 14.44 -4.78
C GLN B 64 37.80 13.84 -3.60
N LYS B 65 38.06 14.36 -2.40
CA LYS B 65 37.46 13.78 -1.21
C LYS B 65 35.94 13.82 -1.30
N THR B 66 35.39 14.93 -1.78
CA THR B 66 33.95 15.01 -1.98
C THR B 66 33.45 13.81 -2.78
N ARG B 67 34.07 13.56 -3.92
CA ARG B 67 33.63 12.45 -4.76
C ARG B 67 33.63 11.16 -3.96
N GLU B 68 34.64 10.98 -3.10
CA GLU B 68 34.69 9.78 -2.29
C GLU B 68 33.39 9.56 -1.55
N VAL B 69 32.92 10.57 -0.83
CA VAL B 69 31.67 10.43 -0.10
C VAL B 69 30.53 10.13 -1.05
N GLN B 70 30.53 10.79 -2.21
CA GLN B 70 29.46 10.57 -3.17
C GLN B 70 29.25 9.10 -3.46
N GLU B 71 30.25 8.26 -3.18
CA GLU B 71 30.09 6.83 -3.35
C GLU B 71 29.89 6.10 -2.03
N LYS B 72 30.57 6.53 -0.96
CA LYS B 72 30.47 5.81 0.31
C LYS B 72 29.17 6.09 1.03
N GLY B 73 28.47 7.17 0.69
CA GLY B 73 27.22 7.45 1.34
C GLY B 73 27.35 7.70 2.83
N THR B 74 28.38 8.43 3.25
CA THR B 74 28.51 8.86 4.65
C THR B 74 28.05 10.31 4.73
N TYR B 75 26.89 10.51 5.34
CA TYR B 75 26.24 11.80 5.27
C TYR B 75 27.01 12.87 6.04
N ASP B 76 27.58 12.49 7.17
CA ASP B 76 28.05 13.48 8.13
C ASP B 76 29.07 14.42 7.52
N LEU B 77 30.03 13.89 6.78
CA LEU B 77 31.10 14.72 6.26
C LEU B 77 30.62 15.69 5.19
N LEU B 78 29.40 15.55 4.70
CA LEU B 78 28.95 16.40 3.60
C LEU B 78 28.85 17.86 4.02
N ALA B 79 28.22 18.13 5.16
CA ALA B 79 27.96 19.51 5.53
C ALA B 79 29.24 20.31 5.70
N PRO B 80 30.26 19.85 6.41
CA PRO B 80 31.47 20.67 6.54
C PRO B 80 32.09 21.00 5.20
N LEU B 81 32.36 19.99 4.37
CA LEU B 81 33.02 20.25 3.10
C LEU B 81 32.32 21.34 2.33
N ALA B 82 31.00 21.24 2.21
CA ALA B 82 30.25 22.27 1.51
C ALA B 82 30.77 23.65 1.91
N LEU B 83 30.72 23.94 3.21
CA LEU B 83 31.16 25.25 3.68
C LEU B 83 32.55 25.58 3.19
N LEU B 84 33.50 24.67 3.42
CA LEU B 84 34.85 24.90 2.98
C LEU B 84 34.87 25.31 1.52
N PHE B 85 34.19 24.52 0.69
CA PHE B 85 34.14 24.86 -0.72
C PHE B 85 33.57 26.25 -0.89
N TYR B 86 32.38 26.49 -0.34
CA TYR B 86 31.78 27.80 -0.51
C TYR B 86 32.65 28.89 0.05
N SER B 87 33.54 28.54 0.99
CA SER B 87 34.51 29.51 1.44
C SER B 87 35.63 29.66 0.42
N THR B 88 36.26 28.55 0.06
CA THR B 88 37.45 28.62 -0.76
C THR B 88 37.18 29.35 -2.06
N VAL B 89 36.15 28.95 -2.78
CA VAL B 89 35.84 29.61 -4.05
C VAL B 89 35.61 31.08 -3.84
N LEU B 90 34.96 31.44 -2.75
CA LEU B 90 34.65 32.84 -2.56
C LEU B 90 35.87 33.69 -2.24
N CYS B 91 37.02 33.07 -1.99
CA CYS B 91 38.22 33.82 -1.64
C CYS B 91 39.27 33.84 -2.74
N THR B 92 39.23 32.90 -3.68
CA THR B 92 40.25 32.84 -4.71
C THR B 92 40.26 34.13 -5.53
N PRO B 93 41.44 34.65 -5.89
CA PRO B 93 41.45 35.93 -6.62
C PRO B 93 41.01 35.82 -8.07
N HIS B 94 41.49 34.82 -8.80
CA HIS B 94 41.20 34.73 -10.22
C HIS B 94 41.14 33.28 -10.65
N PHE B 95 40.30 33.01 -11.64
CA PHE B 95 40.19 31.69 -12.25
C PHE B 95 40.61 31.76 -13.70
N PRO B 96 41.79 31.25 -14.06
CA PRO B 96 42.17 31.23 -15.46
C PRO B 96 41.14 30.46 -16.27
N PRO B 97 40.80 30.95 -17.46
CA PRO B 97 39.82 30.22 -18.28
C PRO B 97 40.28 28.83 -18.63
N ASP B 98 41.58 28.56 -18.63
CA ASP B 98 42.07 27.21 -18.85
C ASP B 98 41.53 26.26 -17.78
N SER B 99 41.51 26.72 -16.54
CA SER B 99 40.98 25.90 -15.46
C SER B 99 39.52 25.56 -15.72
N ASP B 100 39.18 24.29 -15.52
CA ASP B 100 37.81 23.83 -15.65
C ASP B 100 37.26 23.34 -14.32
N LEU B 101 37.94 23.62 -13.22
CA LEU B 101 37.56 22.99 -11.97
C LEU B 101 36.09 23.22 -11.65
N LEU B 102 35.55 24.36 -12.06
CA LEU B 102 34.13 24.60 -11.83
C LEU B 102 33.27 23.58 -12.54
N LEU B 103 33.64 23.17 -13.75
CA LEU B 103 32.89 22.13 -14.41
C LEU B 103 32.94 20.85 -13.59
N LYS B 104 34.11 20.54 -13.02
CA LYS B 104 34.21 19.34 -12.21
C LYS B 104 33.28 19.43 -11.01
N ALA B 105 33.27 20.58 -10.34
CA ALA B 105 32.36 20.75 -9.21
C ALA B 105 30.91 20.62 -9.64
N ALA B 106 30.57 21.22 -10.78
CA ALA B 106 29.19 21.17 -11.25
C ALA B 106 28.75 19.73 -11.53
N ARG B 107 29.58 18.98 -12.23
CA ARG B 107 29.24 17.59 -12.51
C ARG B 107 29.16 16.78 -11.23
N THR B 108 30.10 17.00 -10.30
CA THR B 108 30.09 16.22 -9.08
C THR B 108 28.84 16.49 -8.26
N TYR B 109 28.44 17.75 -8.15
CA TYR B 109 27.27 18.05 -7.32
C TYR B 109 25.96 17.85 -8.04
N HIS B 110 25.98 17.75 -9.37
CA HIS B 110 24.73 17.54 -10.09
C HIS B 110 24.14 16.17 -9.85
N ARG B 111 24.90 15.25 -9.27
CA ARG B 111 24.41 13.92 -8.99
C ARG B 111 24.02 13.71 -7.53
N PHE B 112 23.93 14.77 -6.74
CA PHE B 112 23.51 14.60 -5.35
C PHE B 112 22.01 14.74 -5.15
N LEU B 113 21.26 15.19 -6.16
CA LEU B 113 19.84 15.45 -5.98
C LEU B 113 19.08 14.21 -5.57
N THR B 114 19.64 13.02 -5.82
CA THR B 114 19.02 11.82 -5.30
C THR B 114 19.15 11.71 -3.80
N TRP B 115 19.92 12.58 -3.18
CA TRP B 115 20.12 12.47 -1.74
C TRP B 115 18.91 12.99 -0.98
N PRO B 116 18.80 12.63 0.28
CA PRO B 116 17.61 13.01 1.04
C PRO B 116 17.55 14.50 1.29
N VAL B 117 16.56 14.92 2.09
CA VAL B 117 16.48 16.28 2.59
C VAL B 117 17.18 16.29 3.94
N PRO B 118 17.89 17.36 4.31
CA PRO B 118 18.12 18.63 3.60
C PRO B 118 19.37 18.69 2.71
N TYR B 119 20.17 17.63 2.63
CA TYR B 119 21.39 17.70 1.86
C TYR B 119 21.12 18.23 0.47
N CYS B 120 20.00 17.82 -0.11
CA CYS B 120 19.65 18.33 -1.42
C CYS B 120 19.57 19.85 -1.40
N SER B 121 19.15 20.43 -0.28
CA SER B 121 19.09 21.89 -0.21
C SER B 121 20.46 22.50 -0.33
N ILE B 122 21.44 21.95 0.37
CA ILE B 122 22.80 22.46 0.31
C ILE B 122 23.33 22.36 -1.12
N CYS B 123 23.11 21.21 -1.74
CA CYS B 123 23.59 21.02 -3.10
C CYS B 123 22.90 21.98 -4.07
N GLN B 124 21.61 22.23 -3.88
CA GLN B 124 20.94 23.16 -4.77
C GLN B 124 21.53 24.55 -4.64
N GLU B 125 21.77 24.99 -3.41
CA GLU B 125 22.34 26.31 -3.20
C GLU B 125 23.72 26.41 -3.84
N LEU B 126 24.53 25.37 -3.69
CA LEU B 126 25.85 25.40 -4.33
C LEU B 126 25.73 25.44 -5.83
N LEU B 127 24.77 24.71 -6.39
CA LEU B 127 24.62 24.76 -7.84
C LEU B 127 24.28 26.17 -8.29
N THR B 128 23.39 26.84 -7.58
CA THR B 128 23.06 28.20 -7.95
C THR B 128 24.30 29.08 -7.89
N PHE B 129 25.07 28.94 -6.81
CA PHE B 129 26.27 29.75 -6.65
C PHE B 129 27.28 29.49 -7.76
N ILE B 130 27.45 28.23 -8.13
CA ILE B 130 28.41 27.89 -9.17
C ILE B 130 27.97 28.45 -10.50
N ASP B 131 26.68 28.38 -10.80
CA ASP B 131 26.22 29.01 -12.04
C ASP B 131 26.55 30.49 -12.02
N ALA B 132 26.28 31.15 -10.90
CA ALA B 132 26.61 32.56 -10.80
C ALA B 132 28.07 32.80 -11.10
N GLU B 133 28.96 32.04 -10.46
CA GLU B 133 30.39 32.28 -10.65
C GLU B 133 30.81 32.05 -12.09
N LEU B 134 30.36 30.96 -12.71
CA LEU B 134 30.74 30.71 -14.09
C LEU B 134 30.28 31.83 -14.99
N LYS B 135 29.03 32.28 -14.83
CA LYS B 135 28.54 33.31 -15.73
C LYS B 135 29.40 34.57 -15.65
N ALA B 136 29.75 35.00 -14.44
CA ALA B 136 30.49 36.24 -14.26
C ALA B 136 31.31 36.14 -12.98
N PRO B 137 32.58 35.77 -13.07
CA PRO B 137 33.37 35.57 -11.85
C PRO B 137 33.42 36.83 -11.00
N GLY B 138 33.54 36.62 -9.69
CA GLY B 138 33.66 37.69 -8.75
C GLY B 138 32.36 38.25 -8.25
N ILE B 139 31.23 37.83 -8.81
CA ILE B 139 29.95 38.39 -8.41
C ILE B 139 29.75 38.19 -6.91
N SER B 140 30.05 36.99 -6.41
CA SER B 140 29.78 36.70 -5.01
C SER B 140 30.58 37.60 -4.11
N TYR B 141 31.87 37.76 -4.41
CA TYR B 141 32.71 38.60 -3.57
C TYR B 141 32.21 40.03 -3.55
N GLN B 142 31.88 40.56 -4.72
CA GLN B 142 31.42 41.93 -4.77
C GLN B 142 30.12 42.10 -3.99
N ARG B 143 29.20 41.14 -4.14
CA ARG B 143 27.94 41.25 -3.40
C ARG B 143 28.19 41.25 -1.90
N LEU B 144 29.02 40.32 -1.44
CA LEU B 144 29.25 40.24 -0.01
C LEU B 144 29.88 41.52 0.52
N VAL B 145 30.90 42.01 -0.16
CA VAL B 145 31.59 43.21 0.33
C VAL B 145 30.68 44.43 0.24
N ARG B 146 29.92 44.57 -0.85
CA ARG B 146 29.04 45.72 -0.97
C ARG B 146 27.98 45.72 0.12
N ALA B 147 27.42 44.55 0.43
CA ALA B 147 26.45 44.49 1.52
C ALA B 147 27.12 44.82 2.85
N GLU B 148 28.35 44.32 3.05
CA GLU B 148 29.03 44.53 4.32
C GLU B 148 29.34 46.01 4.55
N GLN B 149 29.98 46.66 3.57
CA GLN B 149 30.32 48.06 3.71
C GLN B 149 29.12 48.98 3.52
N GLY B 150 28.06 48.47 2.90
CA GLY B 150 26.85 49.25 2.70
C GLY B 150 26.86 50.18 1.51
N LEU B 151 27.95 50.23 0.74
CA LEU B 151 28.04 51.14 -0.40
C LEU B 151 27.26 50.57 -1.58
N SER B 152 25.97 50.32 -1.33
CA SER B 152 25.15 49.62 -2.29
C SER B 152 24.70 50.56 -3.40
N THR B 153 24.36 49.96 -4.54
CA THR B 153 23.88 50.69 -5.70
C THR B 153 22.39 50.99 -5.54
N ARG B 154 21.92 51.95 -6.36
CA ARG B 154 20.51 52.33 -6.31
C ARG B 154 19.62 51.17 -6.75
N SER B 155 20.00 50.48 -7.83
CA SER B 155 19.18 49.36 -8.29
C SER B 155 19.14 48.26 -7.24
N HIS B 156 20.28 47.97 -6.61
CA HIS B 156 20.39 46.98 -5.54
C HIS B 156 20.84 47.72 -4.29
N ARG B 157 19.88 48.24 -3.54
CA ARG B 157 20.16 48.97 -2.31
C ARG B 157 20.02 48.02 -1.12
N SER B 158 21.13 47.66 -0.52
CA SER B 158 21.15 46.79 0.65
C SER B 158 22.33 47.15 1.51
N SER B 159 22.29 46.73 2.76
CA SER B 159 23.34 47.07 3.72
C SER B 159 23.47 45.94 4.72
N THR B 160 24.30 46.18 5.75
CA THR B 160 24.60 45.19 6.76
C THR B 160 24.99 45.93 8.04
N VAL B 161 24.89 45.22 9.16
CA VAL B 161 25.18 45.80 10.47
C VAL B 161 25.84 44.74 11.33
N THR B 162 26.52 45.20 12.38
CA THR B 162 27.14 44.31 13.36
C THR B 162 27.01 44.93 14.74
N VAL B 163 26.31 44.27 15.63
CA VAL B 163 26.07 44.74 17.00
C VAL B 163 26.68 43.74 17.96
N LEU B 164 27.49 44.24 18.88
CA LEU B 164 28.15 43.43 19.90
C LEU B 164 27.62 43.85 21.27
N LEU B 165 26.67 43.10 21.79
CA LEU B 165 26.11 43.36 23.12
C LEU B 165 26.92 42.58 24.15
N LEU B 166 27.54 43.30 25.08
CA LEU B 166 28.42 42.68 26.07
C LEU B 166 27.99 43.08 27.48
N ASN B 167 28.19 42.14 28.40
CA ASN B 167 28.12 42.44 29.82
C ASN B 167 29.54 42.53 30.34
N PRO B 168 30.05 43.72 30.69
CA PRO B 168 31.48 43.83 31.01
C PRO B 168 31.96 42.85 32.04
N VAL B 169 31.20 42.63 33.11
CA VAL B 169 31.66 41.71 34.16
C VAL B 169 31.66 40.28 33.65
N GLU B 170 30.54 39.85 33.06
CA GLU B 170 30.45 38.48 32.58
C GLU B 170 31.44 38.23 31.45
N VAL B 171 31.55 39.17 30.53
CA VAL B 171 32.44 39.03 29.38
C VAL B 171 33.86 39.32 29.82
N GLN B 172 34.77 38.38 29.55
CA GLN B 172 36.15 38.51 30.02
C GLN B 172 36.88 39.60 29.25
N ALA B 173 37.98 40.08 29.86
CA ALA B 173 38.72 41.20 29.28
C ALA B 173 39.20 40.90 27.87
N GLU B 174 39.58 39.65 27.61
CA GLU B 174 40.01 39.29 26.26
C GLU B 174 38.88 39.50 25.27
N PHE B 175 37.67 39.07 25.64
CA PHE B 175 36.51 39.28 24.78
C PHE B 175 36.25 40.77 24.60
N LEU B 176 36.42 41.56 25.67
CA LEU B 176 36.23 42.99 25.59
C LEU B 176 37.21 43.61 24.60
N ASP B 177 38.47 43.16 24.64
CA ASP B 177 39.45 43.66 23.70
C ASP B 177 39.06 43.31 22.27
N VAL B 178 38.57 42.09 22.07
CA VAL B 178 38.12 41.68 20.75
C VAL B 178 37.01 42.60 20.26
N ALA B 179 36.02 42.86 21.11
CA ALA B 179 34.92 43.72 20.71
C ALA B 179 35.40 45.13 20.39
N ASP B 180 36.27 45.68 21.23
CA ASP B 180 36.75 47.03 20.98
C ASP B 180 37.50 47.09 19.66
N LYS B 181 38.34 46.09 19.39
CA LYS B 181 39.06 46.08 18.12
C LYS B 181 38.10 46.03 16.95
N LEU B 182 37.08 45.17 17.04
CA LEU B 182 36.14 45.02 15.94
C LEU B 182 35.33 46.30 15.71
N SER B 183 34.92 46.97 16.79
CA SER B 183 34.22 48.24 16.63
C SER B 183 35.12 49.34 16.11
N THR B 184 36.43 49.11 16.04
CA THR B 184 37.33 50.13 15.54
C THR B 184 37.02 50.43 14.08
N PRO B 185 36.80 51.69 13.71
CA PRO B 185 36.51 52.02 12.29
C PRO B 185 37.76 52.12 11.43
N GLY B 186 38.32 50.97 11.08
CA GLY B 186 39.54 50.90 10.32
C GLY B 186 39.45 51.47 8.91
N PRO B 187 38.46 51.03 8.14
CA PRO B 187 38.42 51.37 6.71
C PRO B 187 37.57 52.61 6.42
N SER B 188 37.63 53.02 5.16
CA SER B 188 36.88 54.15 4.65
C SER B 188 36.23 53.78 3.34
N PRO B 189 35.12 54.43 2.99
CA PRO B 189 34.44 54.06 1.73
C PRO B 189 35.34 54.19 0.52
N HIS B 190 36.24 55.17 0.51
CA HIS B 190 37.17 55.32 -0.60
C HIS B 190 38.01 54.06 -0.75
N SER B 191 38.56 53.57 0.35
CA SER B 191 39.31 52.33 0.31
C SER B 191 38.42 51.16 -0.12
N ALA B 192 37.15 51.20 0.28
CA ALA B 192 36.23 50.15 -0.15
C ALA B 192 36.11 50.11 -1.66
N TYR B 193 35.91 51.27 -2.28
CA TYR B 193 35.83 51.33 -3.73
C TYR B 193 37.14 50.86 -4.35
N ILE B 194 38.26 51.29 -3.79
CA ILE B 194 39.55 50.88 -4.32
C ILE B 194 39.65 49.37 -4.34
N THR B 195 39.38 48.74 -3.21
CA THR B 195 39.52 47.30 -3.09
C THR B 195 38.55 46.59 -4.03
N LEU B 196 37.31 47.05 -4.09
CA LEU B 196 36.32 46.35 -4.89
C LEU B 196 36.66 46.40 -6.37
N LEU B 197 37.09 47.57 -6.85
CA LEU B 197 37.43 47.67 -8.26
C LEU B 197 38.68 46.87 -8.58
N LEU B 198 39.68 46.94 -7.71
CA LEU B 198 40.89 46.17 -7.94
C LEU B 198 40.57 44.69 -7.98
N HIS B 199 39.76 44.22 -7.03
CA HIS B 199 39.43 42.80 -7.00
C HIS B 199 38.67 42.39 -8.24
N ALA B 200 37.69 43.18 -8.64
CA ALA B 200 36.90 42.81 -9.81
C ALA B 200 37.78 42.69 -11.03
N PHE B 201 38.62 43.69 -11.27
CA PHE B 201 39.44 43.67 -12.46
C PHE B 201 40.45 42.52 -12.41
N GLN B 202 41.06 42.29 -11.25
CA GLN B 202 42.00 41.19 -11.16
C GLN B 202 41.31 39.87 -11.49
N ALA B 203 40.18 39.60 -10.85
CA ALA B 203 39.51 38.33 -11.08
C ALA B 203 39.12 38.17 -12.54
N THR B 204 38.63 39.24 -13.16
CA THR B 204 38.14 39.11 -14.52
C THR B 204 39.28 38.96 -15.53
N PHE B 205 40.34 39.76 -15.41
CA PHE B 205 41.39 39.84 -16.43
C PHE B 205 42.63 39.05 -16.06
N GLY B 206 42.58 38.24 -15.01
CA GLY B 206 43.76 37.45 -14.75
C GLY B 206 44.94 38.34 -14.40
N ALA B 207 46.13 37.88 -14.77
CA ALA B 207 47.37 38.57 -14.44
C ALA B 207 47.75 39.64 -15.46
N HIS B 208 46.94 39.85 -16.49
CA HIS B 208 47.26 40.77 -17.55
C HIS B 208 47.02 42.22 -17.18
N CYS B 209 46.86 42.51 -15.89
CA CYS B 209 46.70 43.87 -15.39
C CYS B 209 47.77 44.15 -14.34
N ASP B 210 48.17 45.42 -14.26
CA ASP B 210 49.09 45.88 -13.22
C ASP B 210 48.28 46.54 -12.12
N LEU B 211 47.97 45.76 -11.08
CA LEU B 211 47.17 46.31 -9.99
C LEU B 211 47.81 47.56 -9.40
N SER B 212 49.15 47.61 -9.37
CA SER B 212 49.80 48.80 -8.82
C SER B 212 49.46 50.04 -9.62
N GLY B 213 49.51 49.95 -10.95
CA GLY B 213 49.21 51.10 -11.77
C GLY B 213 47.77 51.56 -11.61
N LEU B 214 46.83 50.61 -11.60
CA LEU B 214 45.44 50.97 -11.41
C LEU B 214 45.22 51.59 -10.05
N HIS B 215 45.86 51.04 -9.03
CA HIS B 215 45.75 51.62 -7.69
C HIS B 215 46.25 53.05 -7.68
N ARG B 216 47.40 53.29 -8.31
CA ARG B 216 47.96 54.63 -8.36
C ARG B 216 47.00 55.59 -9.07
N ARG B 217 46.43 55.15 -10.21
CA ARG B 217 45.51 56.02 -10.94
C ARG B 217 44.25 56.30 -10.11
N LEU B 218 43.78 55.31 -9.38
CA LEU B 218 42.56 55.50 -8.58
C LEU B 218 42.82 56.42 -7.40
N GLN B 219 43.98 56.30 -6.76
CA GLN B 219 44.25 57.11 -5.57
C GLN B 219 44.09 58.58 -5.86
N SER B 220 44.32 59.00 -7.09
CA SER B 220 44.07 60.38 -7.50
C SER B 220 42.60 60.64 -7.79
N LYS B 221 41.80 59.61 -7.97
CA LYS B 221 40.41 59.78 -8.39
C LYS B 221 39.52 60.10 -7.20
N THR B 222 38.52 60.96 -7.44
CA THR B 222 37.64 61.46 -6.39
C THR B 222 36.62 60.40 -6.00
N LEU B 223 36.00 60.62 -4.84
CA LEU B 223 35.03 59.66 -4.34
C LEU B 223 33.83 59.53 -5.26
N ALA B 224 33.34 60.64 -5.79
CA ALA B 224 32.13 60.60 -6.61
C ALA B 224 32.36 59.76 -7.86
N GLU B 225 33.43 60.04 -8.58
CA GLU B 225 33.72 59.31 -9.80
C GLU B 225 33.99 57.84 -9.49
N LEU B 226 34.71 57.57 -8.40
CA LEU B 226 34.99 56.19 -8.03
C LEU B 226 33.70 55.43 -7.77
N GLU B 227 32.79 56.04 -7.02
CA GLU B 227 31.53 55.37 -6.73
C GLU B 227 30.71 55.17 -7.99
N ALA B 228 30.70 56.16 -8.88
CA ALA B 228 29.95 56.00 -10.12
C ALA B 228 30.50 54.84 -10.94
N ILE B 229 31.83 54.77 -11.07
CA ILE B 229 32.44 53.70 -11.83
C ILE B 229 32.15 52.35 -11.17
N PHE B 230 32.22 52.31 -9.85
CA PHE B 230 31.93 51.07 -9.12
C PHE B 230 30.50 50.64 -9.34
N THR B 231 29.55 51.57 -9.29
CA THR B 231 28.16 51.23 -9.52
C THR B 231 27.98 50.69 -10.93
N GLU B 232 28.58 51.34 -11.92
CA GLU B 232 28.45 50.87 -13.29
C GLU B 232 29.06 49.48 -13.44
N THR B 233 30.21 49.25 -12.83
CA THR B 233 30.86 47.94 -12.91
C THR B 233 29.99 46.87 -12.27
N ALA B 234 29.39 47.18 -11.13
CA ALA B 234 28.52 46.21 -10.48
C ALA B 234 27.29 45.92 -11.35
N GLU B 235 26.74 46.95 -11.98
CA GLU B 235 25.61 46.75 -12.87
C GLU B 235 25.98 45.85 -14.03
N ALA B 236 27.15 46.09 -14.62
CA ALA B 236 27.60 45.21 -15.70
C ALA B 236 27.79 43.79 -15.19
N GLN B 237 28.31 43.66 -13.97
CA GLN B 237 28.50 42.35 -13.36
C GLN B 237 27.17 41.61 -13.31
N GLU B 238 26.18 42.23 -12.68
CA GLU B 238 24.88 41.60 -12.52
C GLU B 238 24.27 41.26 -13.87
N LEU B 239 24.37 42.19 -14.82
CA LEU B 239 23.81 41.94 -16.14
C LEU B 239 24.44 40.71 -16.75
N ALA B 240 25.76 40.60 -16.67
CA ALA B 240 26.44 39.42 -17.21
C ALA B 240 25.95 38.17 -16.50
N SER B 241 25.82 38.24 -15.18
CA SER B 241 25.31 37.10 -14.43
C SER B 241 23.92 36.71 -14.90
N GLY B 242 23.14 37.66 -15.41
CA GLY B 242 21.82 37.34 -15.91
C GLY B 242 21.80 36.68 -17.28
N ILE B 243 22.89 36.80 -18.03
CA ILE B 243 22.92 36.25 -19.39
C ILE B 243 22.79 34.74 -19.33
N GLY B 244 22.23 34.17 -20.39
CA GLY B 244 22.01 32.73 -20.47
C GLY B 244 23.28 31.94 -20.60
N ASP B 245 24.00 32.13 -21.71
CA ASP B 245 25.21 31.36 -21.98
C ASP B 245 26.39 31.99 -21.24
N ALA B 246 26.92 31.27 -20.25
CA ALA B 246 28.05 31.78 -19.48
C ALA B 246 29.28 31.95 -20.35
N ALA B 247 29.51 31.02 -21.28
CA ALA B 247 30.69 31.11 -22.12
C ALA B 247 30.76 32.46 -22.83
N GLU B 248 29.67 32.84 -23.50
CA GLU B 248 29.67 34.13 -24.18
C GLU B 248 29.55 35.28 -23.19
N ALA B 249 28.87 35.05 -22.07
CA ALA B 249 28.68 36.11 -21.10
C ALA B 249 30.01 36.58 -20.53
N ARG B 250 30.94 35.65 -20.30
CA ARG B 250 32.23 36.02 -19.75
C ARG B 250 32.98 36.95 -20.69
N GLN B 251 33.03 36.59 -21.97
CA GLN B 251 33.70 37.45 -22.94
C GLN B 251 32.98 38.79 -23.07
N TRP B 252 31.66 38.76 -23.06
CA TRP B 252 30.89 40.00 -23.17
C TRP B 252 31.22 40.94 -22.01
N LEU B 253 31.27 40.40 -20.79
CA LEU B 253 31.58 41.23 -19.63
C LEU B 253 33.02 41.69 -19.64
N ARG B 254 33.94 40.84 -20.10
CA ARG B 254 35.32 41.27 -20.20
C ARG B 254 35.44 42.46 -21.14
N THR B 255 34.77 42.40 -22.28
CA THR B 255 34.79 43.50 -23.22
C THR B 255 34.16 44.75 -22.61
N LYS B 256 33.05 44.56 -21.89
CA LYS B 256 32.39 45.71 -21.28
C LYS B 256 33.30 46.38 -20.26
N LEU B 257 34.00 45.59 -19.45
CA LEU B 257 34.92 46.17 -18.47
C LEU B 257 36.08 46.87 -19.15
N GLN B 258 36.57 46.30 -20.27
CA GLN B 258 37.61 46.99 -21.01
C GLN B 258 37.12 48.34 -21.49
N ALA B 259 35.88 48.39 -22.00
CA ALA B 259 35.31 49.66 -22.44
C ALA B 259 35.17 50.63 -21.27
N VAL B 260 34.78 50.13 -20.11
CA VAL B 260 34.64 50.99 -18.94
C VAL B 260 35.99 51.60 -18.56
N GLY B 261 37.03 50.77 -18.52
CA GLY B 261 38.35 51.29 -18.21
C GLY B 261 38.82 52.32 -19.22
N GLU B 262 38.54 52.06 -20.50
CA GLU B 262 38.87 53.03 -21.54
C GLU B 262 38.18 54.36 -21.30
N LYS B 263 36.86 54.31 -21.10
CA LYS B 263 36.10 55.53 -20.94
C LYS B 263 36.58 56.33 -19.73
N ALA B 264 36.82 55.64 -18.62
CA ALA B 264 37.31 56.33 -17.44
C ALA B 264 38.66 56.97 -17.72
N GLY B 265 39.54 56.25 -18.40
CA GLY B 265 40.83 56.80 -18.78
C GLY B 265 42.01 56.05 -18.17
N PHE B 266 41.82 54.78 -17.83
CA PHE B 266 42.94 53.98 -17.36
C PHE B 266 42.96 52.60 -18.00
N PRO B 267 42.69 52.48 -19.29
CA PRO B 267 42.73 51.15 -19.91
C PRO B 267 44.11 50.55 -19.96
N GLY B 268 45.16 51.38 -19.97
CA GLY B 268 46.49 50.87 -20.19
C GLY B 268 46.93 49.85 -19.15
N VAL B 269 46.55 50.07 -17.90
CA VAL B 269 46.96 49.13 -16.85
C VAL B 269 46.41 47.74 -17.13
N LEU B 270 45.22 47.67 -17.73
CA LEU B 270 44.56 46.41 -17.99
C LEU B 270 45.10 45.76 -19.26
N ASP B 271 44.80 44.47 -19.40
CA ASP B 271 45.01 43.73 -20.63
C ASP B 271 46.48 43.60 -21.01
N THR B 272 47.40 43.94 -20.10
CA THR B 272 48.82 43.87 -20.41
C THR B 272 49.17 42.48 -20.90
N ALA B 273 49.89 42.42 -22.02
CA ALA B 273 50.26 41.13 -22.59
C ALA B 273 51.07 40.30 -21.60
N LYS B 274 52.02 40.94 -20.93
CA LYS B 274 52.81 40.24 -19.92
C LYS B 274 52.01 40.11 -18.64
N PRO B 275 51.76 38.91 -18.14
CA PRO B 275 51.05 38.77 -16.87
C PRO B 275 51.88 39.28 -15.71
N GLY B 276 51.19 39.75 -14.67
CA GLY B 276 51.86 40.19 -13.47
C GLY B 276 52.03 39.07 -12.47
N LYS B 277 51.67 39.34 -11.21
CA LYS B 277 51.72 38.35 -10.14
C LYS B 277 50.41 38.45 -9.35
N LEU B 278 49.53 37.47 -9.54
CA LEU B 278 48.21 37.54 -8.93
C LEU B 278 48.31 37.65 -7.41
N ARG B 279 47.52 38.56 -6.84
CA ARG B 279 47.57 38.87 -5.42
C ARG B 279 46.28 38.45 -4.74
N THR B 280 46.43 37.82 -3.57
CA THR B 280 45.29 37.51 -2.74
C THR B 280 44.67 38.79 -2.19
N ILE B 281 43.35 38.85 -2.18
CA ILE B 281 42.63 40.02 -1.67
C ILE B 281 41.81 39.58 -0.47
N PRO B 282 42.35 39.63 0.74
CA PRO B 282 41.56 39.22 1.90
C PRO B 282 40.30 40.06 2.05
N ILE B 283 39.25 39.42 2.52
CA ILE B 283 37.95 40.10 2.59
C ILE B 283 38.07 41.30 3.53
N PRO B 284 37.41 42.43 3.24
CA PRO B 284 37.51 43.57 4.15
C PRO B 284 36.81 43.36 5.48
N VAL B 285 36.80 44.39 6.32
CA VAL B 285 36.19 44.36 7.64
C VAL B 285 34.92 45.19 7.62
N ALA B 286 33.83 44.61 8.12
CA ALA B 286 32.53 45.28 8.09
C ALA B 286 32.36 46.19 9.30
N ARG B 287 31.36 47.06 9.22
CA ARG B 287 31.07 47.98 10.32
C ARG B 287 30.69 47.21 11.58
N CYS B 288 31.06 47.77 12.73
CA CYS B 288 30.77 47.14 14.01
C CYS B 288 30.52 48.20 15.07
N TYR B 289 29.53 47.95 15.91
CA TYR B 289 29.21 48.82 17.03
C TYR B 289 29.04 47.97 18.27
N THR B 290 29.59 48.43 19.39
CA THR B 290 29.58 47.70 20.64
C THR B 290 28.75 48.44 21.68
N TYR B 291 27.93 47.70 22.43
CA TYR B 291 27.14 48.26 23.50
C TYR B 291 27.22 47.36 24.72
N SER B 292 27.34 47.98 25.89
CA SER B 292 27.24 47.22 27.12
C SER B 292 25.80 46.73 27.28
N TRP B 293 25.66 45.55 27.86
CA TRP B 293 24.35 44.93 28.03
C TRP B 293 24.20 44.34 29.42
N ASN B 294 24.55 45.14 30.43
CA ASN B 294 24.36 44.72 31.82
C ASN B 294 23.02 44.01 32.00
N GLN B 295 21.96 44.58 31.45
CA GLN B 295 20.64 43.98 31.55
C GLN B 295 20.57 42.73 30.69
N ASP B 296 19.78 41.76 31.14
CA ASP B 296 19.43 40.62 30.32
C ASP B 296 18.22 40.88 29.43
N SER B 297 17.63 42.06 29.53
CA SER B 297 16.50 42.44 28.67
C SER B 297 17.05 43.02 27.38
N PHE B 298 16.63 42.44 26.26
CA PHE B 298 17.14 42.86 24.96
C PHE B 298 16.63 44.23 24.53
N ASP B 299 15.63 44.77 25.21
CA ASP B 299 15.03 46.02 24.81
C ASP B 299 16.06 47.10 24.48
N ILE B 300 17.25 47.01 25.06
CA ILE B 300 18.36 47.91 24.76
C ILE B 300 18.45 48.18 23.26
N LEU B 301 18.33 47.13 22.45
CA LEU B 301 18.43 47.26 21.01
C LEU B 301 17.33 48.16 20.47
N GLN B 302 16.08 47.93 20.87
CA GLN B 302 15.00 48.78 20.42
C GLN B 302 15.35 50.24 20.58
N GLU B 303 16.17 50.58 21.58
CA GLU B 303 16.49 51.98 21.80
C GLU B 303 17.37 52.49 20.67
N ILE B 304 18.35 51.68 20.29
CA ILE B 304 19.23 52.06 19.20
C ILE B 304 18.42 52.26 17.94
N LEU B 305 17.28 51.58 17.81
CA LEU B 305 16.42 51.81 16.65
C LEU B 305 16.12 53.29 16.49
N LEU B 306 15.73 53.95 17.58
CA LEU B 306 15.53 55.38 17.50
C LEU B 306 16.86 56.10 17.26
N LYS B 307 17.94 55.57 17.81
CA LYS B 307 19.26 56.14 17.65
C LYS B 307 19.70 56.09 16.19
N ASP B 509 14.41 48.21 4.45
CA ASP B 509 13.64 46.99 4.22
C ASP B 509 14.21 45.84 5.04
N PRO B 510 13.35 44.93 5.52
CA PRO B 510 13.85 43.77 6.27
C PRO B 510 14.98 43.05 5.54
N LYS B 511 14.78 42.75 4.26
CA LYS B 511 15.75 41.98 3.51
C LYS B 511 16.89 42.83 2.95
N ALA B 512 16.72 44.15 2.91
CA ALA B 512 17.81 45.00 2.45
C ALA B 512 19.03 44.92 3.35
N SER B 513 18.85 44.44 4.58
CA SER B 513 19.97 44.30 5.49
C SER B 513 19.50 43.51 6.70
N THR B 514 20.44 43.12 7.53
CA THR B 514 20.16 42.36 8.74
C THR B 514 20.95 42.94 9.90
N LEU B 515 20.43 42.77 11.09
CA LEU B 515 21.13 43.17 12.31
C LEU B 515 21.73 41.90 12.90
N ARG B 516 22.99 41.63 12.56
CA ARG B 516 23.68 40.45 13.06
C ARG B 516 24.07 40.70 14.51
N VAL B 517 23.06 40.62 15.38
CA VAL B 517 23.32 40.74 16.80
C VAL B 517 24.26 39.63 17.23
N VAL B 518 25.27 39.97 18.00
CA VAL B 518 26.28 39.01 18.44
C VAL B 518 26.25 39.02 19.95
N VAL B 519 25.50 38.10 20.53
CA VAL B 519 25.38 37.97 21.98
C VAL B 519 26.49 37.06 22.49
N PHE B 520 27.25 37.56 23.45
CA PHE B 520 28.25 36.73 24.10
C PHE B 520 27.58 35.74 25.03
N GLY B 521 28.05 34.49 25.02
CA GLY B 521 27.28 33.40 25.55
C GLY B 521 27.77 32.76 26.83
N SER B 522 27.02 32.91 27.92
CA SER B 522 27.27 32.22 29.18
C SER B 522 26.01 31.45 29.58
N ASP B 523 26.16 30.15 29.83
CA ASP B 523 25.02 29.27 30.07
C ASP B 523 24.00 29.87 31.04
N ARG B 524 24.41 29.98 32.30
CA ARG B 524 23.60 30.53 33.38
C ARG B 524 22.72 31.62 32.82
N ILE B 525 23.36 32.61 32.20
CA ILE B 525 22.62 33.73 31.65
C ILE B 525 22.16 33.39 30.23
N SER B 526 22.82 32.43 29.57
CA SER B 526 22.41 32.02 28.23
C SER B 526 20.90 31.89 28.18
N GLY B 527 20.37 31.00 29.02
CA GLY B 527 18.93 30.79 29.03
C GLY B 527 18.13 31.98 29.54
N LYS B 528 18.63 32.65 30.58
CA LYS B 528 17.88 33.79 31.10
C LYS B 528 17.76 34.90 30.08
N VAL B 529 18.68 34.96 29.13
CA VAL B 529 18.65 35.94 28.06
C VAL B 529 17.84 35.44 26.88
N ALA B 530 17.92 34.13 26.63
CA ALA B 530 17.02 33.51 25.68
C ALA B 530 15.59 33.88 26.02
N ARG B 531 15.31 34.01 27.32
CA ARG B 531 13.99 34.43 27.74
C ARG B 531 13.67 35.79 27.13
N ALA B 532 14.61 36.72 27.22
CA ALA B 532 14.42 38.05 26.66
C ALA B 532 14.22 37.96 25.15
N TYR B 533 15.12 37.23 24.49
CA TYR B 533 15.03 37.04 23.05
C TYR B 533 13.63 36.62 22.66
N SER B 534 13.16 35.48 23.20
CA SER B 534 11.83 35.00 22.89
C SER B 534 10.77 36.06 23.21
N ASN B 535 10.96 36.78 24.31
CA ASN B 535 10.02 37.80 24.72
C ASN B 535 9.82 38.81 23.59
N LEU B 536 10.89 39.50 23.23
CA LEU B 536 10.80 40.48 22.17
C LEU B 536 10.37 39.82 20.88
N ARG B 537 10.69 38.53 20.71
CA ARG B 537 10.20 37.79 19.56
C ARG B 537 8.70 37.89 19.49
N ARG B 538 8.03 37.59 20.61
CA ARG B 538 6.58 37.69 20.66
C ARG B 538 6.14 39.13 20.44
N LEU B 539 6.80 40.06 21.12
CA LEU B 539 6.41 41.46 21.04
C LEU B 539 6.36 41.92 19.60
N GLU B 540 7.38 41.59 18.81
CA GLU B 540 7.44 42.03 17.43
C GLU B 540 6.56 41.17 16.54
N ASN B 541 6.44 39.87 16.84
CA ASN B 541 5.52 39.04 16.08
C ASN B 541 4.10 39.60 16.17
N ASN B 542 3.79 40.30 17.25
CA ASN B 542 2.50 40.93 17.43
C ASN B 542 2.50 42.39 17.02
N ARG B 543 3.65 43.06 17.10
CA ARG B 543 3.82 44.43 16.63
C ARG B 543 5.07 44.49 15.77
N PRO B 544 5.04 43.90 14.58
CA PRO B 544 6.25 43.89 13.75
C PRO B 544 6.68 45.27 13.33
N LEU B 545 7.77 45.74 13.89
CA LEU B 545 8.42 46.98 13.49
C LEU B 545 9.90 46.80 13.27
N LEU B 546 10.58 46.00 14.10
CA LEU B 546 11.99 45.75 13.92
C LEU B 546 12.27 45.09 12.57
N THR B 547 11.39 44.17 12.16
CA THR B 547 11.56 43.52 10.86
C THR B 547 11.50 44.54 9.74
N ARG B 548 10.62 45.54 9.85
CA ARG B 548 10.52 46.56 8.82
C ARG B 548 11.87 47.21 8.56
N PHE B 549 12.76 47.20 9.56
CA PHE B 549 14.08 47.78 9.44
C PHE B 549 15.12 46.75 9.01
N PHE B 550 15.14 45.60 9.67
CA PHE B 550 16.13 44.57 9.39
C PHE B 550 15.53 43.19 9.59
N LYS B 551 15.83 42.29 8.66
CA LYS B 551 15.49 40.88 8.80
C LYS B 551 16.49 40.27 9.78
N LEU B 552 16.21 40.47 11.07
CA LEU B 552 17.19 40.24 12.12
C LEU B 552 17.75 38.82 12.06
N GLN B 553 18.94 38.67 12.65
CA GLN B 553 19.56 37.37 12.83
C GLN B 553 20.42 37.42 14.09
N PHE B 554 20.34 36.37 14.90
CA PHE B 554 21.03 36.32 16.16
C PHE B 554 22.12 35.27 16.15
N PHE B 555 23.20 35.54 16.88
CA PHE B 555 24.36 34.65 16.90
C PHE B 555 24.91 34.54 18.32
N TYR B 556 24.69 33.38 18.93
CA TYR B 556 25.21 33.12 20.27
C TYR B 556 26.71 32.91 20.20
N VAL B 557 27.40 33.31 21.27
CA VAL B 557 28.86 33.27 21.27
C VAL B 557 29.41 32.76 22.59
N PRO B 558 29.57 31.45 22.79
CA PRO B 558 30.03 30.94 24.10
C PRO B 558 31.14 31.80 24.68
N VAL B 559 30.90 32.43 25.82
CA VAL B 559 31.88 33.33 26.41
C VAL B 559 32.42 32.70 27.68
N ASP B 604 23.19 25.83 28.47
CA ASP B 604 23.68 24.82 27.54
C ASP B 604 23.12 25.04 26.15
N ILE B 605 22.87 26.30 25.80
CA ILE B 605 22.31 26.58 24.49
C ILE B 605 23.31 26.16 23.41
N SER B 606 24.60 26.20 23.73
CA SER B 606 25.62 25.73 22.80
C SER B 606 25.67 24.21 22.75
N HIS B 607 25.68 23.56 23.91
CA HIS B 607 25.77 22.10 23.97
C HIS B 607 24.76 21.42 23.05
N TYR B 608 23.51 21.88 23.08
CA TYR B 608 22.49 21.34 22.18
C TYR B 608 22.91 21.50 20.72
N LEU B 609 23.41 22.69 20.37
CA LEU B 609 23.83 22.94 19.00
C LEU B 609 24.96 21.99 18.61
N GLY B 610 25.94 21.83 19.50
CA GLY B 610 27.06 20.97 19.20
C GLY B 610 26.64 19.52 19.03
N MET B 611 25.76 19.04 19.90
CA MET B 611 25.35 17.64 19.77
C MET B 611 24.62 17.43 18.45
N LEU B 612 23.86 18.43 18.00
CA LEU B 612 23.16 18.28 16.74
C LEU B 612 24.10 18.49 15.56
N ASP B 613 24.83 19.61 15.55
CA ASP B 613 25.80 19.90 14.51
C ASP B 613 27.21 19.84 15.10
N PRO B 614 27.99 18.78 14.85
CA PRO B 614 29.32 18.71 15.46
C PRO B 614 30.25 19.84 15.01
N TRP B 615 30.11 20.33 13.78
CA TRP B 615 30.99 21.40 13.31
C TRP B 615 30.95 22.57 14.27
N TYR B 616 29.74 22.96 14.68
CA TYR B 616 29.56 24.03 15.64
C TYR B 616 30.25 23.68 16.95
N GLU B 617 30.09 22.43 17.41
CA GLU B 617 30.69 21.99 18.66
C GLU B 617 32.20 22.09 18.62
N ARG B 618 32.79 21.94 17.43
CA ARG B 618 34.24 21.92 17.31
C ARG B 618 34.83 23.29 17.00
N ASN B 619 34.03 24.21 16.48
CA ASN B 619 34.51 25.54 16.13
C ASN B 619 33.99 26.63 17.07
N VAL B 620 32.67 26.78 17.17
CA VAL B 620 32.13 27.85 18.01
C VAL B 620 32.31 27.51 19.49
N LEU B 621 31.93 26.29 19.88
CA LEU B 621 31.94 25.94 21.30
C LEU B 621 33.34 25.94 21.89
N GLY B 622 34.37 25.72 21.06
CA GLY B 622 35.72 25.68 21.58
C GLY B 622 36.10 26.96 22.32
N LEU B 623 35.50 28.08 21.96
CA LEU B 623 35.83 29.36 22.55
C LEU B 623 35.30 29.45 23.98
N LEU B 649 45.11 40.57 12.51
CA LEU B 649 44.05 40.36 13.48
C LEU B 649 44.28 39.06 14.25
N PRO B 650 43.83 39.00 15.50
CA PRO B 650 44.08 37.81 16.32
C PRO B 650 43.28 36.61 15.83
N ILE B 651 43.78 35.43 16.19
CA ILE B 651 43.15 34.19 15.75
C ILE B 651 41.69 34.17 16.17
N LEU B 652 41.41 34.62 17.39
CA LEU B 652 40.04 34.63 17.86
C LEU B 652 39.18 35.55 17.00
N ALA B 653 39.71 36.71 16.63
CA ALA B 653 38.95 37.63 15.79
C ALA B 653 38.65 37.01 14.43
N ASP B 654 39.65 36.36 13.81
CA ASP B 654 39.44 35.74 12.52
C ASP B 654 38.41 34.62 12.60
N MET B 655 38.49 33.81 13.66
CA MET B 655 37.51 32.75 13.84
C MET B 655 36.11 33.33 14.00
N LEU B 656 36.00 34.41 14.78
CA LEU B 656 34.69 35.03 14.99
C LEU B 656 34.13 35.55 13.67
N LEU B 657 34.95 36.24 12.89
CA LEU B 657 34.50 36.75 11.61
C LEU B 657 34.02 35.60 10.72
N TYR B 658 34.86 34.58 10.60
CA TYR B 658 34.54 33.43 9.76
C TYR B 658 33.19 32.86 10.15
N TYR B 659 33.05 32.51 11.43
CA TYR B 659 31.81 31.95 11.93
C TYR B 659 30.64 32.86 11.58
N CYS B 660 30.72 34.13 11.95
CA CYS B 660 29.62 35.05 11.73
C CYS B 660 29.25 35.13 10.26
N ARG B 661 30.20 34.92 9.37
CA ARG B 661 29.91 35.14 7.96
C ARG B 661 29.44 33.89 7.23
N PHE B 662 29.79 32.69 7.72
CA PHE B 662 29.41 31.47 7.02
C PHE B 662 28.35 30.62 7.70
N ALA B 663 28.20 30.68 9.02
CA ALA B 663 27.09 29.99 9.65
C ALA B 663 25.78 30.57 9.15
N ALA B 664 25.03 29.81 8.36
CA ALA B 664 23.83 30.32 7.69
C ALA B 664 22.71 29.29 7.71
N ARG B 665 22.45 28.69 8.88
CA ARG B 665 21.39 27.69 9.01
C ARG B 665 20.68 27.81 10.35
N PRO B 666 19.60 28.58 10.41
CA PRO B 666 18.86 28.76 11.67
C PRO B 666 18.39 27.44 12.28
N VAL B 667 18.60 27.31 13.59
CA VAL B 667 18.11 26.19 14.37
C VAL B 667 17.20 26.74 15.48
N LEU B 668 16.13 26.01 15.76
CA LEU B 668 15.19 26.38 16.81
C LEU B 668 15.40 25.51 18.05
N LEU B 669 14.96 26.03 19.18
CA LEU B 669 15.01 25.32 20.46
C LEU B 669 13.61 25.00 20.94
N GLN B 670 13.49 23.90 21.67
CA GLN B 670 12.23 23.55 22.30
C GLN B 670 11.94 24.50 23.45
N VAL B 671 10.66 24.77 23.68
CA VAL B 671 10.26 25.75 24.68
C VAL B 671 8.84 25.42 25.13
N TYR B 672 8.53 25.80 26.37
CA TYR B 672 7.31 25.38 27.04
C TYR B 672 6.47 26.62 27.39
N GLN B 673 5.37 26.81 26.68
CA GLN B 673 4.47 27.90 26.98
C GLN B 673 3.57 27.54 28.16
N THR B 674 3.11 28.56 28.86
CA THR B 674 2.22 28.37 29.99
C THR B 674 1.33 29.60 30.12
N GLU B 675 0.19 29.41 30.79
CA GLU B 675 -0.74 30.49 31.06
C GLU B 675 -1.13 30.44 32.53
N LEU B 676 -0.99 31.58 33.21
CA LEU B 676 -1.25 31.71 34.63
C LEU B 676 -2.46 32.60 34.86
N THR B 677 -3.47 32.08 35.57
CA THR B 677 -4.64 32.84 35.97
C THR B 677 -4.51 33.16 37.46
N PHE B 678 -4.66 34.45 37.79
CA PHE B 678 -4.42 34.96 39.13
C PHE B 678 -5.68 34.91 39.98
N ILE B 679 -5.59 35.49 41.19
CA ILE B 679 -6.71 35.54 42.11
C ILE B 679 -7.88 36.30 41.49
N THR B 680 -7.60 37.49 40.96
CA THR B 680 -8.63 38.42 40.52
C THR B 680 -9.07 38.19 39.07
N GLY B 681 -8.87 36.99 38.54
CA GLY B 681 -9.24 36.71 37.16
C GLY B 681 -8.22 37.17 36.15
N GLU B 682 -7.15 37.82 36.58
CA GLU B 682 -6.10 38.21 35.65
C GLU B 682 -5.47 36.99 35.02
N LYS B 683 -5.25 37.05 33.71
CA LYS B 683 -4.70 35.95 32.95
C LYS B 683 -3.49 36.45 32.18
N THR B 684 -2.39 35.70 32.26
CA THR B 684 -1.15 36.07 31.60
C THR B 684 -0.57 34.86 30.89
N THR B 685 0.19 35.13 29.82
CA THR B 685 0.86 34.10 29.05
C THR B 685 2.37 34.27 29.20
N GLU B 686 3.05 33.18 29.52
CA GLU B 686 4.49 33.20 29.72
C GLU B 686 5.09 32.03 28.96
N ILE B 687 6.39 32.10 28.75
CA ILE B 687 7.13 31.07 28.06
C ILE B 687 8.41 30.81 28.84
N PHE B 688 8.75 29.55 29.03
CA PHE B 688 9.94 29.20 29.81
C PHE B 688 10.57 27.96 29.22
N ILE B 689 11.86 27.76 29.52
CA ILE B 689 12.60 26.64 28.96
C ILE B 689 13.41 25.87 29.98
N HIS B 690 13.69 26.40 31.17
CA HIS B 690 14.58 25.74 32.11
C HIS B 690 13.84 24.88 33.13
N SER B 691 12.98 25.50 33.93
CA SER B 691 12.32 24.79 35.03
C SER B 691 11.35 25.74 35.70
N LEU B 692 10.57 25.19 36.63
CA LEU B 692 9.58 25.98 37.36
C LEU B 692 9.52 25.49 38.79
N GLU B 693 9.01 26.35 39.66
CA GLU B 693 8.94 26.05 41.10
C GLU B 693 7.67 26.68 41.65
N LEU B 694 6.78 25.86 42.21
CA LEU B 694 5.47 26.32 42.65
C LEU B 694 5.25 25.86 44.09
N GLY B 695 5.32 26.79 45.02
CA GLY B 695 5.18 26.49 46.43
C GLY B 695 6.07 27.44 47.22
N HIS B 696 6.52 26.95 48.37
CA HIS B 696 7.48 27.69 49.18
C HIS B 696 8.81 27.79 48.43
N LEU B 724 -0.50 22.27 50.29
CA LEU B 724 -1.81 22.73 49.82
C LEU B 724 -2.46 21.70 48.91
N THR B 725 -3.78 21.81 48.77
CA THR B 725 -4.57 20.85 48.01
C THR B 725 -4.46 21.20 46.53
N LEU B 726 -3.33 20.80 45.95
CA LEU B 726 -3.07 21.10 44.55
C LEU B 726 -3.85 20.14 43.66
N GLN B 727 -4.64 20.68 42.74
CA GLN B 727 -5.29 19.87 41.71
C GLN B 727 -4.32 19.75 40.54
N ILE B 728 -3.87 18.53 40.26
CA ILE B 728 -2.83 18.25 39.28
C ILE B 728 -3.40 17.32 38.22
N ILE B 729 -3.54 17.82 36.99
CA ILE B 729 -4.03 17.04 35.87
C ILE B 729 -2.98 17.09 34.77
N TYR B 730 -2.78 15.96 34.09
CA TYR B 730 -1.73 15.88 33.09
C TYR B 730 -2.12 14.86 32.04
N SER B 731 -1.69 15.11 30.82
CA SER B 731 -1.98 14.25 29.67
C SER B 731 -0.67 13.70 29.13
N LYS B 732 -0.24 12.55 29.66
CA LYS B 732 0.95 11.94 29.09
C LYS B 732 0.67 11.54 27.64
N GLY B 733 1.72 11.48 26.85
CA GLY B 733 1.58 11.26 25.43
C GLY B 733 2.54 10.21 24.93
N ALA B 734 2.16 9.60 23.82
CA ALA B 734 3.01 8.65 23.12
C ALA B 734 3.38 9.22 21.76
N ILE B 735 4.59 8.91 21.31
CA ILE B 735 4.99 9.28 19.95
C ILE B 735 3.93 8.83 18.96
N SER B 736 3.30 7.69 19.22
CA SER B 736 2.18 7.25 18.41
C SER B 736 1.01 8.22 18.50
N GLY B 737 0.85 8.90 19.64
CA GLY B 737 -0.20 9.88 19.78
C GLY B 737 -1.36 9.43 20.66
N ARG B 738 -1.05 8.82 21.80
CA ARG B 738 -2.06 8.36 22.75
C ARG B 738 -2.06 9.30 23.94
N SER B 739 -3.06 10.18 23.98
CA SER B 739 -3.21 11.16 25.06
C SER B 739 -3.77 10.45 26.29
N ARG B 740 -2.89 9.82 27.03
CA ARG B 740 -3.24 9.14 28.28
C ARG B 740 -3.44 10.18 29.37
N TRP B 741 -4.69 10.65 29.48
CA TRP B 741 -5.04 11.62 30.49
C TRP B 741 -4.88 11.03 31.88
N SER B 742 -4.79 11.91 32.87
CA SER B 742 -4.67 11.46 34.25
C SER B 742 -4.91 12.63 35.17
N ASN B 743 -5.49 12.33 36.33
CA ASN B 743 -5.76 13.32 37.36
C ASN B 743 -5.19 12.81 38.68
N MET B 744 -4.41 13.67 39.34
CA MET B 744 -3.84 13.36 40.65
C MET B 744 -4.06 14.58 41.53
N GLU B 745 -5.23 14.63 42.18
CA GLU B 745 -5.58 15.76 43.05
C GLU B 745 -5.06 15.47 44.46
N LYS B 746 -3.77 15.75 44.64
CA LYS B 746 -3.06 15.41 45.87
C LYS B 746 -2.56 16.66 46.56
N LEU B 747 -2.47 16.61 47.88
CA LEU B 747 -1.97 17.72 48.69
C LEU B 747 -0.45 17.72 48.64
N CYS B 748 0.12 18.75 48.03
CA CYS B 748 1.57 18.87 47.90
C CYS B 748 1.99 20.28 48.31
N THR B 749 3.30 20.46 48.44
CA THR B 749 3.87 21.72 48.87
C THR B 749 4.75 22.36 47.80
N SER B 750 5.78 21.66 47.32
CA SER B 750 6.74 22.20 46.36
C SER B 750 6.64 21.40 45.07
N VAL B 751 6.17 22.06 44.01
CA VAL B 751 5.96 21.44 42.70
C VAL B 751 7.08 21.95 41.81
N ASN B 752 8.14 21.16 41.69
CA ASN B 752 9.32 21.54 40.93
C ASN B 752 9.29 20.81 39.59
N LEU B 753 9.33 21.58 38.51
CA LEU B 753 9.37 21.00 37.16
C LEU B 753 10.82 20.86 36.73
N SER B 754 11.21 19.63 36.40
CA SER B 754 12.57 19.33 35.96
C SER B 754 12.54 18.99 34.49
N LYS B 755 13.49 19.54 33.74
CA LYS B 755 13.55 19.38 32.28
C LYS B 755 14.37 18.14 31.95
N ALA B 756 13.72 16.99 32.02
CA ALA B 756 14.37 15.73 31.71
C ALA B 756 14.81 15.72 30.24
N CYS B 757 15.96 15.10 29.99
CA CYS B 757 16.52 15.04 28.65
C CYS B 757 17.64 14.01 28.57
N SER B 766 10.80 15.16 17.84
CA SER B 766 10.82 14.40 19.08
C SER B 766 11.11 15.30 20.27
N THR B 767 10.04 15.75 20.93
CA THR B 767 10.17 16.59 22.11
C THR B 767 10.52 15.72 23.31
N GLU B 768 10.41 16.27 24.52
CA GLU B 768 10.76 15.57 25.73
C GLU B 768 9.65 15.84 26.76
N ALA B 769 9.87 15.40 27.99
CA ALA B 769 8.87 15.52 29.05
C ALA B 769 9.53 16.04 30.31
N LEU B 770 9.13 17.24 30.74
CA LEU B 770 9.58 17.73 32.03
C LEU B 770 9.17 16.76 33.11
N THR B 771 10.10 16.42 33.99
CA THR B 771 9.80 15.50 35.09
C THR B 771 9.27 16.37 36.24
N LEU B 772 7.95 16.42 36.35
CA LEU B 772 7.32 17.13 37.45
C LEU B 772 7.71 16.52 38.78
N ASN B 773 7.99 17.39 39.75
CA ASN B 773 8.38 16.96 41.08
C ASN B 773 7.37 17.50 42.09
N LEU B 774 7.24 16.77 43.20
CA LEU B 774 6.28 17.11 44.24
C LEU B 774 6.89 16.80 45.60
N THR B 775 6.68 17.70 46.55
CA THR B 775 7.07 17.49 47.94
C THR B 775 5.80 17.23 48.74
N GLU B 776 5.65 16.00 49.23
CA GLU B 776 4.45 15.59 49.94
C GLU B 776 4.25 16.41 51.21
N SER B 793 8.88 10.15 51.32
CA SER B 793 7.68 9.77 50.59
C SER B 793 7.60 10.50 49.26
N THR B 794 8.70 11.12 48.85
CA THR B 794 8.73 11.91 47.63
C THR B 794 8.76 10.99 46.41
N SER B 795 8.37 11.55 45.27
CA SER B 795 8.46 10.86 43.99
C SER B 795 8.36 11.89 42.88
N GLN B 796 8.88 11.53 41.71
CA GLN B 796 8.90 12.44 40.57
C GLN B 796 8.66 11.67 39.29
N ILE B 797 7.84 12.23 38.41
CA ILE B 797 7.41 11.58 37.18
C ILE B 797 7.33 12.61 36.06
N LYS B 798 7.38 12.11 34.82
CA LYS B 798 7.35 12.94 33.62
C LYS B 798 5.92 13.32 33.27
N VAL B 799 5.79 14.38 32.46
CA VAL B 799 4.50 14.88 32.00
C VAL B 799 4.67 15.50 30.63
N ASP B 800 3.56 15.70 29.94
CA ASP B 800 3.56 16.24 28.58
C ASP B 800 2.73 17.50 28.42
N LYS B 801 1.54 17.56 29.03
CA LYS B 801 0.74 18.78 29.05
C LYS B 801 -0.03 18.78 30.35
N VAL B 802 0.13 19.84 31.15
CA VAL B 802 -0.32 19.81 32.54
C VAL B 802 -1.19 21.02 32.85
N GLN B 803 -2.02 20.86 33.87
CA GLN B 803 -2.86 21.90 34.40
C GLN B 803 -2.89 21.76 35.91
N ILE B 804 -2.70 22.88 36.61
CA ILE B 804 -2.71 22.91 38.06
C ILE B 804 -3.74 23.95 38.48
N ILE B 805 -4.64 23.54 39.36
CA ILE B 805 -5.67 24.42 39.88
C ILE B 805 -5.51 24.48 41.40
N GLY B 806 -5.51 25.70 41.92
CA GLY B 806 -5.30 25.92 43.34
C GLY B 806 -6.52 25.59 44.16
N SER B 807 -6.36 25.77 45.47
CA SER B 807 -7.40 25.41 46.43
C SER B 807 -8.31 26.62 46.61
N ASN B 808 -9.37 26.69 45.81
CA ASN B 808 -10.38 27.72 45.93
C ASN B 808 -9.74 29.10 45.86
N SER B 809 -9.15 29.40 44.70
CA SER B 809 -8.51 30.68 44.47
C SER B 809 -7.33 30.91 45.40
N CYS B 810 -6.63 29.84 45.76
CA CYS B 810 -5.49 29.97 46.65
C CYS B 810 -4.31 30.57 45.91
N PRO B 811 -3.70 31.64 46.42
CA PRO B 811 -2.52 32.23 45.75
C PRO B 811 -1.28 31.39 46.03
N PHE B 812 -0.64 30.91 44.96
CA PHE B 812 0.59 30.13 45.09
C PHE B 812 1.69 30.78 44.27
N ALA B 813 2.87 30.91 44.88
CA ALA B 813 4.00 31.50 44.19
C ALA B 813 4.51 30.56 43.11
N VAL B 814 4.90 31.14 41.98
CA VAL B 814 5.43 30.39 40.85
C VAL B 814 6.74 31.04 40.42
N CYS B 815 7.78 30.22 40.23
CA CYS B 815 9.05 30.71 39.73
C CYS B 815 9.10 30.57 38.21
N LEU B 816 10.14 31.14 37.61
CA LEU B 816 10.35 31.09 36.17
C LEU B 816 11.81 30.72 35.92
N ASP B 817 12.03 29.46 35.51
CA ASP B 817 13.36 29.01 35.13
C ASP B 817 14.37 29.26 36.25
N GLN B 818 13.95 29.01 37.49
CA GLN B 818 14.76 29.15 38.70
C GLN B 818 15.03 30.60 39.07
N ASP B 819 14.59 31.56 38.27
CA ASP B 819 14.86 32.96 38.56
C ASP B 819 14.14 33.36 39.84
N GLU B 820 14.92 33.65 40.90
CA GLU B 820 14.33 34.14 42.13
C GLU B 820 13.98 35.62 42.05
N ARG B 821 14.37 36.30 40.97
CA ARG B 821 13.99 37.69 40.78
C ARG B 821 12.51 37.78 40.40
N LYS B 822 12.13 37.11 39.32
CA LYS B 822 10.74 37.11 38.84
C LYS B 822 10.03 35.92 39.44
N ILE B 823 9.34 36.13 40.56
CA ILE B 823 8.57 35.11 41.25
C ILE B 823 7.12 35.58 41.24
N LEU B 824 6.38 35.18 40.22
CA LEU B 824 4.97 35.54 40.15
C LEU B 824 4.18 34.83 41.25
N GLN B 825 3.15 35.51 41.73
CA GLN B 825 2.35 34.99 42.83
C GLN B 825 0.89 35.37 42.57
N SER B 826 0.05 35.14 43.58
CA SER B 826 -1.40 35.38 43.45
C SER B 826 -1.96 34.60 42.27
N VAL B 827 -1.41 33.42 42.04
CA VAL B 827 -1.81 32.57 40.93
C VAL B 827 -2.76 31.51 41.46
N ILE B 828 -3.81 31.23 40.69
CA ILE B 828 -4.78 30.21 41.06
C ILE B 828 -4.75 29.06 40.08
N ARG B 829 -4.42 29.35 38.82
CA ARG B 829 -4.44 28.31 37.79
C ARG B 829 -3.20 28.43 36.93
N CYS B 830 -2.69 27.30 36.48
CA CYS B 830 -1.46 27.28 35.68
C CYS B 830 -1.56 26.16 34.66
N GLU B 831 -1.61 26.53 33.39
CA GLU B 831 -1.57 25.59 32.28
C GLU B 831 -0.17 25.60 31.69
N VAL B 832 0.34 24.41 31.36
CA VAL B 832 1.66 24.27 30.75
C VAL B 832 1.57 23.30 29.59
N SER B 833 2.25 23.64 28.50
CA SER B 833 2.29 22.78 27.33
C SER B 833 3.33 23.30 26.32
N PRO B 834 3.94 22.43 25.53
CA PRO B 834 4.97 22.89 24.60
C PRO B 834 4.35 23.63 23.42
N CYS B 835 4.97 24.74 23.05
CA CYS B 835 4.51 25.58 21.95
C CYS B 835 5.50 25.55 20.80
N TYR B 836 5.00 25.78 19.59
CA TYR B 836 5.84 25.81 18.40
C TYR B 836 5.34 26.84 17.40
N CYS B 866 11.84 37.41 11.06
CA CYS B 866 12.99 36.51 11.02
C CYS B 866 14.04 36.95 12.03
N LEU B 867 14.23 36.15 13.08
CA LEU B 867 15.22 36.44 14.10
C LEU B 867 15.56 35.14 14.83
N PRO B 868 16.13 34.18 14.14
CA PRO B 868 16.36 32.87 14.75
C PRO B 868 17.73 32.72 15.39
N ILE B 869 17.98 31.54 15.96
CA ILE B 869 19.27 31.21 16.54
C ILE B 869 20.16 30.69 15.43
N MET B 870 20.93 31.58 14.81
CA MET B 870 21.74 31.21 13.66
C MET B 870 22.77 30.17 14.04
N THR B 871 22.81 29.07 13.28
CA THR B 871 23.78 28.00 13.50
C THR B 871 24.26 27.48 12.16
N PHE B 872 25.49 26.96 12.14
CA PHE B 872 25.95 26.23 10.97
C PHE B 872 25.00 25.11 10.59
N SER B 873 24.46 24.41 11.59
CA SER B 873 23.60 23.26 11.36
C SER B 873 24.35 22.18 10.60
PB ADP C . -22.39 -32.25 15.26
O1B ADP C . -23.50 -33.04 15.91
O2B ADP C . -22.62 -30.76 15.29
O3B ADP C . -21.00 -32.67 15.65
PA ADP C . -23.24 -31.76 12.61
O1A ADP C . -22.62 -32.08 11.28
O2A ADP C . -23.31 -30.33 13.07
O3A ADP C . -22.52 -32.68 13.72
O5' ADP C . -24.74 -32.35 12.59
C5' ADP C . -24.96 -33.72 12.30
C4' ADP C . -26.46 -33.98 12.24
O4' ADP C . -27.02 -33.12 11.25
C3' ADP C . -26.77 -35.40 11.84
O3' ADP C . -27.84 -35.91 12.62
C2' ADP C . -27.17 -35.31 10.38
O2' ADP C . -28.27 -36.17 10.08
C1' ADP C . -27.60 -33.87 10.18
N9 ADP C . -27.12 -33.37 8.88
C8 ADP C . -25.94 -32.77 8.66
N7 ADP C . -25.82 -32.42 7.36
C5 ADP C . -26.92 -32.83 6.72
C6 ADP C . -27.43 -32.78 5.34
N6 ADP C . -26.69 -32.22 4.36
N1 ADP C . -28.64 -33.30 5.09
C2 ADP C . -29.37 -33.86 6.06
N3 ADP C . -28.98 -33.94 7.34
C4 ADP C . -27.78 -33.45 7.72
H5'1 ADP C . -24.49 -33.98 11.35
H5'2 ADP C . -24.51 -34.35 13.08
H4' ADP C . -26.90 -33.77 13.23
H3' ADP C . -25.87 -36.02 11.93
HO3' ADP C . -28.03 -36.82 12.36
H2' ADP C . -26.31 -35.53 9.75
HO2' ADP C . -28.44 -36.16 9.13
H1' ADP C . -28.69 -33.82 10.23
H8 ADP C . -25.20 -32.57 9.42
HN61 ADP C . -27.04 -32.19 3.42
HN62 ADP C . -25.78 -31.82 4.57
H2 ADP C . -30.34 -34.28 5.79
#